data_1ZUU
# 
_entry.id   1ZUU 
# 
_audit_conform.dict_name       mmcif_pdbx.dic 
_audit_conform.dict_version    5.380 
_audit_conform.dict_location   http://mmcif.pdb.org/dictionaries/ascii/mmcif_pdbx.dic 
# 
loop_
_database_2.database_id 
_database_2.database_code 
_database_2.pdbx_database_accession 
_database_2.pdbx_DOI 
PDB   1ZUU         pdb_00001zuu 10.2210/pdb1zuu/pdb 
RCSB  RCSB033145   ?            ?                   
WWPDB D_1000033145 ?            ?                   
# 
_pdbx_database_status.status_code                     REL 
_pdbx_database_status.entry_id                        1ZUU 
_pdbx_database_status.recvd_initial_deposition_date   2005-06-01 
_pdbx_database_status.deposit_site                    RCSB 
_pdbx_database_status.process_site                    PDBJ 
_pdbx_database_status.status_code_sf                  REL 
_pdbx_database_status.status_code_mr                  ? 
_pdbx_database_status.SG_entry                        ? 
_pdbx_database_status.pdb_format_compatible           Y 
_pdbx_database_status.status_code_cs                  ? 
_pdbx_database_status.methods_development_category    ? 
_pdbx_database_status.status_code_nmr_data            ? 
# 
loop_
_audit_author.name 
_audit_author.pdbx_ordinal 
'Kursula, P.'  1 
'Kursula, I.'  2 
'Lehmann, F.'  3 
'Zou, P.'      4 
'Song, Y.H.'   5 
'Wilmanns, M.' 6 
# 
_citation.id                        primary 
_citation.title                     'Structural genomics of yeast SH3 domains' 
_citation.journal_abbrev            'To be Published' 
_citation.journal_volume            ? 
_citation.page_first                ? 
_citation.page_last                 ? 
_citation.year                      ? 
_citation.journal_id_ASTM           ? 
_citation.country                   ? 
_citation.journal_id_ISSN           ? 
_citation.journal_id_CSD            0353 
_citation.book_publisher            ? 
_citation.pdbx_database_id_PubMed   ? 
_citation.pdbx_database_id_DOI      ? 
# 
loop_
_citation_author.citation_id 
_citation_author.name 
_citation_author.ordinal 
_citation_author.identifier_ORCID 
primary 'Kursula, P.'  1 ? 
primary 'Kursula, I.'  2 ? 
primary 'Lehmann, F.'  3 ? 
primary 'Zou, P.'      4 ? 
primary 'Song, Y.H.'   5 ? 
primary 'Wilmanns, M.' 6 ? 
# 
_cell.entry_id           1ZUU 
_cell.length_a           36.740 
_cell.length_b           36.740 
_cell.length_c           76.550 
_cell.angle_alpha        90.00 
_cell.angle_beta         90.00 
_cell.angle_gamma        90.00 
_cell.Z_PDB              8 
_cell.pdbx_unique_axis   ? 
_cell.length_a_esd       ? 
_cell.length_b_esd       ? 
_cell.length_c_esd       ? 
_cell.angle_alpha_esd    ? 
_cell.angle_beta_esd     ? 
_cell.angle_gamma_esd    ? 
# 
_symmetry.entry_id                         1ZUU 
_symmetry.space_group_name_H-M             'P 43 21 2' 
_symmetry.pdbx_full_space_group_name_H-M   ? 
_symmetry.cell_setting                     ? 
_symmetry.Int_Tables_number                96 
_symmetry.space_group_name_Hall            ? 
# 
loop_
_entity.id 
_entity.type 
_entity.src_method 
_entity.pdbx_description 
_entity.formula_weight 
_entity.pdbx_number_of_molecules 
_entity.pdbx_ec 
_entity.pdbx_mutation 
_entity.pdbx_fragment 
_entity.details 
1 polymer     man 'BZZ1 protein'        6382.083 1   ? ? 'first SH3 domain' ? 
2 non-polymer syn 'MAGNESIUM ION'       24.305   1   ? ? ?                  ? 
3 non-polymer syn 'UNKNOWN ATOM OR ION' ?        1   ? ? ?                  ? 
4 water       nat water                 18.015   133 ? ? ?                  ? 
# 
_entity_poly.entity_id                      1 
_entity_poly.type                           'polypeptide(L)' 
_entity_poly.nstd_linkage                   no 
_entity_poly.nstd_monomer                   no 
_entity_poly.pdbx_seq_one_letter_code       GMENKVLYAYVQKDDDEITITPGDKISLVARDTGSGWTKINNDTTGETGLVPTTYIRI 
_entity_poly.pdbx_seq_one_letter_code_can   GMENKVLYAYVQKDDDEITITPGDKISLVARDTGSGWTKINNDTTGETGLVPTTYIRI 
_entity_poly.pdbx_strand_id                 A 
_entity_poly.pdbx_target_identifier         ? 
# 
loop_
_entity_poly_seq.entity_id 
_entity_poly_seq.num 
_entity_poly_seq.mon_id 
_entity_poly_seq.hetero 
1 1  GLY n 
1 2  MET n 
1 3  GLU n 
1 4  ASN n 
1 5  LYS n 
1 6  VAL n 
1 7  LEU n 
1 8  TYR n 
1 9  ALA n 
1 10 TYR n 
1 11 VAL n 
1 12 GLN n 
1 13 LYS n 
1 14 ASP n 
1 15 ASP n 
1 16 ASP n 
1 17 GLU n 
1 18 ILE n 
1 19 THR n 
1 20 ILE n 
1 21 THR n 
1 22 PRO n 
1 23 GLY n 
1 24 ASP n 
1 25 LYS n 
1 26 ILE n 
1 27 SER n 
1 28 LEU n 
1 29 VAL n 
1 30 ALA n 
1 31 ARG n 
1 32 ASP n 
1 33 THR n 
1 34 GLY n 
1 35 SER n 
1 36 GLY n 
1 37 TRP n 
1 38 THR n 
1 39 LYS n 
1 40 ILE n 
1 41 ASN n 
1 42 ASN n 
1 43 ASP n 
1 44 THR n 
1 45 THR n 
1 46 GLY n 
1 47 GLU n 
1 48 THR n 
1 49 GLY n 
1 50 LEU n 
1 51 VAL n 
1 52 PRO n 
1 53 THR n 
1 54 THR n 
1 55 TYR n 
1 56 ILE n 
1 57 ARG n 
1 58 ILE n 
# 
_entity_src_gen.entity_id                          1 
_entity_src_gen.pdbx_src_id                        1 
_entity_src_gen.pdbx_alt_source_flag               sample 
_entity_src_gen.pdbx_seq_type                      ? 
_entity_src_gen.pdbx_beg_seq_num                   ? 
_entity_src_gen.pdbx_end_seq_num                   ? 
_entity_src_gen.gene_src_common_name               
;baker's yeast
;
_entity_src_gen.gene_src_genus                     Saccharomyces 
_entity_src_gen.pdbx_gene_src_gene                 ? 
_entity_src_gen.gene_src_species                   ? 
_entity_src_gen.gene_src_strain                    ? 
_entity_src_gen.gene_src_tissue                    ? 
_entity_src_gen.gene_src_tissue_fraction           ? 
_entity_src_gen.gene_src_details                   ? 
_entity_src_gen.pdbx_gene_src_fragment             ? 
_entity_src_gen.pdbx_gene_src_scientific_name      'Saccharomyces cerevisiae' 
_entity_src_gen.pdbx_gene_src_ncbi_taxonomy_id     4932 
_entity_src_gen.pdbx_gene_src_variant              ? 
_entity_src_gen.pdbx_gene_src_cell_line            ? 
_entity_src_gen.pdbx_gene_src_atcc                 ? 
_entity_src_gen.pdbx_gene_src_organ                ? 
_entity_src_gen.pdbx_gene_src_organelle            ? 
_entity_src_gen.pdbx_gene_src_cell                 ? 
_entity_src_gen.pdbx_gene_src_cellular_location    ? 
_entity_src_gen.host_org_common_name               ? 
_entity_src_gen.pdbx_host_org_scientific_name      'Escherichia coli' 
_entity_src_gen.pdbx_host_org_ncbi_taxonomy_id     562 
_entity_src_gen.host_org_genus                     Escherichia 
_entity_src_gen.pdbx_host_org_gene                 ? 
_entity_src_gen.pdbx_host_org_organ                ? 
_entity_src_gen.host_org_species                   ? 
_entity_src_gen.pdbx_host_org_tissue               ? 
_entity_src_gen.pdbx_host_org_tissue_fraction      ? 
_entity_src_gen.pdbx_host_org_strain               ? 
_entity_src_gen.pdbx_host_org_variant              ? 
_entity_src_gen.pdbx_host_org_cell_line            ? 
_entity_src_gen.pdbx_host_org_atcc                 ? 
_entity_src_gen.pdbx_host_org_culture_collection   ? 
_entity_src_gen.pdbx_host_org_cell                 ? 
_entity_src_gen.pdbx_host_org_organelle            ? 
_entity_src_gen.pdbx_host_org_cellular_location    ? 
_entity_src_gen.pdbx_host_org_vector_type          plasmid 
_entity_src_gen.pdbx_host_org_vector               ? 
_entity_src_gen.host_org_details                   ? 
_entity_src_gen.expression_system_id               ? 
_entity_src_gen.plasmid_name                       pDEST-17 
_entity_src_gen.plasmid_details                    ? 
_entity_src_gen.pdbx_description                   ? 
# 
_struct_ref.id                         1 
_struct_ref.db_name                    UNP 
_struct_ref.db_code                    BZZ1_YEAST 
_struct_ref.pdbx_db_accession          P38822 
_struct_ref.entity_id                  1 
_struct_ref.pdbx_seq_one_letter_code   NKVLYAYVQKDDDEITITPGDKISLVARDTGSGWTKINNDTTGETGLVPTTYIRI 
_struct_ref.pdbx_align_begin           498 
_struct_ref.pdbx_db_isoform            ? 
# 
_struct_ref_seq.align_id                      1 
_struct_ref_seq.ref_id                        1 
_struct_ref_seq.pdbx_PDB_id_code              1ZUU 
_struct_ref_seq.pdbx_strand_id                A 
_struct_ref_seq.seq_align_beg                 4 
_struct_ref_seq.pdbx_seq_align_beg_ins_code   ? 
_struct_ref_seq.seq_align_end                 58 
_struct_ref_seq.pdbx_seq_align_end_ins_code   ? 
_struct_ref_seq.pdbx_db_accession             P38822 
_struct_ref_seq.db_align_beg                  498 
_struct_ref_seq.pdbx_db_align_beg_ins_code    ? 
_struct_ref_seq.db_align_end                  552 
_struct_ref_seq.pdbx_db_align_end_ins_code    ? 
_struct_ref_seq.pdbx_auth_seq_align_beg       3 
_struct_ref_seq.pdbx_auth_seq_align_end       57 
# 
loop_
_struct_ref_seq_dif.align_id 
_struct_ref_seq_dif.pdbx_pdb_id_code 
_struct_ref_seq_dif.mon_id 
_struct_ref_seq_dif.pdbx_pdb_strand_id 
_struct_ref_seq_dif.seq_num 
_struct_ref_seq_dif.pdbx_pdb_ins_code 
_struct_ref_seq_dif.pdbx_seq_db_name 
_struct_ref_seq_dif.pdbx_seq_db_accession_code 
_struct_ref_seq_dif.db_mon_id 
_struct_ref_seq_dif.pdbx_seq_db_seq_num 
_struct_ref_seq_dif.details 
_struct_ref_seq_dif.pdbx_auth_seq_num 
_struct_ref_seq_dif.pdbx_ordinal 
1 1ZUU GLY A 1 ? UNP P38822 ? ? 'cloning artifact' 0 1 
1 1ZUU MET A 2 ? UNP P38822 ? ? 'cloning artifact' 1 2 
1 1ZUU GLU A 3 ? UNP P38822 ? ? 'cloning artifact' 2 3 
# 
loop_
_chem_comp.id 
_chem_comp.type 
_chem_comp.mon_nstd_flag 
_chem_comp.name 
_chem_comp.pdbx_synonyms 
_chem_comp.formula 
_chem_comp.formula_weight 
ALA 'L-peptide linking' y ALANINE               ? 'C3 H7 N O2'     89.093  
ARG 'L-peptide linking' y ARGININE              ? 'C6 H15 N4 O2 1' 175.209 
ASN 'L-peptide linking' y ASPARAGINE            ? 'C4 H8 N2 O3'    132.118 
ASP 'L-peptide linking' y 'ASPARTIC ACID'       ? 'C4 H7 N O4'     133.103 
GLN 'L-peptide linking' y GLUTAMINE             ? 'C5 H10 N2 O3'   146.144 
GLU 'L-peptide linking' y 'GLUTAMIC ACID'       ? 'C5 H9 N O4'     147.129 
GLY 'peptide linking'   y GLYCINE               ? 'C2 H5 N O2'     75.067  
HOH non-polymer         . WATER                 ? 'H2 O'           18.015  
ILE 'L-peptide linking' y ISOLEUCINE            ? 'C6 H13 N O2'    131.173 
LEU 'L-peptide linking' y LEUCINE               ? 'C6 H13 N O2'    131.173 
LYS 'L-peptide linking' y LYSINE                ? 'C6 H15 N2 O2 1' 147.195 
MET 'L-peptide linking' y METHIONINE            ? 'C5 H11 N O2 S'  149.211 
MG  non-polymer         . 'MAGNESIUM ION'       ? 'Mg 2'           24.305  
PRO 'L-peptide linking' y PROLINE               ? 'C5 H9 N O2'     115.130 
SER 'L-peptide linking' y SERINE                ? 'C3 H7 N O3'     105.093 
THR 'L-peptide linking' y THREONINE             ? 'C4 H9 N O3'     119.119 
TRP 'L-peptide linking' y TRYPTOPHAN            ? 'C11 H12 N2 O2'  204.225 
TYR 'L-peptide linking' y TYROSINE              ? 'C9 H11 N O3'    181.189 
UNX non-polymer         . 'UNKNOWN ATOM OR ION' ? ?                ?       
VAL 'L-peptide linking' y VALINE                ? 'C5 H11 N O2'    117.146 
# 
_exptl.entry_id          1ZUU 
_exptl.method            'X-RAY DIFFRACTION' 
_exptl.crystals_number   1 
# 
_exptl_crystal.id                    1 
_exptl_crystal.density_meas          ? 
_exptl_crystal.density_Matthews      2.0 
_exptl_crystal.density_percent_sol   37.5 
_exptl_crystal.description           ? 
_exptl_crystal.F_000                 ? 
_exptl_crystal.preparation           ? 
# 
_exptl_crystal_grow.crystal_id      1 
_exptl_crystal_grow.method          'VAPOR DIFFUSION, HANGING DROP' 
_exptl_crystal_grow.temp            295 
_exptl_crystal_grow.temp_details    ? 
_exptl_crystal_grow.pH              ? 
_exptl_crystal_grow.pdbx_details    'VAPOR DIFFUSION, HANGING DROP, temperature 295K' 
_exptl_crystal_grow.pdbx_pH_range   . 
# 
_diffrn.id                     1 
_diffrn.ambient_temp           100 
_diffrn.ambient_temp_details   ? 
_diffrn.crystal_id             1 
# 
_diffrn_detector.diffrn_id              1 
_diffrn_detector.detector               CCD 
_diffrn_detector.type                   MARRESEARCH 
_diffrn_detector.pdbx_collection_date   2005-02-18 
_diffrn_detector.details                ? 
# 
_diffrn_radiation.diffrn_id                        1 
_diffrn_radiation.wavelength_id                    1 
_diffrn_radiation.pdbx_monochromatic_or_laue_m_l   M 
_diffrn_radiation.monochromator                    ? 
_diffrn_radiation.pdbx_diffrn_protocol             'SINGLE WAVELENGTH' 
_diffrn_radiation.pdbx_scattering_type             x-ray 
# 
_diffrn_radiation_wavelength.id           1 
_diffrn_radiation_wavelength.wavelength   0.976 
_diffrn_radiation_wavelength.wt           1.0 
# 
_diffrn_source.diffrn_id                   1 
_diffrn_source.source                      SYNCHROTRON 
_diffrn_source.type                        'EMBL/DESY, HAMBURG BEAMLINE BW7A' 
_diffrn_source.pdbx_synchrotron_site       'EMBL/DESY, HAMBURG' 
_diffrn_source.pdbx_synchrotron_beamline   BW7A 
_diffrn_source.pdbx_wavelength             ? 
_diffrn_source.pdbx_wavelength_list        0.976 
# 
_reflns.entry_id                     1ZUU 
_reflns.observed_criterion_sigma_F   -3 
_reflns.observed_criterion_sigma_I   -3 
_reflns.d_resolution_high            0.97 
_reflns.d_resolution_low             20 
_reflns.number_all                   31881 
_reflns.number_obs                   31881 
_reflns.percent_possible_obs         100 
_reflns.pdbx_Rmerge_I_obs            ? 
_reflns.pdbx_Rsym_value              0.086 
_reflns.pdbx_netI_over_sigmaI        17.4 
_reflns.B_iso_Wilson_estimate        8.7 
_reflns.pdbx_redundancy              10.2 
_reflns.R_free_details               ? 
_reflns.limit_h_max                  ? 
_reflns.limit_h_min                  ? 
_reflns.limit_k_max                  ? 
_reflns.limit_k_min                  ? 
_reflns.limit_l_max                  ? 
_reflns.limit_l_min                  ? 
_reflns.observed_criterion_F_max     ? 
_reflns.observed_criterion_F_min     ? 
_reflns.pdbx_chi_squared             ? 
_reflns.pdbx_scaling_rejects         ? 
_reflns.pdbx_diffrn_id               1 
_reflns.pdbx_ordinal                 1 
# 
_reflns_shell.d_res_high             0.97 
_reflns_shell.d_res_low              1 
_reflns_shell.percent_possible_all   100 
_reflns_shell.Rmerge_I_obs           ? 
_reflns_shell.pdbx_Rsym_value        0.575 
_reflns_shell.meanI_over_sigI_obs    3.7 
_reflns_shell.pdbx_redundancy        7.3 
_reflns_shell.percent_possible_obs   ? 
_reflns_shell.number_unique_all      2730 
_reflns_shell.number_measured_all    ? 
_reflns_shell.number_measured_obs    ? 
_reflns_shell.number_unique_obs      ? 
_reflns_shell.pdbx_chi_squared       ? 
_reflns_shell.pdbx_diffrn_id         ? 
_reflns_shell.pdbx_ordinal           1 
# 
_refine.entry_id                                 1ZUU 
_refine.ls_number_reflns_obs                     31881 
_refine.ls_number_reflns_all                     31881 
_refine.pdbx_ls_sigma_I                          ? 
_refine.pdbx_ls_sigma_F                          -3 
_refine.pdbx_data_cutoff_high_absF               ? 
_refine.pdbx_data_cutoff_low_absF                ? 
_refine.pdbx_data_cutoff_high_rms_absF           ? 
_refine.ls_d_res_low                             20.00 
_refine.ls_d_res_high                            .97 
_refine.ls_percent_reflns_obs                    100.00 
_refine.ls_R_factor_obs                          0.12407 
_refine.ls_R_factor_all                          0.12407 
_refine.ls_R_factor_R_work                       0.12309 
_refine.ls_R_factor_R_free                       0.1422 
_refine.ls_R_factor_R_free_error                 ? 
_refine.ls_R_factor_R_free_error_details         ? 
_refine.ls_percent_reflns_R_free                 5.1 
_refine.ls_number_reflns_R_free                  1619 
_refine.ls_number_parameters                     ? 
_refine.ls_number_restraints                     ? 
_refine.occupancy_min                            ? 
_refine.occupancy_max                            ? 
_refine.correlation_coeff_Fo_to_Fc               .978 
_refine.correlation_coeff_Fo_to_Fc_free          .976 
_refine.B_iso_mean                               6.294 
_refine.aniso_B[1][1]                            .22 
_refine.aniso_B[2][2]                            .22 
_refine.aniso_B[3][3]                            -.43 
_refine.aniso_B[1][2]                            .00 
_refine.aniso_B[1][3]                            .00 
_refine.aniso_B[2][3]                            .00 
_refine.solvent_model_details                    'BABINET MODEL WITH MASK' 
_refine.solvent_model_param_ksol                 ? 
_refine.solvent_model_param_bsol                 ? 
_refine.pdbx_solvent_vdw_probe_radii             1.20 
_refine.pdbx_solvent_ion_probe_radii             .80 
_refine.pdbx_solvent_shrinkage_radii             .80 
_refine.pdbx_ls_cross_valid_method               THROUGHOUT 
_refine.details                                  'HYDROGENS HAVE BEEN ADDED IN THE RIDING POSITIONS' 
_refine.pdbx_starting_model                      1E6H 
_refine.pdbx_method_to_determine_struct          'MOLECULAR REPLACEMENT' 
_refine.pdbx_isotropic_thermal_model             'anisotropic refinement' 
_refine.pdbx_stereochemistry_target_values       'Engh & Huber' 
_refine.pdbx_stereochem_target_val_spec_case     ? 
_refine.pdbx_R_Free_selection_details            RANDOM 
_refine.pdbx_overall_ESU_R                       .020 
_refine.pdbx_overall_ESU_R_Free                  .021 
_refine.overall_SU_ML                            .014 
_refine.overall_SU_B                             .550 
_refine.ls_redundancy_reflns_obs                 ? 
_refine.B_iso_min                                ? 
_refine.B_iso_max                                ? 
_refine.overall_SU_R_Cruickshank_DPI             ? 
_refine.overall_SU_R_free                        ? 
_refine.ls_wR_factor_R_free                      ? 
_refine.ls_wR_factor_R_work                      ? 
_refine.overall_FOM_free_R_set                   ? 
_refine.overall_FOM_work_R_set                   ? 
_refine.pdbx_refine_id                           'X-RAY DIFFRACTION' 
_refine.pdbx_diffrn_id                           1 
_refine.pdbx_TLS_residual_ADP_flag               ? 
_refine.pdbx_overall_phase_error                 ? 
_refine.pdbx_overall_SU_R_free_Cruickshank_DPI   ? 
_refine.pdbx_overall_SU_R_Blow_DPI               ? 
_refine.pdbx_overall_SU_R_free_Blow_DPI          ? 
# 
_refine_hist.pdbx_refine_id                   'X-RAY DIFFRACTION' 
_refine_hist.cycle_id                         LAST 
_refine_hist.pdbx_number_atoms_protein        535 
_refine_hist.pdbx_number_atoms_nucleic_acid   0 
_refine_hist.pdbx_number_atoms_ligand         2 
_refine_hist.number_atoms_solvent             144 
_refine_hist.number_atoms_total               681 
_refine_hist.d_res_high                       .97 
_refine_hist.d_res_low                        20.00 
# 
loop_
_refine_ls_restr.type 
_refine_ls_restr.dev_ideal 
_refine_ls_restr.dev_ideal_target 
_refine_ls_restr.weight 
_refine_ls_restr.number 
_refine_ls_restr.pdbx_refine_id 
_refine_ls_restr.pdbx_restraint_function 
r_bond_refined_d         .019   .022   ? 546  'X-RAY DIFFRACTION' ? 
r_bond_other_d           .001   .020   ? 491  'X-RAY DIFFRACTION' ? 
r_angle_refined_deg      1.904  1.976  ? 749  'X-RAY DIFFRACTION' ? 
r_angle_other_deg        .860   3.000  ? 1151 'X-RAY DIFFRACTION' ? 
r_dihedral_angle_1_deg   7.018  5.000  ? 72   'X-RAY DIFFRACTION' ? 
r_dihedral_angle_2_deg   28.456 25.200 ? 25   'X-RAY DIFFRACTION' ? 
r_dihedral_angle_3_deg   12.812 15.000 ? 99   'X-RAY DIFFRACTION' ? 
r_dihedral_angle_4_deg   11.190 15.000 ? 4    'X-RAY DIFFRACTION' ? 
r_chiral_restr           .117   .200   ? 86   'X-RAY DIFFRACTION' ? 
r_gen_planes_refined     .011   .020   ? 636  'X-RAY DIFFRACTION' ? 
r_gen_planes_other       .002   .020   ? 103  'X-RAY DIFFRACTION' ? 
r_nbd_refined            .211   .200   ? 87   'X-RAY DIFFRACTION' ? 
r_nbd_other              .186   .200   ? 461  'X-RAY DIFFRACTION' ? 
r_nbtor_refined          .165   .200   ? 240  'X-RAY DIFFRACTION' ? 
r_nbtor_other            .092   .200   ? 291  'X-RAY DIFFRACTION' ? 
r_xyhbond_nbd_refined    .250   .200   ? 89   'X-RAY DIFFRACTION' ? 
r_symmetry_vdw_refined   .171   .200   ? 10   'X-RAY DIFFRACTION' ? 
r_symmetry_vdw_other     .263   .200   ? 34   'X-RAY DIFFRACTION' ? 
r_symmetry_hbond_refined .262   .200   ? 46   'X-RAY DIFFRACTION' ? 
r_mcbond_it              2.087  2.000  ? 369  'X-RAY DIFFRACTION' ? 
r_mcbond_other           .951   2.000  ? 142  'X-RAY DIFFRACTION' ? 
r_mcangle_it             2.473  3.000  ? 565  'X-RAY DIFFRACTION' ? 
r_scbond_it              3.435  4.000  ? 221  'X-RAY DIFFRACTION' ? 
r_scangle_it             4.185  5.000  ? 184  'X-RAY DIFFRACTION' ? 
r_rigid_bond_restr       1.685  3.000  ? 1139 'X-RAY DIFFRACTION' ? 
r_sphericity_free        10.099 3.000  ? 146  'X-RAY DIFFRACTION' ? 
r_sphericity_bonded      3.307  3.000  ? 1026 'X-RAY DIFFRACTION' ? 
# 
_refine_ls_shell.pdbx_total_number_of_bins_used   20 
_refine_ls_shell.d_res_high                       .970 
_refine_ls_shell.d_res_low                        .995 
_refine_ls_shell.number_reflns_R_work             2193 
_refine_ls_shell.R_factor_R_work                  0.201 
_refine_ls_shell.percent_reflns_obs               100.00 
_refine_ls_shell.R_factor_R_free                  0.217 
_refine_ls_shell.R_factor_R_free_error            ? 
_refine_ls_shell.percent_reflns_R_free            ? 
_refine_ls_shell.number_reflns_R_free             113 
_refine_ls_shell.number_reflns_obs                ? 
_refine_ls_shell.redundancy_reflns_obs            ? 
_refine_ls_shell.number_reflns_all                ? 
_refine_ls_shell.R_factor_all                     ? 
_refine_ls_shell.pdbx_refine_id                   'X-RAY DIFFRACTION' 
# 
_struct.entry_id                  1ZUU 
_struct.title                     'Crystal structure of the yeast Bzz1 first SH3 domain at 0.97-A resolution' 
_struct.pdbx_model_details        ? 
_struct.pdbx_CASP_flag            ? 
_struct.pdbx_model_type_details   ? 
# 
_struct_keywords.entry_id        1ZUU 
_struct_keywords.pdbx_keywords   'UNKNOWN FUNCTION' 
_struct_keywords.text            'SH3 domain, UNKNOWN FUNCTION' 
# 
loop_
_struct_asym.id 
_struct_asym.pdbx_blank_PDB_chainid_flag 
_struct_asym.pdbx_modified 
_struct_asym.entity_id 
_struct_asym.details 
A N N 1 ? 
B N N 2 ? 
C N N 3 ? 
D N N 4 ? 
# 
_struct_biol.id                    1 
_struct_biol.pdbx_parent_biol_id   ? 
_struct_biol.details               ? 
# 
loop_
_struct_conn.id 
_struct_conn.conn_type_id 
_struct_conn.pdbx_leaving_atom_flag 
_struct_conn.pdbx_PDB_id 
_struct_conn.ptnr1_label_asym_id 
_struct_conn.ptnr1_label_comp_id 
_struct_conn.ptnr1_label_seq_id 
_struct_conn.ptnr1_label_atom_id 
_struct_conn.pdbx_ptnr1_label_alt_id 
_struct_conn.pdbx_ptnr1_PDB_ins_code 
_struct_conn.pdbx_ptnr1_standard_comp_id 
_struct_conn.ptnr1_symmetry 
_struct_conn.ptnr2_label_asym_id 
_struct_conn.ptnr2_label_comp_id 
_struct_conn.ptnr2_label_seq_id 
_struct_conn.ptnr2_label_atom_id 
_struct_conn.pdbx_ptnr2_label_alt_id 
_struct_conn.pdbx_ptnr2_PDB_ins_code 
_struct_conn.ptnr1_auth_asym_id 
_struct_conn.ptnr1_auth_comp_id 
_struct_conn.ptnr1_auth_seq_id 
_struct_conn.ptnr2_auth_asym_id 
_struct_conn.ptnr2_auth_comp_id 
_struct_conn.ptnr2_auth_seq_id 
_struct_conn.ptnr2_symmetry 
_struct_conn.pdbx_ptnr3_label_atom_id 
_struct_conn.pdbx_ptnr3_label_seq_id 
_struct_conn.pdbx_ptnr3_label_comp_id 
_struct_conn.pdbx_ptnr3_label_asym_id 
_struct_conn.pdbx_ptnr3_label_alt_id 
_struct_conn.pdbx_ptnr3_PDB_ins_code 
_struct_conn.details 
_struct_conn.pdbx_dist_value 
_struct_conn.pdbx_value_order 
_struct_conn.pdbx_role 
metalc1 metalc ? ? A ASP 15 OD1 A ? ? 1_555 B MG  . MG ? ? A ASP 14   A MG  1031 1_555 ? ? ? ? ? ? ? 2.107 ? ? 
metalc2 metalc ? ? A ASP 15 OD1 B ? ? 1_555 B MG  . MG ? ? A ASP 14   A MG  1031 1_555 ? ? ? ? ? ? ? 2.082 ? ? 
metalc3 metalc ? ? B MG  .  MG  ? ? ? 1_555 D HOH . O  ? ? A MG  1031 A HOH 1057 1_555 ? ? ? ? ? ? ? 2.059 ? ? 
metalc4 metalc ? ? B MG  .  MG  ? ? ? 1_555 D HOH . O  ? ? A MG  1031 A HOH 1066 1_555 ? ? ? ? ? ? ? 2.067 ? ? 
metalc5 metalc ? ? B MG  .  MG  ? ? ? 1_555 D HOH . O  ? ? A MG  1031 A HOH 1067 1_555 ? ? ? ? ? ? ? 2.058 ? ? 
metalc6 metalc ? ? B MG  .  MG  ? ? ? 1_555 D HOH . O  ? ? A MG  1031 A HOH 1068 1_555 ? ? ? ? ? ? ? 2.054 ? ? 
metalc7 metalc ? ? B MG  .  MG  ? ? ? 1_555 D HOH . O  ? ? A MG  1031 A HOH 1119 1_555 ? ? ? ? ? ? ? 2.067 ? ? 
# 
_struct_conn_type.id          metalc 
_struct_conn_type.criteria    ? 
_struct_conn_type.reference   ? 
# 
loop_
_struct_sheet.id 
_struct_sheet.type 
_struct_sheet.number_strands 
_struct_sheet.details 
A ? 2 ? 
B ? 3 ? 
# 
loop_
_struct_sheet_order.sheet_id 
_struct_sheet_order.range_id_1 
_struct_sheet_order.range_id_2 
_struct_sheet_order.offset 
_struct_sheet_order.sense 
A 1 2 ? anti-parallel 
B 1 2 ? anti-parallel 
B 2 3 ? anti-parallel 
# 
loop_
_struct_sheet_range.sheet_id 
_struct_sheet_range.id 
_struct_sheet_range.beg_label_comp_id 
_struct_sheet_range.beg_label_asym_id 
_struct_sheet_range.beg_label_seq_id 
_struct_sheet_range.pdbx_beg_PDB_ins_code 
_struct_sheet_range.end_label_comp_id 
_struct_sheet_range.end_label_asym_id 
_struct_sheet_range.end_label_seq_id 
_struct_sheet_range.pdbx_end_PDB_ins_code 
_struct_sheet_range.beg_auth_comp_id 
_struct_sheet_range.beg_auth_asym_id 
_struct_sheet_range.beg_auth_seq_id 
_struct_sheet_range.end_auth_comp_id 
_struct_sheet_range.end_auth_asym_id 
_struct_sheet_range.end_auth_seq_id 
A 1 LYS A 5  ? VAL A 6  ? LYS A 4  VAL A 5  
A 2 ILE A 56 ? ARG A 57 ? ILE A 55 ARG A 56 
B 1 ILE A 26 ? ALA A 30 ? ILE A 25 ALA A 29 
B 2 TRP A 37 ? ASN A 42 ? TRP A 36 ASN A 41 
B 3 GLU A 47 ? PRO A 52 ? GLU A 46 PRO A 51 
# 
loop_
_pdbx_struct_sheet_hbond.sheet_id 
_pdbx_struct_sheet_hbond.range_id_1 
_pdbx_struct_sheet_hbond.range_id_2 
_pdbx_struct_sheet_hbond.range_1_label_atom_id 
_pdbx_struct_sheet_hbond.range_1_label_comp_id 
_pdbx_struct_sheet_hbond.range_1_label_asym_id 
_pdbx_struct_sheet_hbond.range_1_label_seq_id 
_pdbx_struct_sheet_hbond.range_1_PDB_ins_code 
_pdbx_struct_sheet_hbond.range_1_auth_atom_id 
_pdbx_struct_sheet_hbond.range_1_auth_comp_id 
_pdbx_struct_sheet_hbond.range_1_auth_asym_id 
_pdbx_struct_sheet_hbond.range_1_auth_seq_id 
_pdbx_struct_sheet_hbond.range_2_label_atom_id 
_pdbx_struct_sheet_hbond.range_2_label_comp_id 
_pdbx_struct_sheet_hbond.range_2_label_asym_id 
_pdbx_struct_sheet_hbond.range_2_label_seq_id 
_pdbx_struct_sheet_hbond.range_2_PDB_ins_code 
_pdbx_struct_sheet_hbond.range_2_auth_atom_id 
_pdbx_struct_sheet_hbond.range_2_auth_comp_id 
_pdbx_struct_sheet_hbond.range_2_auth_asym_id 
_pdbx_struct_sheet_hbond.range_2_auth_seq_id 
A 1 2 N LYS A 5  ? N LYS A 4  O ARG A 57 ? O ARG A 56 
B 1 2 N SER A 27 ? N SER A 26 O ASN A 41 ? O ASN A 40 
B 2 3 N ASN A 42 ? N ASN A 41 O GLU A 47 ? O GLU A 46 
# 
loop_
_struct_site.id 
_struct_site.pdbx_evidence_code 
_struct_site.pdbx_auth_asym_id 
_struct_site.pdbx_auth_comp_id 
_struct_site.pdbx_auth_seq_id 
_struct_site.pdbx_auth_ins_code 
_struct_site.pdbx_num_residues 
_struct_site.details 
AC1 Software A MG  1031 ? 6 'BINDING SITE FOR RESIDUE MG A 1031'  
AC2 Software A UNX 1001 ? 5 'BINDING SITE FOR RESIDUE UNX A 1001' 
# 
loop_
_struct_site_gen.id 
_struct_site_gen.site_id 
_struct_site_gen.pdbx_num_res 
_struct_site_gen.label_comp_id 
_struct_site_gen.label_asym_id 
_struct_site_gen.label_seq_id 
_struct_site_gen.pdbx_auth_ins_code 
_struct_site_gen.auth_comp_id 
_struct_site_gen.auth_asym_id 
_struct_site_gen.auth_seq_id 
_struct_site_gen.label_atom_id 
_struct_site_gen.label_alt_id 
_struct_site_gen.symmetry 
_struct_site_gen.details 
1  AC1 6 ASP A 15 ? ASP A 14   . ? 1_555 ? 
2  AC1 6 HOH D .  ? HOH A 1057 . ? 1_555 ? 
3  AC1 6 HOH D .  ? HOH A 1066 . ? 1_555 ? 
4  AC1 6 HOH D .  ? HOH A 1067 . ? 1_555 ? 
5  AC1 6 HOH D .  ? HOH A 1068 . ? 1_555 ? 
6  AC1 6 HOH D .  ? HOH A 1119 . ? 1_555 ? 
7  AC2 5 THR A 33 ? THR A 32   . ? 7_555 ? 
8  AC2 5 ILE A 56 ? ILE A 55   . ? 1_555 ? 
9  AC2 5 ARG A 57 ? ARG A 56   . ? 1_555 ? 
10 AC2 5 HOH D .  ? HOH A 1087 . ? 1_555 ? 
11 AC2 5 HOH D .  ? HOH A 1100 . ? 7_555 ? 
# 
_atom_sites.entry_id                    1ZUU 
_atom_sites.fract_transf_matrix[1][1]   -0.00030104 
_atom_sites.fract_transf_matrix[1][2]   0.00966752 
_atom_sites.fract_transf_matrix[1][3]   -0.02544146 
_atom_sites.fract_transf_matrix[2][1]   -0.00344572 
_atom_sites.fract_transf_matrix[2][2]   -0.02525182 
_atom_sites.fract_transf_matrix[2][3]   -0.00955469 
_atom_sites.fract_transf_matrix[3][1]   -0.01295709 
_atom_sites.fract_transf_matrix[3][2]   0.00149508 
_atom_sites.fract_transf_matrix[3][3]   0.00072143 
_atom_sites.fract_transf_vector[1]      0.233413 
_atom_sites.fract_transf_vector[2]      0.473776 
_atom_sites.fract_transf_vector[3]      0.148758 
# 
loop_
_atom_type.symbol 
C  
MG 
N  
O  
X  
# 
loop_
_atom_site.group_PDB 
_atom_site.id 
_atom_site.type_symbol 
_atom_site.label_atom_id 
_atom_site.label_alt_id 
_atom_site.label_comp_id 
_atom_site.label_asym_id 
_atom_site.label_entity_id 
_atom_site.label_seq_id 
_atom_site.pdbx_PDB_ins_code 
_atom_site.Cartn_x 
_atom_site.Cartn_y 
_atom_site.Cartn_z 
_atom_site.occupancy 
_atom_site.B_iso_or_equiv 
_atom_site.pdbx_formal_charge 
_atom_site.auth_seq_id 
_atom_site.auth_comp_id 
_atom_site.auth_asym_id 
_atom_site.auth_atom_id 
_atom_site.pdbx_PDB_model_num 
ATOM   1   N  N   . GLU A 1 3  ? -1.788  14.837  5.344   1.00 21.96 ? 2    GLU A N   1 
ATOM   2   C  CA  . GLU A 1 3  ? -2.212  13.421  5.590   1.00 19.58 ? 2    GLU A CA  1 
ATOM   3   C  C   . GLU A 1 3  ? -1.623  12.439  4.574   1.00 15.80 ? 2    GLU A C   1 
ATOM   4   O  O   . GLU A 1 3  ? -1.212  12.819  3.470   1.00 18.82 ? 2    GLU A O   1 
ATOM   5   C  CB  . GLU A 1 3  ? -3.754  13.300  5.631   1.00 23.89 ? 2    GLU A CB  1 
ATOM   6   N  N   . ASN A 1 4  ? -1.441  11.211  4.964   1.00 12.16 ? 3    ASN A N   1 
ATOM   7   C  CA  . ASN A 1 4  ? -1.059  10.167  4.039   1.00 8.72  ? 3    ASN A CA  1 
ATOM   8   C  C   . ASN A 1 4  ? -2.010  10.126  2.834   1.00 8.80  ? 3    ASN A C   1 
ATOM   9   O  O   . ASN A 1 4  ? -3.222  10.460  2.960   1.00 12.09 ? 3    ASN A O   1 
ATOM   10  C  CB  . ASN A 1 4  ? -1.262  8.868   4.742   1.00 8.29  ? 3    ASN A CB  1 
ATOM   11  C  CG  . ASN A 1 4  ? -0.309  8.660   5.860   1.00 7.11  ? 3    ASN A CG  1 
ATOM   12  O  OD1 . ASN A 1 4  ? 0.731   9.347   6.003   1.00 8.55  ? 3    ASN A OD1 1 
ATOM   13  N  ND2 . ASN A 1 4  ? -0.654  7.716   6.751   1.00 7.84  ? 3    ASN A ND2 1 
ATOM   14  N  N   . LYS A 1 5  ? -1.501  9.707   1.673   1.00 7.31  ? 4    LYS A N   1 
ATOM   15  C  CA  . LYS A 1 5  ? -2.288  9.694   0.420   1.00 7.85  ? 4    LYS A CA  1 
ATOM   16  C  C   . LYS A 1 5  ? -1.948  8.494   -0.401  1.00 6.27  ? 4    LYS A C   1 
ATOM   17  O  O   . LYS A 1 5  ? -0.761  8.115   -0.521  1.00 7.27  ? 4    LYS A O   1 
ATOM   18  C  CB  . LYS A 1 5  ? -1.923  10.973  -0.459  1.00 9.62  ? 4    LYS A CB  1 
ATOM   19  C  CG  . LYS A 1 5  ? -2.031  12.288  0.124   1.00 14.88 ? 4    LYS A CG  1 
ATOM   20  C  CD  . LYS A 1 5  ? -1.444  13.314  -0.791  1.00 17.65 ? 4    LYS A CD  1 
ATOM   21  C  CE  . LYS A 1 5  ? -1.290  14.667  -0.116  1.00 21.47 ? 4    LYS A CE  1 
ATOM   22  N  NZ  . LYS A 1 5  ? -0.732  15.617  -1.104  1.00 20.00 ? 4    LYS A NZ  1 
ATOM   23  N  N   . VAL A 1 6  ? -2.953  7.930   -1.064  1.00 5.01  ? 5    VAL A N   1 
ATOM   24  C  CA  . VAL A 1 6  ? -2.736  7.113   -2.250  1.00 4.23  ? 5    VAL A CA  1 
ATOM   25  C  C   . VAL A 1 6  ? -2.804  8.044   -3.445  1.00 4.55  ? 5    VAL A C   1 
ATOM   26  O  O   . VAL A 1 6  ? -3.852  8.693   -3.677  1.00 6.45  ? 5    VAL A O   1 
ATOM   27  C  CB  . VAL A 1 6  ? -3.770  6.026   -2.383  1.00 4.25  ? 5    VAL A CB  1 
ATOM   28  C  CG1 . VAL A 1 6  ? -3.583  5.282   -3.712  1.00 4.41  ? 5    VAL A CG1 1 
ATOM   29  C  CG2 . VAL A 1 6  ? -3.720  5.065   -1.182  1.00 4.80  ? 5    VAL A CG2 1 
ATOM   30  N  N   A LEU A 1 7  ? -1.705  8.104   -4.202  0.50 4.98  ? 6    LEU A N   1 
ATOM   31  N  N   B LEU A 1 7  ? -1.779  8.136   -4.260  0.50 4.15  ? 6    LEU A N   1 
ATOM   32  C  CA  A LEU A 1 7  ? -1.546  8.910   -5.429  0.50 5.77  ? 6    LEU A CA  1 
ATOM   33  C  CA  B LEU A 1 7  ? -1.857  8.969   -5.444  0.50 4.31  ? 6    LEU A CA  1 
ATOM   34  C  C   A LEU A 1 7  ? -2.020  8.160   -6.671  0.50 5.31  ? 6    LEU A C   1 
ATOM   35  C  C   B LEU A 1 7  ? -1.981  8.181   -6.743  0.50 4.69  ? 6    LEU A C   1 
ATOM   36  O  O   A LEU A 1 7  ? -2.694  8.734   -7.548  0.50 4.38  ? 6    LEU A O   1 
ATOM   37  O  O   B LEU A 1 7  ? -2.349  8.770   -7.760  0.50 4.25  ? 6    LEU A O   1 
ATOM   38  C  CB  A LEU A 1 7  ? -0.065  9.350   -5.629  0.50 5.54  ? 6    LEU A CB  1 
ATOM   39  C  CB  B LEU A 1 7  ? -0.638  9.901   -5.544  0.50 3.58  ? 6    LEU A CB  1 
ATOM   40  C  CG  A LEU A 1 7  ? 0.538   10.085  -4.459  0.50 8.50  ? 6    LEU A CG  1 
ATOM   41  C  CG  B LEU A 1 7  ? -0.537  11.040  -4.534  0.50 4.87  ? 6    LEU A CG  1 
ATOM   42  C  CD1 A LEU A 1 7  ? 2.069   10.256  -4.510  0.50 10.73 ? 6    LEU A CD1 1 
ATOM   43  C  CD1 B LEU A 1 7  ? 0.799   11.768  -4.728  0.50 4.33  ? 6    LEU A CD1 1 
ATOM   44  C  CD2 A LEU A 1 7  ? -0.162  11.384  -4.393  0.50 9.90  ? 6    LEU A CD2 1 
ATOM   45  C  CD2 B LEU A 1 7  ? -1.693  11.990  -4.625  0.50 5.36  ? 6    LEU A CD2 1 
ATOM   46  N  N   . TYR A 1 8  ? -1.680  6.868   -6.737  1.00 4.58  ? 7    TYR A N   1 
ATOM   47  C  CA  . TYR A 1 8  ? -1.874  6.036   -7.920  1.00 5.12  ? 7    TYR A CA  1 
ATOM   48  C  C   . TYR A 1 8  ? -2.505  4.721   -7.499  1.00 4.83  ? 7    TYR A C   1 
ATOM   49  O  O   . TYR A 1 8  ? -2.100  4.129   -6.485  1.00 5.07  ? 7    TYR A O   1 
ATOM   50  C  CB  . TYR A 1 8  ? -0.517  5.762   -8.614  1.00 6.24  ? 7    TYR A CB  1 
ATOM   51  C  CG  . TYR A 1 8  ? 0.138   7.036   -9.134  1.00 5.80  ? 7    TYR A CG  1 
ATOM   52  C  CD1 . TYR A 1 8  ? -0.134  7.461   -10.407 1.00 6.91  ? 7    TYR A CD1 1 
ATOM   53  C  CD2 . TYR A 1 8  ? 0.991   7.819   -8.315  1.00 6.56  ? 7    TYR A CD2 1 
ATOM   54  C  CE1 . TYR A 1 8  ? 0.437   8.659   -10.907 1.00 6.30  ? 7    TYR A CE1 1 
ATOM   55  C  CE2 . TYR A 1 8  ? 1.560   8.978   -8.801  1.00 6.94  ? 7    TYR A CE2 1 
ATOM   56  C  CZ  . TYR A 1 8  ? 1.289   9.384   -10.100 1.00 5.73  ? 7    TYR A CZ  1 
ATOM   57  O  OH  . TYR A 1 8  ? 1.901   10.552  -10.542 1.00 6.75  ? 7    TYR A OH  1 
ATOM   58  N  N   . ALA A 1 9  ? -3.457  4.240   -8.288  1.00 4.86  ? 8    ALA A N   1 
ATOM   59  C  CA  . ALA A 1 9  ? -4.124  2.969   -8.020  1.00 4.95  ? 8    ALA A CA  1 
ATOM   60  C  C   . ALA A 1 9  ? -3.195  1.792   -8.305  1.00 4.61  ? 8    ALA A C   1 
ATOM   61  O  O   . ALA A 1 9  ? -2.393  1.813   -9.248  1.00 6.74  ? 8    ALA A O   1 
ATOM   62  C  CB  . ALA A 1 9  ? -5.398  2.857   -8.867  1.00 6.20  ? 8    ALA A CB  1 
ATOM   63  N  N   . TYR A 1 10 ? -3.355  0.756   -7.486  1.00 4.26  ? 9    TYR A N   1 
ATOM   64  C  CA  . TYR A 1 10 ? -2.616  -0.511  -7.676  1.00 4.22  ? 9    TYR A CA  1 
ATOM   65  C  C   . TYR A 1 10 ? -3.535  -1.614  -7.224  1.00 4.13  ? 9    TYR A C   1 
ATOM   66  O  O   . TYR A 1 10 ? -4.080  -1.563  -6.120  1.00 4.92  ? 9    TYR A O   1 
ATOM   67  C  CB  . TYR A 1 10 ? -1.344  -0.548  -6.810  1.00 4.82  ? 9    TYR A CB  1 
ATOM   68  C  CG  . TYR A 1 10 ? -0.567  -1.808  -7.051  1.00 4.64  ? 9    TYR A CG  1 
ATOM   69  C  CD1 . TYR A 1 10 ? 0.189   -2.000  -8.212  1.00 5.58  ? 9    TYR A CD1 1 
ATOM   70  C  CD2 . TYR A 1 10 ? -0.612  -2.865  -6.130  1.00 4.95  ? 9    TYR A CD2 1 
ATOM   71  C  CE1 . TYR A 1 10 ? 0.851   -3.183  -8.461  1.00 5.45  ? 9    TYR A CE1 1 
ATOM   72  C  CE2 . TYR A 1 10 ? 0.032   -4.063  -6.408  1.00 4.98  ? 9    TYR A CE2 1 
ATOM   73  C  CZ  . TYR A 1 10 ? 0.743   -4.233  -7.574  1.00 4.79  ? 9    TYR A CZ  1 
ATOM   74  O  OH  . TYR A 1 10 ? 1.351   -5.424  -7.900  1.00 6.33  ? 9    TYR A OH  1 
ATOM   75  N  N   . VAL A 1 11 ? -3.705  -2.664  -8.064  1.00 4.33  ? 10   VAL A N   1 
ATOM   76  C  CA  . VAL A 1 11 ? -4.480  -3.833  -7.701  1.00 4.29  ? 10   VAL A CA  1 
ATOM   77  C  C   . VAL A 1 11 ? -3.517  -4.953  -7.262  1.00 4.19  ? 10   VAL A C   1 
ATOM   78  O  O   . VAL A 1 11 ? -2.587  -5.309  -7.992  1.00 4.89  ? 10   VAL A O   1 
ATOM   79  C  CB  . VAL A 1 11 ? -5.383  -4.336  -8.844  1.00 4.68  ? 10   VAL A CB  1 
ATOM   80  C  CG1 . VAL A 1 11 ? -6.256  -5.475  -8.378  1.00 5.05  ? 10   VAL A CG1 1 
ATOM   81  C  CG2 . VAL A 1 11 ? -6.257  -3.190  -9.362  1.00 5.32  ? 10   VAL A CG2 1 
ATOM   82  N  N   A GLN A 1 12 ? -3.849  -5.558  -6.125  0.50 4.33  ? 11   GLN A N   1 
ATOM   83  N  N   B GLN A 1 12 ? -3.788  -5.580  -6.141  0.50 4.52  ? 11   GLN A N   1 
ATOM   84  C  CA  A GLN A 1 12 ? -3.172  -6.764  -5.624  0.50 4.82  ? 11   GLN A CA  1 
ATOM   85  C  CA  B GLN A 1 12 ? -2.947  -6.671  -5.679  0.50 5.77  ? 11   GLN A CA  1 
ATOM   86  C  C   A GLN A 1 12 ? -2.830  -7.723  -6.786  0.50 5.53  ? 11   GLN A C   1 
ATOM   87  C  C   B GLN A 1 12 ? -2.863  -7.746  -6.741  0.50 4.90  ? 11   GLN A C   1 
ATOM   88  O  O   A GLN A 1 12 ? -3.684  -8.044  -7.623  0.50 6.38  ? 11   GLN A O   1 
ATOM   89  O  O   B GLN A 1 12 ? -3.863  -8.184  -7.335  0.50 3.87  ? 11   GLN A O   1 
ATOM   90  C  CB  A GLN A 1 12 ? -4.078  -7.441  -4.559  0.50 4.10  ? 11   GLN A CB  1 
ATOM   91  C  CB  B GLN A 1 12 ? -3.532  -7.265  -4.405  0.50 6.39  ? 11   GLN A CB  1 
ATOM   92  C  CG  A GLN A 1 12 ? -3.447  -8.754  -4.069  0.50 4.79  ? 11   GLN A CG  1 
ATOM   93  C  CG  B GLN A 1 12 ? -4.828  -7.959  -4.606  0.50 7.70  ? 11   GLN A CG  1 
ATOM   94  C  CD  A GLN A 1 12 ? -4.191  -9.490  -3.011  0.50 5.77  ? 11   GLN A CD  1 
ATOM   95  C  CD  B GLN A 1 12 ? -5.560  -8.410  -3.350  0.50 12.19 ? 11   GLN A CD  1 
ATOM   96  O  OE1 A GLN A 1 12 ? -3.592  -10.381 -2.341  0.50 11.87 ? 11   GLN A OE1 1 
ATOM   97  O  OE1 B GLN A 1 12 ? -4.953  -8.831  -2.373  0.50 15.33 ? 11   GLN A OE1 1 
ATOM   98  N  NE2 A GLN A 1 12 ? -5.443  -9.220  -2.852  0.50 11.88 ? 11   GLN A NE2 1 
ATOM   99  N  NE2 B GLN A 1 12 ? -6.888  -8.428  -3.420  0.50 19.85 ? 11   GLN A NE2 1 
ATOM   100 N  N   A LYS A 1 13 ? -1.589  -8.243  -6.798  0.50 5.69  ? 12   LYS A N   1 
ATOM   101 N  N   B LYS A 1 13 ? -1.641  -8.232  -6.941  0.50 5.15  ? 12   LYS A N   1 
ATOM   102 C  CA  A LYS A 1 13 ? -1.129  -9.257  -7.803  0.50 6.66  ? 12   LYS A CA  1 
ATOM   103 C  CA  B LYS A 1 13 ? -1.389  -9.414  -7.749  0.50 6.08  ? 12   LYS A CA  1 
ATOM   104 C  C   A LYS A 1 13 ? -0.465  -10.505 -7.196  0.50 7.37  ? 12   LYS A C   1 
ATOM   105 C  C   B LYS A 1 13 ? -1.060  -10.571 -6.840  0.50 5.99  ? 12   LYS A C   1 
ATOM   106 O  O   A LYS A 1 13 ? -0.136  -11.453 -7.874  0.50 11.11 ? 12   LYS A O   1 
ATOM   107 O  O   B LYS A 1 13 ? -1.856  -11.472 -6.736  0.50 8.07  ? 12   LYS A O   1 
ATOM   108 C  CB  A LYS A 1 13 ? -0.062  -8.678  -8.741  0.50 8.37  ? 12   LYS A CB  1 
ATOM   109 C  CB  B LYS A 1 13 ? -0.252  -9.135  -8.718  0.50 7.27  ? 12   LYS A CB  1 
ATOM   110 C  CG  A LYS A 1 13 ? -0.522  -8.018  -9.975  0.50 13.16 ? 12   LYS A CG  1 
ATOM   111 C  CG  B LYS A 1 13 ? -0.543  -7.881  -9.599  0.50 10.87 ? 12   LYS A CG  1 
ATOM   112 C  CD  A LYS A 1 13 ? 0.641   -8.221  -10.919 0.50 14.25 ? 12   LYS A CD  1 
ATOM   113 C  CD  B LYS A 1 13 ? 0.576   -7.620  -10.611 0.50 13.67 ? 12   LYS A CD  1 
ATOM   114 C  CE  A LYS A 1 13 ? 0.940   -7.040  -11.681 0.50 11.28 ? 12   LYS A CE  1 
ATOM   115 C  CE  B LYS A 1 13 ? 0.162   -6.688  -11.673 0.50 16.31 ? 12   LYS A CE  1 
ATOM   116 N  NZ  A LYS A 1 13 ? 1.123   -5.768  -11.003 0.50 9.93  ? 12   LYS A NZ  1 
ATOM   117 N  NZ  B LYS A 1 13 ? 0.813   -5.358  -11.543 0.50 19.66 ? 12   LYS A NZ  1 
ATOM   118 N  N   A ASP A 1 14 ? -0.126  -10.486 -5.937  0.50 6.89  ? 13   ASP A N   1 
ATOM   119 N  N   B ASP A 1 14 ? 0.092   -10.530 -6.187  0.50 9.73  ? 13   ASP A N   1 
ATOM   120 C  CA  A ASP A 1 14 ? 0.414   -11.654 -5.233  0.50 6.11  ? 13   ASP A CA  1 
ATOM   121 C  CA  B ASP A 1 14 ? 0.539   -11.622 -5.332  0.50 10.97 ? 13   ASP A CA  1 
ATOM   122 C  C   A ASP A 1 14 ? -0.149  -11.537 -3.813  0.50 5.83  ? 13   ASP A C   1 
ATOM   123 C  C   B ASP A 1 14 ? -0.095  -11.594 -3.949  0.50 9.75  ? 13   ASP A C   1 
ATOM   124 O  O   A ASP A 1 14 ? -0.635  -10.485 -3.425  0.50 5.75  ? 13   ASP A O   1 
ATOM   125 O  O   B ASP A 1 14 ? -0.723  -10.590 -3.520  0.50 10.11 ? 13   ASP A O   1 
ATOM   126 C  CB  A ASP A 1 14 ? 1.951   -11.701 -5.242  0.50 6.95  ? 13   ASP A CB  1 
ATOM   127 C  CB  B ASP A 1 14 ? 2.057   -11.623 -5.158  0.50 13.24 ? 13   ASP A CB  1 
ATOM   128 C  CG  A ASP A 1 14 ? 2.524   -13.122 -5.101  0.50 9.54  ? 13   ASP A CG  1 
ATOM   129 C  CG  B ASP A 1 14 ? 2.821   -11.669 -6.471  0.50 15.33 ? 13   ASP A CG  1 
ATOM   130 O  OD1 A ASP A 1 14 ? 1.788   -14.034 -4.763  0.50 12.83 ? 13   ASP A OD1 1 
ATOM   131 O  OD1 B ASP A 1 14 ? 2.245   -11.994 -7.543  0.50 16.17 ? 13   ASP A OD1 1 
ATOM   132 O  OD2 A ASP A 1 14 ? 3.702   -13.248 -5.395  0.50 16.41 ? 13   ASP A OD2 1 
ATOM   133 O  OD2 B ASP A 1 14 ? 4.049   -11.340 -6.425  0.50 21.43 ? 13   ASP A OD2 1 
ATOM   134 N  N   A ASP A 1 15 ? -0.039  -12.601 -3.022  0.50 7.37  ? 14   ASP A N   1 
ATOM   135 N  N   B ASP A 1 15 ? 0.162   -12.679 -3.214  0.50 8.64  ? 14   ASP A N   1 
ATOM   136 C  CA  A ASP A 1 15 ? -0.716  -12.750 -1.742  0.50 9.29  ? 14   ASP A CA  1 
ATOM   137 C  CA  B ASP A 1 15 ? -0.494  -12.930 -1.962  0.50 7.06  ? 14   ASP A CA  1 
ATOM   138 C  C   A ASP A 1 15 ? -0.298  -11.718 -0.697  0.50 6.85  ? 14   ASP A C   1 
ATOM   139 C  C   B ASP A 1 15 ? -0.060  -12.002 -0.818  0.50 6.46  ? 14   ASP A C   1 
ATOM   140 O  O   A ASP A 1 15 ? -1.070  -11.409 0.213   0.50 8.16  ? 14   ASP A O   1 
ATOM   141 O  O   B ASP A 1 15 ? -0.725  -11.956 0.258   0.50 8.37  ? 14   ASP A O   1 
ATOM   142 C  CB  A ASP A 1 15 ? -0.440  -14.189 -1.165  0.50 9.57  ? 14   ASP A CB  1 
ATOM   143 C  CB  B ASP A 1 15 ? -0.437  -14.421 -1.525  0.50 8.05  ? 14   ASP A CB  1 
ATOM   144 C  CG  A ASP A 1 15 ? 1.001   -14.377 -0.650  0.50 7.30  ? 14   ASP A CG  1 
ATOM   145 C  CG  B ASP A 1 15 ? 0.976   -15.005 -1.364  0.50 8.08  ? 14   ASP A CG  1 
ATOM   146 O  OD1 A ASP A 1 15 ? 1.951   -14.479 -1.486  0.50 6.65  ? 14   ASP A OD1 1 
ATOM   147 O  OD1 B ASP A 1 15 ? 2.024   -14.332 -1.685  0.50 8.90  ? 14   ASP A OD1 1 
ATOM   148 O  OD2 A ASP A 1 15 ? 1.249   -14.358 0.586   0.50 10.51 ? 14   ASP A OD2 1 
ATOM   149 O  OD2 B ASP A 1 15 ? 1.016   -16.217 -0.959  0.50 11.19 ? 14   ASP A OD2 1 
ATOM   150 N  N   A ASP A 1 16 ? 0.943   -11.247 -0.795  0.50 5.95  ? 15   ASP A N   1 
ATOM   151 N  N   B ASP A 1 16 ? 1.024   -11.257 -1.039  0.50 4.75  ? 15   ASP A N   1 
ATOM   152 C  CA  A ASP A 1 16 ? 1.491   -10.290 0.153   0.50 4.94  ? 15   ASP A CA  1 
ATOM   153 C  CA  B ASP A 1 16 ? 1.589   -10.355 -0.027  0.50 4.57  ? 15   ASP A CA  1 
ATOM   154 C  C   A ASP A 1 16 ? 1.153   -8.871  -0.170  0.50 4.90  ? 15   ASP A C   1 
ATOM   155 C  C   B ASP A 1 16 ? 1.318   -8.890  -0.284  0.50 4.14  ? 15   ASP A C   1 
ATOM   156 O  O   A ASP A 1 16 ? 1.475   -8.002  0.629   0.50 4.81  ? 15   ASP A O   1 
ATOM   157 O  O   B ASP A 1 16 ? 1.824   -8.026  0.441   0.50 4.79  ? 15   ASP A O   1 
ATOM   158 C  CB  A ASP A 1 16 ? 3.026   -10.427 0.284   0.50 6.52  ? 15   ASP A CB  1 
ATOM   159 C  CB  B ASP A 1 16 ? 3.100   -10.605 0.148   0.50 3.58  ? 15   ASP A CB  1 
ATOM   160 C  CG  A ASP A 1 16 ? 3.751   -10.212 -1.057  0.50 5.31  ? 15   ASP A CG  1 
ATOM   161 C  CG  B ASP A 1 16 ? 3.882   -10.453 -1.143  0.50 5.79  ? 15   ASP A CG  1 
ATOM   162 O  OD1 A ASP A 1 16 ? 3.243   -10.663 -2.109  0.50 6.33  ? 15   ASP A OD1 1 
ATOM   163 O  OD1 B ASP A 1 16 ? 3.292   -10.169 -2.203  0.50 6.60  ? 15   ASP A OD1 1 
ATOM   164 O  OD2 A ASP A 1 16 ? 4.874   -9.642  -1.050  0.50 6.57  ? 15   ASP A OD2 1 
ATOM   165 O  OD2 B ASP A 1 16 ? 5.126   -10.725 -1.069  0.50 7.45  ? 15   ASP A OD2 1 
ATOM   166 N  N   . GLU A 1 17 ? 0.548   -8.611  -1.333  1.00 4.09  ? 16   GLU A N   1 
ATOM   167 C  CA  . GLU A 1 17 ? 0.247   -7.252  -1.793  1.00 4.04  ? 16   GLU A CA  1 
ATOM   168 C  C   . GLU A 1 17 ? -1.204  -6.917  -1.399  1.00 4.30  ? 16   GLU A C   1 
ATOM   169 O  O   . GLU A 1 17 ? -2.027  -7.805  -1.160  1.00 5.94  ? 16   GLU A O   1 
ATOM   170 C  CB  . GLU A 1 17 ? 0.384   -7.156  -3.305  1.00 4.06  ? 16   GLU A CB  1 
ATOM   171 C  CG  . GLU A 1 17 ? 1.794   -7.509  -3.800  1.00 4.45  ? 16   GLU A CG  1 
ATOM   172 C  CD  . GLU A 1 17 ? 1.890   -7.662  -5.275  1.00 4.35  ? 16   GLU A CD  1 
ATOM   173 O  OE1 . GLU A 1 17 ? 2.918   -8.206  -5.732  1.00 6.29  ? 16   GLU A OE1 1 
ATOM   174 O  OE2 . GLU A 1 17 ? 0.960   -7.245  -6.013  1.00 6.04  ? 16   GLU A OE2 1 
ATOM   175 N  N   . ILE A 1 18 ? -1.526  -5.618  -1.440  1.00 3.79  ? 17   ILE A N   1 
ATOM   176 C  CA  . ILE A 1 18 ? -2.923  -5.190  -1.299  1.00 3.74  ? 17   ILE A CA  1 
ATOM   177 C  C   . ILE A 1 18 ? -3.234  -4.143  -2.368  1.00 4.03  ? 17   ILE A C   1 
ATOM   178 O  O   . ILE A 1 18 ? -2.367  -3.520  -2.981  1.00 4.57  ? 17   ILE A O   1 
ATOM   179 C  CB  . ILE A 1 18 ? -3.257  -4.627  0.096   1.00 4.08  ? 17   ILE A CB  1 
ATOM   180 C  CG1 . ILE A 1 18 ? -2.441  -3.419  0.442   1.00 4.40  ? 17   ILE A CG1 1 
ATOM   181 C  CG2 . ILE A 1 18 ? -3.106  -5.714  1.129   1.00 5.48  ? 17   ILE A CG2 1 
ATOM   182 C  CD1 . ILE A 1 18 ? -2.976  -2.660  1.664   1.00 6.16  ? 17   ILE A CD1 1 
ATOM   183 N  N   . THR A 1 19 ? -4.552  -3.960  -2.577  1.00 3.79  ? 18   THR A N   1 
ATOM   184 C  CA  . THR A 1 19 ? -5.069  -2.950  -3.444  1.00 3.06  ? 18   THR A CA  1 
ATOM   185 C  C   . THR A 1 19 ? -5.146  -1.594  -2.740  1.00 3.43  ? 18   THR A C   1 
ATOM   186 O  O   . THR A 1 19 ? -5.518  -1.485  -1.586  1.00 3.95  ? 18   THR A O   1 
ATOM   187 C  CB  . THR A 1 19 ? -6.462  -3.389  -3.952  1.00 3.74  ? 18   THR A CB  1 
ATOM   188 O  OG1 . THR A 1 19 ? -6.261  -4.532  -4.748  1.00 4.39  ? 18   THR A OG1 1 
ATOM   189 C  CG2 . THR A 1 19 ? -7.216  -2.304  -4.706  1.00 4.21  ? 18   THR A CG2 1 
ATOM   190 N  N   . ILE A 1 20 ? -4.806  -0.540  -3.508  1.00 3.52  ? 19   ILE A N   1 
ATOM   191 C  CA  . ILE A 1 20 ? -4.956  0.827   -3.092  1.00 3.39  ? 19   ILE A CA  1 
ATOM   192 C  C   . ILE A 1 20 ? -5.582  1.635   -4.228  1.00 3.20  ? 19   ILE A C   1 
ATOM   193 O  O   . ILE A 1 20 ? -5.258  1.438   -5.395  1.00 3.87  ? 19   ILE A O   1 
ATOM   194 C  CB  . ILE A 1 20 ? -3.599  1.474   -2.646  1.00 3.73  ? 19   ILE A CB  1 
ATOM   195 C  CG1 . ILE A 1 20 ? -2.477  1.145   -3.654  1.00 4.16  ? 19   ILE A CG1 1 
ATOM   196 C  CG2 . ILE A 1 20 ? -3.271  1.090   -1.244  1.00 4.53  ? 19   ILE A CG2 1 
ATOM   197 C  CD1 . ILE A 1 20 ? -1.223  1.974   -3.503  1.00 4.93  ? 19   ILE A CD1 1 
ATOM   198 N  N   . THR A 1 21 ? -6.412  2.610   -3.859  1.00 3.44  ? 20   THR A N   1 
ATOM   199 C  CA  . THR A 1 21 ? -6.967  3.538   -4.819  1.00 4.03  ? 20   THR A CA  1 
ATOM   200 C  C   . THR A 1 21 ? -6.923  4.940   -4.246  1.00 4.14  ? 20   THR A C   1 
ATOM   201 O  O   . THR A 1 21 ? -7.021  5.137   -3.033  1.00 4.10  ? 20   THR A O   1 
ATOM   202 C  CB  . THR A 1 21 ? -8.408  3.165   -5.238  1.00 4.48  ? 20   THR A CB  1 
ATOM   203 O  OG1 . THR A 1 21 ? -9.309  3.274   -4.132  1.00 5.26  ? 20   THR A OG1 1 
ATOM   204 C  CG2 . THR A 1 21 ? -8.476  1.827   -5.899  1.00 5.39  ? 20   THR A CG2 1 
ATOM   205 N  N   . PRO A 1 22 ? -6.775  5.959   -5.118  1.00 4.36  ? 21   PRO A N   1 
ATOM   206 C  CA  . PRO A 1 22 ? -6.780  7.383   -4.620  1.00 5.17  ? 21   PRO A CA  1 
ATOM   207 C  C   . PRO A 1 22 ? -7.972  7.616   -3.732  1.00 4.98  ? 21   PRO A C   1 
ATOM   208 O  O   . PRO A 1 22 ? -9.111  7.237   -4.074  1.00 5.88  ? 21   PRO A O   1 
ATOM   209 C  CB  . PRO A 1 22 ? -6.817  8.179   -5.940  1.00 6.08  ? 21   PRO A CB  1 
ATOM   210 C  CG  . PRO A 1 22 ? -5.988  7.322   -6.881  1.00 6.41  ? 21   PRO A CG  1 
ATOM   211 C  CD  . PRO A 1 22 ? -6.465  5.896   -6.568  1.00 5.42  ? 21   PRO A CD  1 
ATOM   212 N  N   . GLY A 1 23 ? -7.723  8.251   -2.594  1.00 5.31  ? 22   GLY A N   1 
ATOM   213 C  CA  . GLY A 1 23 ? -8.753  8.519   -1.603  1.00 5.51  ? 22   GLY A CA  1 
ATOM   214 C  C   . GLY A 1 23 ? -8.823  7.534   -0.445  1.00 5.28  ? 22   GLY A C   1 
ATOM   215 O  O   . GLY A 1 23 ? -9.463  7.812   0.541   1.00 7.95  ? 22   GLY A O   1 
ATOM   216 N  N   . ASP A 1 24 ? -8.186  6.369   -0.591  1.00 4.46  ? 23   ASP A N   1 
ATOM   217 C  CA  . ASP A 1 24 ? -8.209  5.394   0.528   1.00 4.07  ? 23   ASP A CA  1 
ATOM   218 C  C   . ASP A 1 24 ? -7.392  5.970   1.700   1.00 4.29  ? 23   ASP A C   1 
ATOM   219 O  O   . ASP A 1 24 ? -6.350  6.640   1.514   1.00 5.35  ? 23   ASP A O   1 
ATOM   220 C  CB  . ASP A 1 24 ? -7.621  4.092   0.067   1.00 4.27  ? 23   ASP A CB  1 
ATOM   221 C  CG  . ASP A 1 24 ? -8.521  3.298   -0.911  1.00 4.72  ? 23   ASP A CG  1 
ATOM   222 O  OD1 . ASP A 1 24 ? -9.716  3.665   -1.062  1.00 5.54  ? 23   ASP A OD1 1 
ATOM   223 O  OD2 . ASP A 1 24 ? -7.994  2.311   -1.491  1.00 5.04  ? 23   ASP A OD2 1 
ATOM   224 N  N   . LYS A 1 25 ? -7.850  5.645   2.892   1.00 3.68  ? 24   LYS A N   1 
ATOM   225 C  CA  . LYS A 1 25 ? -7.128  6.012   4.121   1.00 4.48  ? 24   LYS A CA  1 
ATOM   226 C  C   . LYS A 1 25 ? -6.110  4.902   4.445   1.00 4.51  ? 24   LYS A C   1 
ATOM   227 O  O   . LYS A 1 25 ? -6.482  3.736   4.521   1.00 5.95  ? 24   LYS A O   1 
ATOM   228 C  CB  . LYS A 1 25 ? -8.124  6.122   5.314   1.00 4.97  ? 24   LYS A CB  1 
ATOM   229 C  CG  . LYS A 1 25 ? -8.924  7.300   5.426   1.00 7.09  ? 24   LYS A CG  1 
ATOM   230 C  CD  . LYS A 1 25 ? -9.881  7.624   4.349   1.00 6.99  ? 24   LYS A CD  1 
ATOM   231 C  CE  . LYS A 1 25 ? -10.860 8.726   4.779   1.00 7.63  ? 24   LYS A CE  1 
ATOM   232 N  NZ  . LYS A 1 25 ? -11.781 9.027   3.753   1.00 7.13  ? 24   LYS A NZ  1 
ATOM   233 N  N   . ILE A 1 26 ? -4.840  5.301   4.579   1.00 4.61  ? 25   ILE A N   1 
ATOM   234 C  CA  . ILE A 1 26 ? -3.763  4.335   4.737   1.00 4.08  ? 25   ILE A CA  1 
ATOM   235 C  C   . ILE A 1 26 ? -2.914  4.691   5.974   1.00 4.75  ? 25   ILE A C   1 
ATOM   236 O  O   . ILE A 1 26 ? -2.936  5.857   6.451   1.00 5.19  ? 25   ILE A O   1 
ATOM   237 C  CB  . ILE A 1 26 ? -2.883  4.194   3.478   1.00 4.61  ? 25   ILE A CB  1 
ATOM   238 C  CG1 . ILE A 1 26 ? -2.106  5.489   3.188   1.00 5.60  ? 25   ILE A CG1 1 
ATOM   239 C  CG2 . ILE A 1 26 ? -3.744  3.735   2.283   1.00 5.15  ? 25   ILE A CG2 1 
ATOM   240 C  CD1 . ILE A 1 26 ? -1.105  5.364   2.034   1.00 6.45  ? 25   ILE A CD1 1 
ATOM   241 N  N   . SER A 1 27 ? -2.127  3.733   6.409   1.00 4.21  ? 26   SER A N   1 
ATOM   242 C  CA  . SER A 1 27 ? -1.181  3.941   7.510   1.00 4.71  ? 26   SER A CA  1 
ATOM   243 C  C   . SER A 1 27 ? 0.055   3.056   7.248   1.00 4.07  ? 26   SER A C   1 
ATOM   244 O  O   . SER A 1 27 ? -0.007  2.003   6.634   1.00 4.72  ? 26   SER A O   1 
ATOM   245 C  CB  . SER A 1 27 ? -1.813  3.572   8.846   1.00 5.67  ? 26   SER A CB  1 
ATOM   246 O  OG  . SER A 1 27 ? -2.118  2.206   8.903   1.00 6.68  ? 26   SER A OG  1 
ATOM   247 N  N   . LEU A 1 28 ? 1.190   3.556   7.737   1.00 4.16  ? 27   LEU A N   1 
ATOM   248 C  CA  . LEU A 1 28 ? 2.460   2.827   7.529   1.00 4.18  ? 27   LEU A CA  1 
ATOM   249 C  C   . LEU A 1 28 ? 2.586   1.619   8.478   1.00 4.52  ? 27   LEU A C   1 
ATOM   250 O  O   . LEU A 1 28 ? 2.277   1.713   9.656   1.00 5.37  ? 27   LEU A O   1 
ATOM   251 C  CB  . LEU A 1 28 ? 3.582   3.796   7.780   1.00 4.62  ? 27   LEU A CB  1 
ATOM   252 C  CG  . LEU A 1 28 ? 5.041   3.336   7.524   1.00 4.93  ? 27   LEU A CG  1 
ATOM   253 C  CD1 . LEU A 1 28 ? 5.236   2.882   6.075   1.00 5.01  ? 27   LEU A CD1 1 
ATOM   254 C  CD2 . LEU A 1 28 ? 6.005   4.422   7.913   1.00 5.68  ? 27   LEU A CD2 1 
ATOM   255 N  N   . VAL A 1 29 ? 3.137   0.523   7.937   1.00 4.35  ? 28   VAL A N   1 
ATOM   256 C  CA  . VAL A 1 29 ? 3.614   -0.592  8.737   1.00 4.90  ? 28   VAL A CA  1 
ATOM   257 C  C   . VAL A 1 29 ? 5.163   -0.591  8.755   1.00 4.38  ? 28   VAL A C   1 
ATOM   258 O  O   . VAL A 1 29 ? 5.779   -0.651  9.813   1.00 5.47  ? 28   VAL A O   1 
ATOM   259 C  CB  . VAL A 1 29 ? 3.099   -1.955  8.241   1.00 5.63  ? 28   VAL A CB  1 
ATOM   260 C  CG1 . VAL A 1 29 ? 3.736   -3.110  9.030   1.00 6.42  ? 28   VAL A CG1 1 
ATOM   261 C  CG2 . VAL A 1 29 ? 1.594   -1.991  8.250   1.00 6.67  ? 28   VAL A CG2 1 
ATOM   262 N  N   . ALA A 1 30 ? 5.779   -0.534  7.581   1.00 4.44  ? 29   ALA A N   1 
ATOM   263 C  CA  . ALA A 1 30 ? 7.260   -0.568  7.490   1.00 5.25  ? 29   ALA A CA  1 
ATOM   264 C  C   . ALA A 1 30 ? 7.662   0.076   6.186   1.00 4.29  ? 29   ALA A C   1 
ATOM   265 O  O   . ALA A 1 30 ? 7.092   -0.201  5.120   1.00 5.13  ? 29   ALA A O   1 
ATOM   266 C  CB  . ALA A 1 30 ? 7.759   -2.006  7.537   1.00 6.10  ? 29   ALA A CB  1 
ATOM   267 N  N   A ARG A 1 31 ? 8.638   0.989   6.225   0.50 5.34  ? 30   ARG A N   1 
ATOM   268 N  N   B ARG A 1 31 ? 8.717   0.888   6.245   0.50 4.45  ? 30   ARG A N   1 
ATOM   269 C  CA  A ARG A 1 31 ? 9.145   1.613   4.990   0.50 4.84  ? 30   ARG A CA  1 
ATOM   270 C  CA  B ARG A 1 31 ? 9.282   1.542   5.067   0.50 4.82  ? 30   ARG A CA  1 
ATOM   271 C  C   A ARG A 1 31 ? 9.889   0.591   4.136   0.50 5.71  ? 30   ARG A C   1 
ATOM   272 C  C   B ARG A 1 31 ? 9.914   0.533   4.117   0.50 4.74  ? 30   ARG A C   1 
ATOM   273 O  O   A ARG A 1 31 ? 10.430  -0.416  4.601   0.50 7.33  ? 30   ARG A O   1 
ATOM   274 O  O   B ARG A 1 31 ? 10.406  -0.530  4.493   0.50 4.79  ? 30   ARG A O   1 
ATOM   275 C  CB  A ARG A 1 31 ? 10.060  2.808   5.313   0.50 6.05  ? 30   ARG A CB  1 
ATOM   276 C  CB  B ARG A 1 31 ? 10.297  2.613   5.528   0.50 4.94  ? 30   ARG A CB  1 
ATOM   277 C  CG  A ARG A 1 31 ? 9.336   4.057   5.816   0.50 4.56  ? 30   ARG A CG  1 
ATOM   278 C  CG  B ARG A 1 31 ? 9.617   3.738   6.274   0.50 7.49  ? 30   ARG A CG  1 
ATOM   279 C  CD  A ARG A 1 31 ? 10.347  5.054   6.385   0.50 5.50  ? 30   ARG A CD  1 
ATOM   280 C  CD  B ARG A 1 31 ? 10.007  5.132   5.946   0.50 10.06 ? 30   ARG A CD  1 
ATOM   281 N  NE  A ARG A 1 31 ? 9.630   6.262   6.781   0.50 6.58  ? 30   ARG A NE  1 
ATOM   282 N  NE  B ARG A 1 31 ? 9.115   6.091   6.577   0.50 11.15 ? 30   ARG A NE  1 
ATOM   283 C  CZ  A ARG A 1 31 ? 9.125   6.424   8.017   0.50 5.71  ? 30   ARG A CZ  1 
ATOM   284 C  CZ  B ARG A 1 31 ? 8.167   6.851   6.012   0.50 10.86 ? 30   ARG A CZ  1 
ATOM   285 N  NH1 A ARG A 1 31 ? 9.350   5.524   8.968   0.50 6.60  ? 30   ARG A NH1 1 
ATOM   286 N  NH1 B ARG A 1 31 ? 7.893   6.848   4.729   0.50 15.64 ? 30   ARG A NH1 1 
ATOM   287 N  NH2 A ARG A 1 31 ? 8.355   7.484   8.309   0.50 6.66  ? 30   ARG A NH2 1 
ATOM   288 N  NH2 B ARG A 1 31 ? 7.485   7.671   6.807   0.50 13.35 ? 30   ARG A NH2 1 
ATOM   289 N  N   . ASP A 1 32 ? 9.935   0.936   2.853   1.00 5.33  ? 31   ASP A N   1 
ATOM   290 C  CA  . ASP A 1 32 ? 10.744  0.233   1.819   1.00 5.21  ? 31   ASP A CA  1 
ATOM   291 C  C   . ASP A 1 32 ? 12.196  0.252   2.280   1.00 4.49  ? 31   ASP A C   1 
ATOM   292 O  O   . ASP A 1 32 ? 12.719  1.283   2.692   1.00 6.75  ? 31   ASP A O   1 
ATOM   293 C  CB  . ASP A 1 32 ? 10.539  1.057   0.566   1.00 5.44  ? 31   ASP A CB  1 
ATOM   294 C  CG  . ASP A 1 32 ? 11.085  0.477   -0.727  1.00 5.19  ? 31   ASP A CG  1 
ATOM   295 O  OD1 . ASP A 1 32 ? 11.909  -0.440  -0.735  1.00 5.60  ? 31   ASP A OD1 1 
ATOM   296 O  OD2 . ASP A 1 32 ? 10.639  1.013   -1.808  1.00 5.51  ? 31   ASP A OD2 1 
ATOM   297 N  N   . THR A 1 33 ? 12.851  -0.891  2.172   1.00 4.87  ? 32   THR A N   1 
ATOM   298 C  CA  . THR A 1 33 ? 14.294  -1.014  2.496   1.00 5.32  ? 32   THR A CA  1 
ATOM   299 C  C   . THR A 1 33 ? 15.135  -1.137  1.227   1.00 5.50  ? 32   THR A C   1 
ATOM   300 O  O   . THR A 1 33 ? 16.341  -1.358  1.329   1.00 7.42  ? 32   THR A O   1 
ATOM   301 C  CB  . THR A 1 33 ? 14.553  -2.232  3.355   1.00 5.25  ? 32   THR A CB  1 
ATOM   302 O  OG1 . THR A 1 33 ? 14.265  -3.411  2.600   1.00 5.97  ? 32   THR A OG1 1 
ATOM   303 C  CG2 . THR A 1 33 ? 13.789  -2.204  4.651   1.00 6.64  ? 32   THR A CG2 1 
ATOM   304 N  N   . GLY A 1 34 ? 14.532  -0.965  0.048   1.00 5.45  ? 33   GLY A N   1 
ATOM   305 C  CA  . GLY A 1 34 ? 15.228  -1.124  -1.237  1.00 5.45  ? 33   GLY A CA  1 
ATOM   306 C  C   . GLY A 1 34 ? 14.573  -2.099  -2.201  1.00 5.63  ? 33   GLY A C   1 
ATOM   307 O  O   . GLY A 1 34 ? 15.110  -2.334  -3.258  1.00 6.34  ? 33   GLY A O   1 
ATOM   308 N  N   . SER A 1 35 ? 13.449  -2.695  -1.824  1.00 5.47  ? 34   SER A N   1 
ATOM   309 C  CA  . SER A 1 35 ? 12.709  -3.589  -2.694  1.00 5.50  ? 34   SER A CA  1 
ATOM   310 C  C   . SER A 1 35 ? 11.867  -2.836  -3.728  1.00 5.37  ? 34   SER A C   1 
ATOM   311 O  O   . SER A 1 35 ? 11.468  -3.468  -4.749  1.00 6.90  ? 34   SER A O   1 
ATOM   312 C  CB  . SER A 1 35 ? 11.770  -4.507  -1.909  1.00 5.75  ? 34   SER A CB  1 
ATOM   313 O  OG  . SER A 1 35 ? 10.720  -3.771  -1.326  1.00 5.49  ? 34   SER A OG  1 
ATOM   314 N  N   . GLY A 1 36 ? 11.493  -1.586  -3.448  1.00 4.79  ? 35   GLY A N   1 
ATOM   315 C  CA  . GLY A 1 36 ? 10.511  -0.853  -4.220  1.00 5.52  ? 35   GLY A CA  1 
ATOM   316 C  C   . GLY A 1 36 ? 9.101   -0.920  -3.637  1.00 4.70  ? 35   GLY A C   1 
ATOM   317 O  O   . GLY A 1 36 ? 8.192   -0.292  -4.237  1.00 5.13  ? 35   GLY A O   1 
ATOM   318 N  N   . TRP A 1 37 ? 8.905   -1.628  -2.537  1.00 4.07  ? 36   TRP A N   1 
ATOM   319 C  CA  . TRP A 1 37 ? 7.593   -1.816  -1.947  1.00 4.21  ? 36   TRP A CA  1 
ATOM   320 C  C   . TRP A 1 37 ? 7.597   -1.348  -0.504  1.00 4.45  ? 36   TRP A C   1 
ATOM   321 O  O   . TRP A 1 37 ? 8.572   -1.532  0.234   1.00 5.51  ? 36   TRP A O   1 
ATOM   322 C  CB  . TRP A 1 37 ? 7.240   -3.316  -1.963  1.00 4.43  ? 36   TRP A CB  1 
ATOM   323 C  CG  . TRP A 1 37 ? 7.188   -3.893  -3.337  1.00 4.76  ? 36   TRP A CG  1 
ATOM   324 C  CD1 . TRP A 1 37 ? 8.260   -4.325  -4.079  1.00 6.23  ? 36   TRP A CD1 1 
ATOM   325 C  CD2 . TRP A 1 37 ? 6.020   -4.145  -4.135  1.00 5.36  ? 36   TRP A CD2 1 
ATOM   326 N  NE1 . TRP A 1 37 ? 7.835   -4.828  -5.295  1.00 7.11  ? 36   TRP A NE1 1 
ATOM   327 C  CE2 . TRP A 1 37 ? 6.459   -4.728  -5.351  1.00 6.40  ? 36   TRP A CE2 1 
ATOM   328 C  CE3 . TRP A 1 37 ? 4.626   -3.991  -3.937  1.00 5.10  ? 36   TRP A CE3 1 
ATOM   329 C  CZ2 . TRP A 1 37 ? 5.570   -5.104  -6.356  1.00 8.60  ? 36   TRP A CZ2 1 
ATOM   330 C  CZ3 . TRP A 1 37 ? 3.744   -4.346  -4.930  1.00 6.60  ? 36   TRP A CZ3 1 
ATOM   331 C  CH2 . TRP A 1 37 ? 4.213   -4.923  -6.124  1.00 8.10  ? 36   TRP A CH2 1 
ATOM   332 N  N   . THR A 1 38 ? 6.444   -0.782  -0.085  1.00 4.06  ? 37   THR A N   1 
ATOM   333 C  CA  . THR A 1 38 ? 6.219   -0.321  1.286   1.00 4.30  ? 37   THR A CA  1 
ATOM   334 C  C   . THR A 1 38 ? 5.077   -1.151  1.882   1.00 3.79  ? 37   THR A C   1 
ATOM   335 O  O   . THR A 1 38 ? 4.074   -1.410  1.197   1.00 4.22  ? 37   THR A O   1 
ATOM   336 C  CB  . THR A 1 38 ? 5.814   1.161   1.270   1.00 4.48  ? 37   THR A CB  1 
ATOM   337 O  OG1 . THR A 1 38 ? 6.878   1.951   0.734   1.00 5.19  ? 37   THR A OG1 1 
ATOM   338 C  CG2 . THR A 1 38 ? 5.520   1.700   2.631   1.00 4.76  ? 37   THR A CG2 1 
ATOM   339 N  N   A LYS A 1 39 ? 5.225   -1.607  3.120   0.50 3.95  ? 38   LYS A N   1 
ATOM   340 N  N   B LYS A 1 39 ? 5.208   -1.504  3.168   0.50 4.16  ? 38   LYS A N   1 
ATOM   341 C  CA  A LYS A 1 39 ? 4.116   -2.302  3.761   0.50 4.25  ? 38   LYS A CA  1 
ATOM   342 C  CA  B LYS A 1 39 ? 4.166   -2.248  3.896   0.50 3.43  ? 38   LYS A CA  1 
ATOM   343 C  C   A LYS A 1 39 ? 3.231   -1.255  4.452   0.50 4.13  ? 38   LYS A C   1 
ATOM   344 C  C   B LYS A 1 39 ? 3.209   -1.271  4.581   0.50 3.71  ? 38   LYS A C   1 
ATOM   345 O  O   A LYS A 1 39 ? 3.737   -0.387  5.182   0.50 3.93  ? 38   LYS A O   1 
ATOM   346 O  O   B LYS A 1 39 ? 3.648   -0.466  5.411   0.50 3.94  ? 38   LYS A O   1 
ATOM   347 C  CB  A LYS A 1 39 ? 4.590   -3.368  4.751   0.50 4.86  ? 38   LYS A CB  1 
ATOM   348 C  CB  B LYS A 1 39 ? 4.769   -3.200  4.943   0.50 4.10  ? 38   LYS A CB  1 
ATOM   349 C  CG  A LYS A 1 39 ? 3.455   -4.330  5.132   0.50 5.20  ? 38   LYS A CG  1 
ATOM   350 C  CG  B LYS A 1 39 ? 3.700   -4.183  5.553   0.50 4.40  ? 38   LYS A CG  1 
ATOM   351 C  CD  A LYS A 1 39 ? 3.845   -5.365  6.129   0.50 7.49  ? 38   LYS A CD  1 
ATOM   352 C  CD  B LYS A 1 39 ? 3.425   -5.383  4.626   0.50 4.96  ? 38   LYS A CD  1 
ATOM   353 C  CE  A LYS A 1 39 ? 4.618   -6.446  5.472   0.50 9.11  ? 38   LYS A CE  1 
ATOM   354 C  CE  B LYS A 1 39 ? 4.524   -6.417  4.571   0.50 4.70  ? 38   LYS A CE  1 
ATOM   355 N  NZ  A LYS A 1 39 ? 5.141   -7.425  6.515   0.50 11.86 ? 38   LYS A NZ  1 
ATOM   356 N  NZ  B LYS A 1 39 ? 4.801   -7.091  5.915   0.50 6.81  ? 38   LYS A NZ  1 
ATOM   357 N  N   . ILE A 1 40 ? 1.912   -1.371  4.227   1.00 3.80  ? 39   ILE A N   1 
ATOM   358 C  CA  . ILE A 1 40 ? 0.929   -0.451  4.746   1.00 3.45  ? 39   ILE A CA  1 
ATOM   359 C  C   . ILE A 1 40 ? -0.319  -1.250  5.217   1.00 3.64  ? 39   ILE A C   1 
ATOM   360 O  O   . ILE A 1 40 ? -0.535  -2.396  4.841   1.00 4.60  ? 39   ILE A O   1 
ATOM   361 C  CB  . ILE A 1 40 ? 0.505   0.629   3.684   1.00 4.26  ? 39   ILE A CB  1 
ATOM   362 C  CG1 . ILE A 1 40 ? -0.178  -0.037  2.491   1.00 4.88  ? 39   ILE A CG1 1 
ATOM   363 C  CG2 . ILE A 1 40 ? 1.678   1.487   3.287   1.00 4.73  ? 39   ILE A CG2 1 
ATOM   364 C  CD1 . ILE A 1 40 ? -1.020  0.953   1.661   1.00 5.94  ? 39   ILE A CD1 1 
ATOM   365 N  N   . ASN A 1 41 ? -1.148  -0.503  5.949   1.00 3.82  ? 40   ASN A N   1 
ATOM   366 C  CA  . ASN A 1 41 ? -2.544  -0.854  6.143   1.00 3.99  ? 40   ASN A CA  1 
ATOM   367 C  C   . ASN A 1 41 ? -3.408  0.058   5.259   1.00 3.84  ? 40   ASN A C   1 
ATOM   368 O  O   . ASN A 1 41 ? -3.125  1.262   5.187   1.00 4.47  ? 40   ASN A O   1 
ATOM   369 C  CB  . ASN A 1 41 ? -2.970  -0.684  7.589   1.00 5.16  ? 40   ASN A CB  1 
ATOM   370 C  CG  . ASN A 1 41 ? -2.026  -1.351  8.561   1.00 6.48  ? 40   ASN A CG  1 
ATOM   371 O  OD1 . ASN A 1 41 ? -1.910  -2.573  8.601   1.00 7.57  ? 40   ASN A OD1 1 
ATOM   372 N  ND2 . ASN A 1 41 ? -1.265  -0.527  9.291   1.00 6.62  ? 40   ASN A ND2 1 
ATOM   373 N  N   . ASN A 1 42 ? -4.429  -0.504  4.666   1.00 3.60  ? 41   ASN A N   1 
ATOM   374 C  CA  . ASN A 1 42 ? -5.468  0.267   3.994   1.00 3.37  ? 41   ASN A CA  1 
ATOM   375 C  C   . ASN A 1 42 ? -6.676  0.178   4.924   1.00 3.59  ? 41   ASN A C   1 
ATOM   376 O  O   . ASN A 1 42 ? -7.345  -0.836  4.980   1.00 4.10  ? 41   ASN A O   1 
ATOM   377 C  CB  . ASN A 1 42 ? -5.733  -0.292  2.601   1.00 3.70  ? 41   ASN A CB  1 
ATOM   378 C  CG  . ASN A 1 42 ? -6.716  0.534   1.804   1.00 3.75  ? 41   ASN A CG  1 
ATOM   379 O  OD1 . ASN A 1 42 ? -7.578  1.222   2.388   1.00 4.29  ? 41   ASN A OD1 1 
ATOM   380 N  ND2 . ASN A 1 42 ? -6.583  0.518   0.468   1.00 4.19  ? 41   ASN A ND2 1 
ATOM   381 N  N   . ASP A 1 43 ? -6.926  1.275   5.683   1.00 3.71  ? 42   ASP A N   1 
ATOM   382 C  CA  . ASP A 1 43 ? -8.055  1.258   6.609   1.00 3.51  ? 42   ASP A CA  1 
ATOM   383 C  C   . ASP A 1 43 ? -9.382  1.396   5.867   1.00 3.68  ? 42   ASP A C   1 
ATOM   384 O  O   . ASP A 1 43 ? -10.418 0.964   6.426   1.00 4.83  ? 42   ASP A O   1 
ATOM   385 C  CB  . ASP A 1 43 ? -7.911  2.283   7.743   1.00 4.36  ? 42   ASP A CB  1 
ATOM   386 C  CG  . ASP A 1 43 ? -6.913  1.866   8.841   1.00 4.99  ? 42   ASP A CG  1 
ATOM   387 O  OD1 . ASP A 1 43 ? -6.412  0.722   8.797   1.00 5.93  ? 42   ASP A OD1 1 
ATOM   388 O  OD2 . ASP A 1 43 ? -6.636  2.699   9.753   1.00 6.13  ? 42   ASP A OD2 1 
ATOM   389 N  N   . THR A 1 44 ? -9.407  1.954   4.680   1.00 3.79  ? 43   THR A N   1 
ATOM   390 C  CA  . THR A 1 44 ? -10.639 1.953   3.886   1.00 4.02  ? 43   THR A CA  1 
ATOM   391 C  C   . THR A 1 44 ? -11.079 0.531   3.572   1.00 4.23  ? 43   THR A C   1 
ATOM   392 O  O   . THR A 1 44 ? -12.268 0.184   3.675   1.00 5.07  ? 43   THR A O   1 
ATOM   393 C  CB  . THR A 1 44 ? -10.466 2.782   2.616   1.00 4.24  ? 43   THR A CB  1 
ATOM   394 O  OG1 . THR A 1 44 ? -10.269 4.152   3.011   1.00 4.36  ? 43   THR A OG1 1 
ATOM   395 C  CG2 . THR A 1 44 ? -11.657 2.649   1.692   1.00 4.21  ? 43   THR A CG2 1 
ATOM   396 N  N   . THR A 1 45 ? -10.142 -0.348  3.163   1.00 4.09  ? 44   THR A N   1 
ATOM   397 C  CA  . THR A 1 45 ? -10.503 -1.700  2.741   1.00 5.40  ? 44   THR A CA  1 
ATOM   398 C  C   . THR A 1 45 ? -10.377 -2.741  3.877   1.00 5.38  ? 44   THR A C   1 
ATOM   399 O  O   . THR A 1 45 ? -10.967 -3.827  3.736   1.00 7.13  ? 44   THR A O   1 
ATOM   400 C  CB  . THR A 1 45 ? -9.620  -2.131  1.561   1.00 5.28  ? 44   THR A CB  1 
ATOM   401 O  OG1 . THR A 1 45 ? -8.308  -2.248  2.049   1.00 5.29  ? 44   THR A OG1 1 
ATOM   402 C  CG2 . THR A 1 45 ? -9.714  -1.164  0.399   1.00 5.81  ? 44   THR A CG2 1 
ATOM   403 N  N   A GLY A 1 46 ? -9.568  -2.461  4.877   0.50 5.61  ? 45   GLY A N   1 
ATOM   404 N  N   B GLY A 1 46 ? -9.702  -2.417  4.964   0.50 4.31  ? 45   GLY A N   1 
ATOM   405 C  CA  A GLY A 1 46 ? -9.309  -3.389  5.945   0.50 6.18  ? 45   GLY A CA  1 
ATOM   406 C  CA  B GLY A 1 46 ? -9.436  -3.379  6.007   0.50 5.04  ? 45   GLY A CA  1 
ATOM   407 C  C   A GLY A 1 46 ? -8.146  -4.330  5.744   0.50 4.94  ? 45   GLY A C   1 
ATOM   408 C  C   B GLY A 1 46 ? -8.396  -4.411  5.646   0.50 4.59  ? 45   GLY A C   1 
ATOM   409 O  O   A GLY A 1 46 ? -7.964  -5.226  6.574   0.50 6.09  ? 45   GLY A O   1 
ATOM   410 O  O   B GLY A 1 46 ? -8.510  -5.550  6.091   0.50 7.21  ? 45   GLY A O   1 
ATOM   411 N  N   A GLU A 1 47 ? -7.349  -4.172  4.685   0.50 5.05  ? 46   GLU A N   1 
ATOM   412 N  N   B GLU A 1 47 ? -7.360  -4.050  4.882   0.50 3.92  ? 46   GLU A N   1 
ATOM   413 C  CA  A GLU A 1 47 ? -6.286  -5.108  4.354   0.50 4.80  ? 46   GLU A CA  1 
ATOM   414 C  CA  B GLU A 1 47 ? -6.346  -4.998  4.468   0.50 3.96  ? 46   GLU A CA  1 
ATOM   415 C  C   A GLU A 1 47 ? -4.939  -4.487  4.682   0.50 5.05  ? 46   GLU A C   1 
ATOM   416 C  C   B GLU A 1 47 ? -4.946  -4.472  4.838   0.50 3.92  ? 46   GLU A C   1 
ATOM   417 O  O   A GLU A 1 47 ? -4.785  -3.265  4.770   0.50 6.14  ? 46   GLU A O   1 
ATOM   418 O  O   B GLU A 1 47 ? -4.758  -3.288  5.111   0.50 4.83  ? 46   GLU A O   1 
ATOM   419 C  CB  A GLU A 1 47 ? -6.329  -5.444  2.864   0.50 5.81  ? 46   GLU A CB  1 
ATOM   420 C  CB  B GLU A 1 47 ? -6.452  -5.278  2.941   0.50 4.06  ? 46   GLU A CB  1 
ATOM   421 C  CG  A GLU A 1 47 ? -7.677  -5.927  2.355   0.50 7.40  ? 46   GLU A CG  1 
ATOM   422 C  CG  B GLU A 1 47 ? -7.825  -5.785  2.473   0.50 5.36  ? 46   GLU A CG  1 
ATOM   423 C  CD  A GLU A 1 47 ? -8.255  -7.064  3.149   0.50 9.10  ? 46   GLU A CD  1 
ATOM   424 C  CD  B GLU A 1 47 ? -8.121  -7.254  2.791   0.50 7.48  ? 46   GLU A CD  1 
ATOM   425 O  OE1 A GLU A 1 47 ? -7.473  -7.862  3.706   0.50 9.20  ? 46   GLU A OE1 1 
ATOM   426 O  OE1 B GLU A 1 47 ? -7.194  -8.069  3.022   0.50 11.22 ? 46   GLU A OE1 1 
ATOM   427 O  OE2 A GLU A 1 47 ? -9.502  -7.243  3.122   0.50 12.83 ? 46   GLU A OE2 1 
ATOM   428 O  OE2 B GLU A 1 47 ? -9.332  -7.655  2.752   0.50 8.62  ? 46   GLU A OE2 1 
ATOM   429 N  N   . THR A 1 48 ? -3.953  -5.376  4.823   1.00 4.58  ? 47   THR A N   1 
ATOM   430 C  CA  . THR A 1 48 ? -2.566  -5.008  5.158   1.00 4.34  ? 47   THR A CA  1 
ATOM   431 C  C   . THR A 1 48 ? -1.633  -5.741  4.210   1.00 4.36  ? 47   THR A C   1 
ATOM   432 O  O   . THR A 1 48 ? -1.783  -6.976  4.000   1.00 4.95  ? 47   THR A O   1 
ATOM   433 C  CB  . THR A 1 48 ? -2.220  -5.436  6.600   1.00 6.26  ? 47   THR A CB  1 
ATOM   434 O  OG1 . THR A 1 48 ? -3.097  -4.780  7.506   1.00 8.50  ? 47   THR A OG1 1 
ATOM   435 C  CG2 . THR A 1 48 ? -0.774  -5.192  6.987   1.00 7.46  ? 47   THR A CG2 1 
ATOM   436 N  N   . GLY A 1 49 ? -0.645  -5.077  3.631   1.00 4.00  ? 48   GLY A N   1 
ATOM   437 C  CA  . GLY A 1 49 ? 0.320   -5.714  2.804   1.00 4.20  ? 48   GLY A CA  1 
ATOM   438 C  C   . GLY A 1 49 ? 1.138   -4.673  2.015   1.00 4.02  ? 48   GLY A C   1 
ATOM   439 O  O   . GLY A 1 49 ? 1.146   -3.479  2.340   1.00 4.03  ? 48   GLY A O   1 
ATOM   440 N  N   . LEU A 1 50 ? 1.862   -5.168  1.024   1.00 3.70  ? 49   LEU A N   1 
ATOM   441 C  CA  . LEU A 1 50 ? 2.809   -4.367  0.243   1.00 3.42  ? 49   LEU A CA  1 
ATOM   442 C  C   . LEU A 1 50 ? 2.108   -3.676  -0.944  1.00 3.78  ? 49   LEU A C   1 
ATOM   443 O  O   . LEU A 1 50 ? 1.248   -4.229  -1.602  1.00 4.28  ? 49   LEU A O   1 
ATOM   444 C  CB  . LEU A 1 50 ? 3.919   -5.254  -0.329  1.00 3.82  ? 49   LEU A CB  1 
ATOM   445 C  CG  . LEU A 1 50 ? 4.919   -5.808  0.683   1.00 4.59  ? 49   LEU A CG  1 
ATOM   446 C  CD1 . LEU A 1 50 ? 5.913   -6.680  -0.067  1.00 6.72  ? 49   LEU A CD1 1 
ATOM   447 C  CD2 . LEU A 1 50 ? 5.674   -4.793  1.448   1.00 6.25  ? 49   LEU A CD2 1 
ATOM   448 N  N   . VAL A 1 51 ? 2.600   -2.431  -1.201  1.00 4.03  ? 50   VAL A N   1 
ATOM   449 C  CA  . VAL A 1 51 ? 2.211   -1.664  -2.354  1.00 3.66  ? 50   VAL A CA  1 
ATOM   450 C  C   . VAL A 1 51 ? 3.478   -0.994  -2.916  1.00 4.29  ? 50   VAL A C   1 
ATOM   451 O  O   . VAL A 1 51 ? 4.459   -0.810  -2.204  1.00 4.01  ? 50   VAL A O   1 
ATOM   452 C  CB  . VAL A 1 51 ? 1.153   -0.590  -2.062  1.00 4.14  ? 50   VAL A CB  1 
ATOM   453 C  CG1 . VAL A 1 51 ? -0.107  -1.252  -1.463  1.00 4.36  ? 50   VAL A CG1 1 
ATOM   454 C  CG2 . VAL A 1 51 ? 1.681   0.495   -1.134  1.00 4.91  ? 50   VAL A CG2 1 
ATOM   455 N  N   . PRO A 1 52 ? 3.450   -0.545  -4.180  1.00 4.27  ? 51   PRO A N   1 
ATOM   456 C  CA  . PRO A 1 52 ? 4.653   0.141   -4.724  1.00 5.13  ? 51   PRO A CA  1 
ATOM   457 C  C   . PRO A 1 52 ? 4.853   1.454   -4.001  1.00 4.55  ? 51   PRO A C   1 
ATOM   458 O  O   . PRO A 1 52 ? 3.941   2.307   -3.899  1.00 5.06  ? 51   PRO A O   1 
ATOM   459 C  CB  . PRO A 1 52 ? 4.322   0.326   -6.195  1.00 5.73  ? 51   PRO A CB  1 
ATOM   460 C  CG  . PRO A 1 52 ? 3.278   -0.725  -6.506  1.00 5.99  ? 51   PRO A CG  1 
ATOM   461 C  CD  . PRO A 1 52 ? 2.447   -0.812  -5.229  1.00 5.23  ? 51   PRO A CD  1 
ATOM   462 N  N   . THR A 1 53 ? 6.098   1.720   -3.558  1.00 4.73  ? 52   THR A N   1 
ATOM   463 C  CA  . THR A 1 53 ? 6.396   2.895   -2.749  1.00 4.91  ? 52   THR A CA  1 
ATOM   464 C  C   . THR A 1 53 ? 6.052   4.206   -3.472  1.00 4.52  ? 52   THR A C   1 
ATOM   465 O  O   . THR A 1 53 ? 5.543   5.139   -2.823  1.00 5.27  ? 52   THR A O   1 
ATOM   466 C  CB  . THR A 1 53 ? 7.912   2.871   -2.402  1.00 5.16  ? 52   THR A CB  1 
ATOM   467 O  OG1 . THR A 1 53 ? 8.084   1.645   -1.694  1.00 5.12  ? 52   THR A OG1 1 
ATOM   468 C  CG2 . THR A 1 53 ? 8.350   4.066   -1.598  1.00 6.68  ? 52   THR A CG2 1 
ATOM   469 N  N   . THR A 1 54 ? 6.318   4.297   -4.755  1.00 4.45  ? 53   THR A N   1 
ATOM   470 C  CA  . THR A 1 54 ? 6.103   5.548   -5.489  1.00 5.38  ? 53   THR A CA  1 
ATOM   471 C  C   . THR A 1 54 ? 4.595   5.859   -5.653  1.00 5.52  ? 53   THR A C   1 
ATOM   472 O  O   . THR A 1 54 ? 4.248   6.964   -6.129  1.00 6.74  ? 53   THR A O   1 
ATOM   473 C  CB  . THR A 1 54 ? 6.807   5.600   -6.811  1.00 7.24  ? 53   THR A CB  1 
ATOM   474 O  OG1 . THR A 1 54 ? 6.298   4.523   -7.589  1.00 9.19  ? 53   THR A OG1 1 
ATOM   475 C  CG2 . THR A 1 54 ? 8.331   5.521   -6.628  1.00 8.33  ? 53   THR A CG2 1 
ATOM   476 N  N   . TYR A 1 55 ? 3.698   4.922   -5.335  1.00 4.47  ? 54   TYR A N   1 
ATOM   477 C  CA  . TYR A 1 55 ? 2.263   5.131   -5.573  1.00 4.46  ? 54   TYR A CA  1 
ATOM   478 C  C   . TYR A 1 55 ? 1.605   5.846   -4.370  1.00 5.00  ? 54   TYR A C   1 
ATOM   479 O  O   . TYR A 1 55 ? 0.416   6.248   -4.515  1.00 5.82  ? 54   TYR A O   1 
ATOM   480 C  CB  . TYR A 1 55 ? 1.548   3.807   -5.829  1.00 4.93  ? 54   TYR A CB  1 
ATOM   481 C  CG  . TYR A 1 55 ? 1.773   3.183   -7.187  1.00 4.83  ? 54   TYR A CG  1 
ATOM   482 C  CD1 . TYR A 1 55 ? 3.022   3.289   -7.869  1.00 8.93  ? 54   TYR A CD1 1 
ATOM   483 C  CD2 . TYR A 1 55 ? 0.766   2.487   -7.790  1.00 6.28  ? 54   TYR A CD2 1 
ATOM   484 C  CE1 . TYR A 1 55 ? 3.239   2.683   -9.087  1.00 9.67  ? 54   TYR A CE1 1 
ATOM   485 C  CE2 . TYR A 1 55 ? 0.963   1.865   -9.033  1.00 8.47  ? 54   TYR A CE2 1 
ATOM   486 C  CZ  . TYR A 1 55 ? 2.224   1.931   -9.651  1.00 8.36  ? 54   TYR A CZ  1 
ATOM   487 O  OH  . TYR A 1 55 ? 2.408   1.282   -10.856 1.00 12.60 ? 54   TYR A OH  1 
ATOM   488 N  N   . ILE A 1 56 ? 2.307   5.992   -3.264  1.00 4.28  ? 55   ILE A N   1 
ATOM   489 C  CA  . ILE A 1 56 ? 1.734   6.536   -2.049  1.00 4.12  ? 55   ILE A CA  1 
ATOM   490 C  C   . ILE A 1 56 ? 2.630   7.618   -1.486  1.00 5.35  ? 55   ILE A C   1 
ATOM   491 O  O   . ILE A 1 56 ? 3.796   7.785   -1.877  1.00 5.74  ? 55   ILE A O   1 
ATOM   492 C  CB  . ILE A 1 56 ? 1.544   5.417   -0.986  1.00 4.33  ? 55   ILE A CB  1 
ATOM   493 C  CG1 . ILE A 1 56 ? 2.865   4.831   -0.523  1.00 5.27  ? 55   ILE A CG1 1 
ATOM   494 C  CG2 . ILE A 1 56 ? 0.587   4.373   -1.508  1.00 4.84  ? 55   ILE A CG2 1 
ATOM   495 C  CD1 . ILE A 1 56 ? 2.738   3.836   0.591   1.00 5.50  ? 55   ILE A CD1 1 
ATOM   496 N  N   A ARG A 1 57 ? 2.059   8.427   -0.598  0.50 5.65  ? 56   ARG A N   1 
ATOM   497 N  N   B ARG A 1 57 ? 2.047   8.389   -0.570  0.50 5.64  ? 56   ARG A N   1 
ATOM   498 C  CA  A ARG A 1 57 ? 2.822   9.369   0.240   0.50 6.47  ? 56   ARG A CA  1 
ATOM   499 C  CA  B ARG A 1 57 ? 2.736   9.427   0.219   0.50 6.36  ? 56   ARG A CA  1 
ATOM   500 C  C   A ARG A 1 57 ? 2.490   9.019   1.683   0.50 6.17  ? 56   ARG A C   1 
ATOM   501 C  C   B ARG A 1 57 ? 2.499   9.062   1.674   0.50 6.49  ? 56   ARG A C   1 
ATOM   502 O  O   A ARG A 1 57 ? 1.323   9.126   2.125   0.50 8.56  ? 56   ARG A O   1 
ATOM   503 O  O   B ARG A 1 57 ? 1.341   8.917   2.128   0.50 8.05  ? 56   ARG A O   1 
ATOM   504 C  CB  A ARG A 1 57 ? 2.489   10.818  -0.025  0.50 6.49  ? 56   ARG A CB  1 
ATOM   505 C  CB  B ARG A 1 57 ? 2.225   10.807  -0.119  0.50 6.68  ? 56   ARG A CB  1 
ATOM   506 C  CG  A ARG A 1 57 ? 2.613   11.212  -1.409  0.50 7.21  ? 56   ARG A CG  1 
ATOM   507 C  CG  B ARG A 1 57 ? 2.440   11.116  -1.555  0.50 8.56  ? 56   ARG A CG  1 
ATOM   508 C  CD  A ARG A 1 57 ? 4.033   11.334  -1.940  0.50 9.06  ? 56   ARG A CD  1 
ATOM   509 C  CD  B ARG A 1 57 ? 3.915   11.179  -1.868  0.50 7.81  ? 56   ARG A CD  1 
ATOM   510 N  NE  A ARG A 1 57 ? 4.053   11.611  -3.377  0.50 8.73  ? 56   ARG A NE  1 
ATOM   511 N  NE  B ARG A 1 57 ? 4.298   11.556  -3.215  0.50 7.67  ? 56   ARG A NE  1 
ATOM   512 C  CZ  A ARG A 1 57 ? 4.348   10.725  -4.326  0.50 7.97  ? 56   ARG A CZ  1 
ATOM   513 C  CZ  B ARG A 1 57 ? 4.506   10.692  -4.203  0.50 8.80  ? 56   ARG A CZ  1 
ATOM   514 N  NH1 A ARG A 1 57 ? 4.815   9.503   -4.059  0.50 10.67 ? 56   ARG A NH1 1 
ATOM   515 N  NH1 B ARG A 1 57 ? 4.358   9.365   -4.064  0.50 5.31  ? 56   ARG A NH1 1 
ATOM   516 N  NH2 A ARG A 1 57 ? 4.384   11.119  -5.584  0.50 5.94  ? 56   ARG A NH2 1 
ATOM   517 N  NH2 B ARG A 1 57 ? 4.945   11.168  -5.382  0.50 6.50  ? 56   ARG A NH2 1 
ATOM   518 N  N   A ILE A 1 58 ? 3.487   8.525   2.406   0.50 6.08  ? 57   ILE A N   1 
ATOM   519 N  N   B ILE A 1 58 ? 3.583   8.842   2.408   0.50 8.44  ? 57   ILE A N   1 
ATOM   520 C  CA  A ILE A 1 58 ? 3.395   8.247   3.829   0.50 6.03  ? 57   ILE A CA  1 
ATOM   521 C  CA  B ILE A 1 58 ? 3.527   8.284   3.738   0.50 9.11  ? 57   ILE A CA  1 
ATOM   522 C  C   A ILE A 1 58 ? 4.493   8.975   4.579   0.50 7.16  ? 57   ILE A C   1 
ATOM   523 C  C   B ILE A 1 58 ? 4.844   8.453   4.483   0.50 8.80  ? 57   ILE A C   1 
ATOM   524 O  O   A ILE A 1 58 ? 5.133   9.893   4.022   0.50 10.36 ? 57   ILE A O   1 
ATOM   525 O  O   B ILE A 1 58 ? 5.859   8.737   3.827   0.50 11.65 ? 57   ILE A O   1 
ATOM   526 C  CB  A ILE A 1 58 ? 3.408   6.695   4.124   0.50 7.97  ? 57   ILE A CB  1 
ATOM   527 C  CB  B ILE A 1 58 ? 3.134   6.776   3.628   0.50 9.55  ? 57   ILE A CB  1 
ATOM   528 C  CG1 A ILE A 1 58 ? 4.507   5.960   3.327   0.50 7.41  ? 57   ILE A CG1 1 
ATOM   529 C  CG1 B ILE A 1 58 ? 2.438   6.286   4.906   0.50 8.86  ? 57   ILE A CG1 1 
ATOM   530 C  CG2 A ILE A 1 58 ? 2.056   6.076   3.821   0.50 7.19  ? 57   ILE A CG2 1 
ATOM   531 C  CG2 B ILE A 1 58 ? 4.327   5.883   3.254   0.50 12.22 ? 57   ILE A CG2 1 
ATOM   532 C  CD1 A ILE A 1 58 ? 5.919   6.229   3.771   0.50 10.60 ? 57   ILE A CD1 1 
ATOM   533 C  CD1 B ILE A 1 58 ? 1.775   4.981   4.708   0.50 10.05 ? 57   ILE A CD1 1 
ATOM   534 O  OXT A ILE A 1 58 ? 4.731   8.706   5.750   0.50 8.95  ? 57   ILE A OXT 1 
ATOM   535 O  OXT B ILE A 1 58 ? 4.905   8.182   5.696   0.50 9.98  ? 57   ILE A OXT 1 
HETATM 536 MG MG  . MG  B 2 .  ? 4.021   -14.873 -1.454  1.00 7.26  ? 1031 MG  A MG  1 
HETATM 537 X  UNK . UNX C 3 .  ? 5.393   9.759   -2.861  0.50 11.24 ? 1001 UNX A UNK 1 
HETATM 538 O  O   . HOH D 4 .  ? 8.598   3.448   2.324   1.00 7.28  ? 1032 HOH A O   1 
HETATM 539 O  O   . HOH D 4 .  ? 5.246   9.114   -7.454  1.00 6.18  ? 1033 HOH A O   1 
HETATM 540 O  O   . HOH D 4 .  ? -5.676  8.546   -0.444  1.00 6.39  ? 1034 HOH A O   1 
HETATM 541 O  O   . HOH D 4 .  ? 4.415   10.946  -9.354  1.00 5.59  ? 1035 HOH A O   1 
HETATM 542 O  O   . HOH D 4 .  ? -6.477  -5.945  -1.110  1.00 7.33  ? 1036 HOH A O   1 
HETATM 543 O  O   . HOH D 4 .  ? -11.932 2.216   -1.776  1.00 6.46  ? 1037 HOH A O   1 
HETATM 544 O  O   . HOH D 4 .  ? -6.741  -3.232  0.142   1.00 6.28  ? 1038 HOH A O   1 
HETATM 545 O  O   . HOH D 4 .  ? -10.458 -0.549  8.692   1.00 7.61  ? 1039 HOH A O   1 
HETATM 546 O  O   . HOH D 4 .  ? -4.325  -8.023  -10.305 1.00 9.20  ? 1040 HOH A O   1 
HETATM 547 O  O   . HOH D 4 .  ? -10.087 6.153   -6.434  1.00 10.96 ? 1041 HOH A O   1 
HETATM 548 O  O   . HOH D 4 .  ? -8.719  -5.791  -4.801  0.50 7.11  ? 1042 HOH A O   1 
HETATM 549 O  O   . HOH D 4 .  ? -1.586  -4.738  -10.468 1.00 10.36 ? 1043 HOH A O   1 
HETATM 550 O  O   A HOH D 4 .  ? -3.935  13.499  -6.036  0.50 7.46  ? 1044 HOH A O   1 
HETATM 551 O  O   B HOH D 4 .  ? 10.168  0.881   8.771   0.50 7.98  ? 1044 HOH A O   1 
HETATM 552 O  O   . HOH D 4 .  ? 8.605   -2.458  3.104   1.00 7.91  ? 1045 HOH A O   1 
HETATM 553 O  O   . HOH D 4 .  ? -4.847  -8.096  4.573   1.00 10.53 ? 1046 HOH A O   1 
HETATM 554 O  O   . HOH D 4 .  ? 3.893   -8.319  -8.257  1.00 13.51 ? 1047 HOH A O   1 
HETATM 555 O  O   A HOH D 4 .  ? -6.365  -1.865  7.650   0.50 5.45  ? 1048 HOH A O   1 
HETATM 556 O  O   B HOH D 4 .  ? -7.948  -1.636  8.818   0.50 9.64  ? 1048 HOH A O   1 
HETATM 557 O  O   . HOH D 4 .  ? 8.296   2.023   -5.856  1.00 12.08 ? 1049 HOH A O   1 
HETATM 558 O  O   . HOH D 4 .  ? 14.871  -3.314  -5.979  1.00 17.27 ? 1050 HOH A O   1 
HETATM 559 O  O   . HOH D 4 .  ? -9.073  -6.345  -2.234  1.00 11.41 ? 1051 HOH A O   1 
HETATM 560 O  O   A HOH D 4 .  ? -4.730  8.254   4.817   0.50 7.57  ? 1052 HOH A O   1 
HETATM 561 O  O   B HOH D 4 .  ? -4.489  7.975   3.120   0.50 10.61 ? 1052 HOH A O   1 
HETATM 562 O  O   . HOH D 4 .  ? 6.688   -5.422  7.298   1.00 12.54 ? 1053 HOH A O   1 
HETATM 563 O  O   . HOH D 4 .  ? -11.664 4.187   -5.282  1.00 12.89 ? 1054 HOH A O   1 
HETATM 564 O  O   . HOH D 4 .  ? 2.340   -8.687  3.194   1.00 12.12 ? 1055 HOH A O   1 
HETATM 565 O  O   . HOH D 4 .  ? 5.937   -11.478 -5.502  1.00 14.62 ? 1056 HOH A O   1 
HETATM 566 O  O   . HOH D 4 .  ? 4.503   -13.090 -2.362  1.00 9.94  ? 1057 HOH A O   1 
HETATM 567 O  O   . HOH D 4 .  ? -3.831  6.035   -10.779 1.00 13.52 ? 1058 HOH A O   1 
HETATM 568 O  O   . HOH D 4 .  ? -9.410  -5.347  9.165   1.00 18.83 ? 1059 HOH A O   1 
HETATM 569 O  O   . HOH D 4 .  ? -5.395  10.945  -3.759  1.00 23.49 ? 1060 HOH A O   1 
HETATM 570 O  O   . HOH D 4 .  ? -11.312 -5.831  1.846   1.00 11.98 ? 1061 HOH A O   1 
HETATM 571 O  O   A HOH D 4 .  ? 11.742  -0.519  6.939   0.50 8.72  ? 1062 HOH A O   1 
HETATM 572 O  O   B HOH D 4 .  ? 11.307  -1.438  7.009   0.50 11.19 ? 1062 HOH A O   1 
HETATM 573 O  O   . HOH D 4 .  ? -6.475  -9.138  -7.403  1.00 18.14 ? 1063 HOH A O   1 
HETATM 574 O  O   A HOH D 4 .  ? -15.257 1.683   1.331   0.50 8.03  ? 1064 HOH A O   1 
HETATM 575 O  O   B HOH D 4 .  ? -14.650 0.713   2.068   0.50 10.11 ? 1064 HOH A O   1 
HETATM 576 O  O   . HOH D 4 .  ? -13.455 0.247   -0.381  1.00 6.90  ? 1065 HOH A O   1 
HETATM 577 O  O   . HOH D 4 .  ? 3.942   -14.068 0.449   1.00 8.47  ? 1066 HOH A O   1 
HETATM 578 O  O   . HOH D 4 .  ? 3.536   -16.772 -0.825  1.00 10.46 ? 1067 HOH A O   1 
HETATM 579 O  O   . HOH D 4 .  ? 4.045   -15.576 -3.383  1.00 10.98 ? 1068 HOH A O   1 
HETATM 580 O  O   . HOH D 4 .  ? -6.440  11.217  0.104   1.00 18.06 ? 1069 HOH A O   1 
HETATM 581 O  O   . HOH D 4 .  ? -3.781  -12.123 -8.616  1.00 18.00 ? 1070 HOH A O   1 
HETATM 582 O  O   . HOH D 4 .  ? 4.532   14.710  -1.848  1.00 9.77  ? 1071 HOH A O   1 
HETATM 583 O  O   . HOH D 4 .  ? -3.031  -1.981  -10.842 1.00 14.63 ? 1072 HOH A O   1 
HETATM 584 O  O   . HOH D 4 .  ? -8.178  5.956   -9.628  0.50 10.90 ? 1073 HOH A O   1 
HETATM 585 O  O   . HOH D 4 .  ? 1.079   -14.986 -4.474  0.50 15.18 ? 1074 HOH A O   1 
HETATM 586 O  O   . HOH D 4 .  ? 10.613  5.035   1.139   1.00 17.71 ? 1075 HOH A O   1 
HETATM 587 O  O   . HOH D 4 .  ? -1.519  18.264  -0.849  1.00 16.61 ? 1076 HOH A O   1 
HETATM 588 O  O   . HOH D 4 .  ? -6.000  -8.213  0.130   1.00 17.18 ? 1077 HOH A O   1 
HETATM 589 O  O   . HOH D 4 .  ? 12.449  2.842   -2.770  1.00 17.73 ? 1078 HOH A O   1 
HETATM 590 O  O   . HOH D 4 .  ? -1.542  3.407   -11.292 1.00 19.86 ? 1079 HOH A O   1 
HETATM 591 O  O   . HOH D 4 .  ? 6.109   8.578   0.894   1.00 24.98 ? 1080 HOH A O   1 
HETATM 592 O  O   A HOH D 4 .  ? 1.669   -16.228 2.664   0.50 9.43  ? 1081 HOH A O   1 
HETATM 593 O  O   B HOH D 4 .  ? 0.547   -15.453 3.192   0.50 14.83 ? 1081 HOH A O   1 
HETATM 594 O  O   A HOH D 4 .  ? 12.271  4.059   2.610   0.50 13.53 ? 1082 HOH A O   1 
HETATM 595 O  O   B HOH D 4 .  ? 12.125  5.839   3.352   0.50 21.33 ? 1082 HOH A O   1 
HETATM 596 O  O   . HOH D 4 .  ? -13.855 -3.642  2.419   1.00 20.23 ? 1083 HOH A O   1 
HETATM 597 O  O   A HOH D 4 .  ? -8.579  -2.631  9.255   0.50 9.42  ? 1084 HOH A O   1 
HETATM 598 O  O   B HOH D 4 .  ? -7.538  -3.771  10.092  0.50 14.55 ? 1084 HOH A O   1 
HETATM 599 O  O   . HOH D 4 .  ? 12.413  -2.268  -7.311  1.00 17.94 ? 1085 HOH A O   1 
HETATM 600 O  O   . HOH D 4 .  ? 5.722   5.864   -9.939  1.00 19.44 ? 1086 HOH A O   1 
HETATM 601 O  O   . HOH D 4 .  ? 6.808   7.652   -2.639  1.00 19.78 ? 1087 HOH A O   1 
HETATM 602 O  O   A HOH D 4 .  ? 11.712  -6.054  -5.767  0.50 10.89 ? 1088 HOH A O   1 
HETATM 603 O  O   B HOH D 4 .  ? -4.801  8.031   6.509   0.50 15.55 ? 1088 HOH A O   1 
HETATM 604 O  O   . HOH D 4 .  ? 7.751   -1.712  -7.026  1.00 25.66 ? 1089 HOH A O   1 
HETATM 605 O  O   . HOH D 4 .  ? 3.658   -5.892  -9.877  1.00 20.30 ? 1090 HOH A O   1 
HETATM 606 O  O   . HOH D 4 .  ? -2.514  10.654  7.599   1.00 19.84 ? 1091 HOH A O   1 
HETATM 607 O  O   . HOH D 4 .  ? 1.035   -8.186  5.496   1.00 23.28 ? 1092 HOH A O   1 
HETATM 608 O  O   . HOH D 4 .  ? 17.604  -0.368  3.542   1.00 15.01 ? 1093 HOH A O   1 
HETATM 609 O  O   . HOH D 4 .  ? 13.856  1.656   5.390   1.00 27.81 ? 1094 HOH A O   1 
HETATM 610 O  O   . HOH D 4 .  ? -0.947  -10.894 3.260   1.00 30.30 ? 1095 HOH A O   1 
HETATM 611 O  O   . HOH D 4 .  ? 14.603  2.351   -1.274  1.00 17.77 ? 1096 HOH A O   1 
HETATM 612 O  O   . HOH D 4 .  ? 10.960  3.315   -5.054  0.50 9.54  ? 1097 HOH A O   1 
HETATM 613 O  O   . HOH D 4 .  ? 11.595  5.745   -1.308  0.50 14.56 ? 1098 HOH A O   1 
HETATM 614 O  O   . HOH D 4 .  ? 9.518   -6.089  -7.321  1.00 18.51 ? 1099 HOH A O   1 
HETATM 615 O  O   . HOH D 4 .  ? 17.297  1.715   1.348   1.00 24.98 ? 1100 HOH A O   1 
HETATM 616 O  O   . HOH D 4 .  ? 3.123   6.328   -10.678 1.00 29.33 ? 1101 HOH A O   1 
HETATM 617 O  O   . HOH D 4 .  ? -1.853  -9.088  1.432   1.00 23.94 ? 1102 HOH A O   1 
HETATM 618 O  O   . HOH D 4 .  ? 4.527   -1.343  12.209  1.00 25.19 ? 1103 HOH A O   1 
HETATM 619 O  O   . HOH D 4 .  ? -9.161  7.178   -8.800  0.50 12.42 ? 1104 HOH A O   1 
HETATM 620 O  O   . HOH D 4 .  ? -4.531  -9.353  2.011   1.00 23.29 ? 1105 HOH A O   1 
HETATM 621 O  O   . HOH D 4 .  ? 6.520   6.831   -0.836  1.00 24.96 ? 1106 HOH A O   1 
HETATM 622 O  O   . HOH D 4 .  ? 5.986   -11.644 -7.723  1.00 40.16 ? 1107 HOH A O   1 
HETATM 623 O  O   . HOH D 4 .  ? 14.792  2.641   1.581   1.00 26.97 ? 1108 HOH A O   1 
HETATM 624 O  O   . HOH D 4 .  ? 3.261   -10.769 -9.424  1.00 24.13 ? 1109 HOH A O   1 
HETATM 625 O  O   . HOH D 4 .  ? -0.968  -3.986  10.706  1.00 22.09 ? 1110 HOH A O   1 
HETATM 626 O  O   A HOH D 4 .  ? -5.537  -4.424  8.290   0.50 15.27 ? 1111 HOH A O   1 
HETATM 627 O  O   B HOH D 4 .  ? -5.946  -2.722  7.559   0.50 14.53 ? 1111 HOH A O   1 
HETATM 628 O  O   . HOH D 4 .  ? -12.193 8.670   -5.447  1.00 28.00 ? 1112 HOH A O   1 
HETATM 629 O  O   . HOH D 4 .  ? 16.229  0.572   5.497   1.00 24.13 ? 1113 HOH A O   1 
HETATM 630 O  O   . HOH D 4 .  ? 11.300  3.344   9.672   1.00 21.46 ? 1114 HOH A O   1 
HETATM 631 O  O   . HOH D 4 .  ? -2.219  -7.027  10.147  1.00 35.91 ? 1115 HOH A O   1 
HETATM 632 O  O   . HOH D 4 .  ? 4.708   1.733   -12.081 1.00 25.69 ? 1116 HOH A O   1 
HETATM 633 O  O   . HOH D 4 .  ? 13.774  -2.272  8.266   1.00 27.86 ? 1117 HOH A O   1 
HETATM 634 O  O   A HOH D 4 .  ? 7.530   9.190   6.164   0.50 13.66 ? 1118 HOH A O   1 
HETATM 635 O  O   B HOH D 4 .  ? 9.106   8.693   9.243   0.50 13.30 ? 1118 HOH A O   1 
HETATM 636 O  O   . HOH D 4 .  ? 6.029   -15.301 -1.211  1.00 7.66  ? 1119 HOH A O   1 
HETATM 637 O  O   . HOH D 4 .  ? 10.436  3.539   -9.447  1.00 20.06 ? 1120 HOH A O   1 
HETATM 638 O  O   . HOH D 4 .  ? -1.510  -9.227  5.812   1.00 25.63 ? 1121 HOH A O   1 
HETATM 639 O  O   . HOH D 4 .  ? 5.367   -2.723  -9.512  1.00 46.64 ? 1122 HOH A O   1 
HETATM 640 O  O   . HOH D 4 .  ? -8.656  12.245  -0.917  1.00 33.03 ? 1123 HOH A O   1 
HETATM 641 O  O   . HOH D 4 .  ? 0.487   12.525  2.648   1.00 35.95 ? 1124 HOH A O   1 
HETATM 642 O  O   . HOH D 4 .  ? 16.245  -1.248  7.511   1.00 36.49 ? 1125 HOH A O   1 
HETATM 643 O  O   . HOH D 4 .  ? 0.833   -0.601  -11.853 1.00 22.08 ? 1126 HOH A O   1 
HETATM 644 O  O   . HOH D 4 .  ? 10.546  2.307   -7.155  0.50 10.88 ? 1127 HOH A O   1 
HETATM 645 O  O   . HOH D 4 .  ? 1.637   -13.453 1.757   0.50 8.12  ? 1128 HOH A O   1 
HETATM 646 O  O   . HOH D 4 .  ? 7.873   2.437   -8.433  1.00 25.07 ? 1129 HOH A O   1 
HETATM 647 O  O   . HOH D 4 .  ? 1.668   -6.152  9.478   1.00 25.49 ? 1130 HOH A O   1 
HETATM 648 O  O   . HOH D 4 .  ? 0.928   4.259   -12.076 1.00 30.82 ? 1131 HOH A O   1 
HETATM 649 O  O   . HOH D 4 .  ? 8.156   10.946  7.742   1.00 34.83 ? 1132 HOH A O   1 
HETATM 650 O  O   . HOH D 4 .  ? 2.781   14.756  -0.281  1.00 24.97 ? 1133 HOH A O   1 
HETATM 651 O  O   . HOH D 4 .  ? -9.411  10.024  -8.427  1.00 34.80 ? 1134 HOH A O   1 
HETATM 652 O  O   . HOH D 4 .  ? 9.284   7.688   4.303   0.50 16.22 ? 1135 HOH A O   1 
HETATM 653 O  O   . HOH D 4 .  ? -3.550  -12.084 0.340   1.00 35.07 ? 1136 HOH A O   1 
HETATM 654 O  O   . HOH D 4 .  ? -3.167  -12.486 -4.812  1.00 35.29 ? 1137 HOH A O   1 
HETATM 655 O  O   . HOH D 4 .  ? 11.722  8.244   8.700   1.00 34.12 ? 1138 HOH A O   1 
HETATM 656 O  O   . HOH D 4 .  ? 2.287   -7.569  7.181   1.00 27.89 ? 1139 HOH A O   1 
HETATM 657 O  O   . HOH D 4 .  ? -7.499  -10.790 3.463   1.00 37.09 ? 1140 HOH A O   1 
HETATM 658 O  O   . HOH D 4 .  ? 6.535   -8.567  -8.068  1.00 31.84 ? 1141 HOH A O   1 
HETATM 659 O  O   . HOH D 4 .  ? 1.185   -18.187 -0.877  1.00 28.11 ? 1142 HOH A O   1 
HETATM 660 O  O   . HOH D 4 .  ? 6.130   3.798   -11.946 1.00 36.62 ? 1143 HOH A O   1 
HETATM 661 O  O   . HOH D 4 .  ? -4.866  -8.557  7.206   1.00 32.84 ? 1144 HOH A O   1 
HETATM 662 O  O   . HOH D 4 .  ? 3.120   -9.809  6.994   1.00 38.61 ? 1145 HOH A O   1 
HETATM 663 O  O   . HOH D 4 .  ? 1.923   10.567  8.200   1.00 29.85 ? 1146 HOH A O   1 
HETATM 664 O  O   . HOH D 4 .  ? 1.934   11.826  4.876   1.00 36.98 ? 1147 HOH A O   1 
HETATM 665 O  O   . HOH D 4 .  ? 4.231   -6.706  10.288  1.00 39.53 ? 1148 HOH A O   1 
HETATM 666 O  O   . HOH D 4 .  ? 2.196   6.329   -13.228 1.00 41.31 ? 1149 HOH A O   1 
HETATM 667 O  O   . HOH D 4 .  ? 5.489   -7.846  8.584   1.00 32.58 ? 1150 HOH A O   1 
HETATM 668 O  O   . HOH D 4 .  ? -5.095  12.274  2.748   1.00 35.11 ? 1151 HOH A O   1 
HETATM 669 O  O   . HOH D 4 .  ? 5.239   -4.766  11.743  1.00 30.33 ? 1152 HOH A O   1 
HETATM 670 O  O   . HOH D 4 .  ? -2.760  15.114  -2.452  1.00 21.79 ? 1153 HOH A O   1 
HETATM 671 O  O   . HOH D 4 .  ? 1.097   -4.698  11.522  1.00 30.68 ? 1154 HOH A O   1 
HETATM 672 O  O   . HOH D 4 .  ? 0.201   -0.063  11.570  1.00 35.38 ? 1155 HOH A O   1 
HETATM 673 O  O   . HOH D 4 .  ? -11.199 -6.438  4.903   1.00 36.45 ? 1156 HOH A O   1 
HETATM 674 O  O   . HOH D 4 .  ? -5.781  -6.266  7.903   1.00 29.62 ? 1157 HOH A O   1 
HETATM 675 O  O   . HOH D 4 .  ? 9.659   5.506   9.327   0.50 11.54 ? 1158 HOH A O   1 
HETATM 676 O  O   . HOH D 4 .  ? -3.493  16.417  3.009   1.00 34.46 ? 1159 HOH A O   1 
HETATM 677 O  O   . HOH D 4 .  ? -7.986  11.332  -4.381  1.00 29.78 ? 1160 HOH A O   1 
HETATM 678 O  O   . HOH D 4 .  ? -0.668  6.545   -14.017 1.00 35.45 ? 1161 HOH A O   1 
HETATM 679 O  O   . HOH D 4 .  ? 9.145   -8.445  -8.333  1.00 35.96 ? 1162 HOH A O   1 
HETATM 680 O  O   . HOH D 4 .  ? -2.908  -15.386 1.901   1.00 36.01 ? 1163 HOH A O   1 
HETATM 681 O  O   . HOH D 4 .  ? 7.738   -6.491  -9.344  1.00 40.54 ? 1164 HOH A O   1 
# 
loop_
_atom_site_anisotrop.id 
_atom_site_anisotrop.type_symbol 
_atom_site_anisotrop.pdbx_label_atom_id 
_atom_site_anisotrop.pdbx_label_alt_id 
_atom_site_anisotrop.pdbx_label_comp_id 
_atom_site_anisotrop.pdbx_label_asym_id 
_atom_site_anisotrop.pdbx_label_seq_id 
_atom_site_anisotrop.pdbx_PDB_ins_code 
_atom_site_anisotrop.U[1][1] 
_atom_site_anisotrop.U[2][2] 
_atom_site_anisotrop.U[3][3] 
_atom_site_anisotrop.U[1][2] 
_atom_site_anisotrop.U[1][3] 
_atom_site_anisotrop.U[2][3] 
_atom_site_anisotrop.pdbx_auth_seq_id 
_atom_site_anisotrop.pdbx_auth_comp_id 
_atom_site_anisotrop.pdbx_auth_asym_id 
_atom_site_anisotrop.pdbx_auth_atom_id 
1   N  N   . GLU A 3  ? 0.3464 0.2135 0.2744 0.0189  -0.0177 0.0057  2    GLU A N   
2   C  CA  . GLU A 3  ? 0.3253 0.1774 0.2409 0.0115  -0.0048 -0.0342 2    GLU A CA  
3   C  C   . GLU A 3  ? 0.3252 0.1063 0.1685 -0.0056 -0.0173 -0.0244 2    GLU A C   
4   O  O   . GLU A 3  ? 0.4043 0.0998 0.2106 -0.0457 0.0064  0.0085  2    GLU A O   
5   C  CB  . GLU A 3  ? 0.3440 0.2635 0.3003 0.0120  -0.0013 -0.0077 2    GLU A CB  
6   N  N   . ASN A 4  ? 0.2775 0.0838 0.1006 0.0277  -0.0443 -0.0302 3    ASN A N   
7   C  CA  . ASN A 4  ? 0.1692 0.0652 0.0968 -0.0003 -0.0001 -0.0178 3    ASN A CA  
8   C  C   . ASN A 4  ? 0.1392 0.0836 0.1116 0.0102  0.0008  -0.0295 3    ASN A C   
9   O  O   . ASN A 4  ? 0.1803 0.1744 0.1044 0.0493  -0.0058 -0.0435 3    ASN A O   
10  C  CB  . ASN A 4  ? 0.1150 0.1124 0.0872 -0.0137 -0.0165 -0.0037 3    ASN A CB  
11  C  CG  . ASN A 4  ? 0.1033 0.0751 0.0914 -0.0145 -0.0082 -0.0218 3    ASN A CG  
12  O  OD1 . ASN A 4  ? 0.1158 0.1016 0.1075 -0.0294 -0.0168 -0.0053 3    ASN A OD1 
13  N  ND2 . ASN A 4  ? 0.1136 0.0864 0.0978 -0.0194 -0.0227 -0.0040 3    ASN A ND2 
14  N  N   . LYS A 5  ? 0.1074 0.0768 0.0935 -0.0124 -0.0017 -0.0309 4    LYS A N   
15  C  CA  . LYS A 5  ? 0.1206 0.0712 0.1062 -0.0079 -0.0232 -0.0100 4    LYS A CA  
16  C  C   . LYS A 5  ? 0.0911 0.0572 0.0898 -0.0057 0.0194  -0.0208 4    LYS A C   
17  O  O   . LYS A 5  ? 0.0932 0.0826 0.1004 -0.0104 0.0021  -0.0227 4    LYS A O   
18  C  CB  . LYS A 5  ? 0.1639 0.1058 0.0958 0.0104  -0.0178 0.0007  4    LYS A CB  
19  C  CG  . LYS A 5  ? 0.2175 0.1670 0.1808 -0.0012 0.0051  -0.0024 4    LYS A CG  
20  C  CD  . LYS A 5  ? 0.2723 0.1666 0.2316 0.0084  -0.0078 0.0105  4    LYS A CD  
21  C  CE  . LYS A 5  ? 0.3297 0.2122 0.2735 -0.0133 0.0276  -0.0181 4    LYS A CE  
22  N  NZ  . LYS A 5  ? 0.3415 0.2431 0.1750 0.0274  0.0549  -0.0046 4    LYS A NZ  
23  N  N   . VAL A 6  ? 0.0652 0.0506 0.0742 -0.0118 0.0138  -0.0103 5    VAL A N   
24  C  CA  . VAL A 6  ? 0.0661 0.0399 0.0543 -0.0020 0.0087  0.0035  5    VAL A CA  
25  C  C   . VAL A 6  ? 0.0721 0.0340 0.0665 -0.0076 0.0050  0.0166  5    VAL A C   
26  O  O   . VAL A 6  ? 0.0836 0.0460 0.1153 0.0008  0.0044  0.0304  5    VAL A O   
27  C  CB  . VAL A 6  ? 0.0645 0.0402 0.0567 -0.0037 0.0080  0.0024  5    VAL A CB  
28  C  CG1 . VAL A 6  ? 0.0694 0.0375 0.0604 -0.0012 0.0028  0.0167  5    VAL A CG1 
29  C  CG2 . VAL A 6  ? 0.0865 0.0476 0.0483 -0.0015 0.0146  0.0025  5    VAL A CG2 
30  N  N   A LEU A 7  ? 0.0854 0.0530 0.0508 -0.0107 0.0069  0.0239  6    LEU A N   
31  N  N   B LEU A 7  ? 0.0701 0.0394 0.0479 0.0004  -0.0070 0.0134  6    LEU A N   
32  C  CA  A LEU A 7  ? 0.1018 0.0546 0.0627 -0.0190 -0.0025 0.0048  6    LEU A CA  
33  C  CA  B LEU A 7  ? 0.0627 0.0417 0.0592 -0.0039 -0.0028 -0.0085 6    LEU A CA  
34  C  C   A LEU A 7  ? 0.0899 0.0575 0.0545 -0.0048 0.0008  0.0131  6    LEU A C   
35  C  C   B LEU A 7  ? 0.0753 0.0403 0.0623 -0.0149 -0.0018 0.0086  6    LEU A C   
36  O  O   A LEU A 7  ? 0.0723 0.0386 0.0554 0.0073  0.0015  0.0116  6    LEU A O   
37  O  O   B LEU A 7  ? 0.0712 0.0435 0.0466 -0.0067 0.0038  0.0069  6    LEU A O   
38  C  CB  A LEU A 7  ? 0.1086 0.0732 0.0285 -0.0605 -0.0059 0.0076  6    LEU A CB  
39  C  CB  B LEU A 7  ? 0.0580 0.0265 0.0515 0.0029  0.0039  0.0051  6    LEU A CB  
40  C  CG  A LEU A 7  ? 0.1269 0.0805 0.1155 -0.0279 0.0103  0.0167  6    LEU A CG  
41  C  CG  B LEU A 7  ? 0.0861 0.0477 0.0512 -0.0292 0.0160  0.0057  6    LEU A CG  
42  C  CD1 A LEU A 7  ? 0.1315 0.1298 0.1461 -0.0471 0.0065  -0.0004 6    LEU A CD1 
43  C  CD1 B LEU A 7  ? 0.0728 0.0499 0.0415 -0.0301 -0.0044 0.0120  6    LEU A CD1 
44  C  CD2 A LEU A 7  ? 0.1599 0.1170 0.0993 0.0114  -0.0040 0.0104  6    LEU A CD2 
45  C  CD2 B LEU A 7  ? 0.1006 0.0267 0.0763 -0.0098 0.0224  -0.0013 6    LEU A CD2 
46  N  N   . TYR A 8  ? 0.0778 0.0393 0.0568 0.0008  -0.0053 0.0074  7    TYR A N   
47  C  CA  . TYR A 8  ? 0.0936 0.0348 0.0659 0.0030  0.0115  0.0160  7    TYR A CA  
48  C  C   . TYR A 8  ? 0.0842 0.0414 0.0578 -0.0074 0.0084  -0.0100 7    TYR A C   
49  O  O   . TYR A 8  ? 0.1001 0.0409 0.0516 -0.0047 -0.0075 0.0149  7    TYR A O   
50  C  CB  . TYR A 8  ? 0.0977 0.0522 0.0869 -0.0033 0.0280  0.0106  7    TYR A CB  
51  C  CG  . TYR A 8  ? 0.1050 0.0455 0.0696 -0.0007 0.0139  0.0115  7    TYR A CG  
52  C  CD1 . TYR A 8  ? 0.1180 0.0699 0.0745 -0.0347 -0.0066 0.0028  7    TYR A CD1 
53  C  CD2 . TYR A 8  ? 0.0887 0.0757 0.0847 -0.0130 -0.0111 0.0419  7    TYR A CD2 
54  C  CE1 . TYR A 8  ? 0.1106 0.0749 0.0536 -0.0241 -0.0035 0.0119  7    TYR A CE1 
55  C  CE2 . TYR A 8  ? 0.0890 0.0893 0.0851 -0.0251 -0.0179 0.0198  7    TYR A CE2 
56  C  CZ  . TYR A 8  ? 0.0899 0.0506 0.0770 -0.0189 0.0043  0.0043  7    TYR A CZ  
57  O  OH  . TYR A 8  ? 0.1026 0.0774 0.0766 -0.0365 -0.0052 0.0160  7    TYR A OH  
58  N  N   . ALA A 9  ? 0.0980 0.0436 0.0428 -0.0130 0.0041  0.0051  8    ALA A N   
59  C  CA  . ALA A 9  ? 0.0932 0.0485 0.0462 -0.0093 0.0107  0.0005  8    ALA A CA  
60  C  C   . ALA A 9  ? 0.0976 0.0418 0.0356 -0.0083 0.0119  0.0021  8    ALA A C   
61  O  O   . ALA A 9  ? 0.1355 0.0616 0.0588 0.0138  0.0321  0.0067  8    ALA A O   
62  C  CB  . ALA A 9  ? 0.1067 0.0626 0.0662 -0.0014 0.0059  -0.0002 8    ALA A CB  
63  N  N   . TYR A 10 ? 0.0834 0.0376 0.0406 -0.0079 0.0160  0.0030  9    TYR A N   
64  C  CA  . TYR A 10 ? 0.0855 0.0370 0.0378 -0.0084 0.0112  -0.0051 9    TYR A CA  
65  C  C   . TYR A 10 ? 0.0789 0.0443 0.0334 0.0092  0.0052  0.0035  9    TYR A C   
66  O  O   . TYR A 10 ? 0.1059 0.0377 0.0433 -0.0088 0.0172  -0.0025 9    TYR A O   
67  C  CB  . TYR A 10 ? 0.0852 0.0392 0.0586 -0.0079 0.0038  -0.0039 9    TYR A CB  
68  C  CG  . TYR A 10 ? 0.0722 0.0540 0.0499 0.0000  -0.0062 -0.0005 9    TYR A CG  
69  C  CD1 . TYR A 10 ? 0.0756 0.0695 0.0667 -0.0094 -0.0003 0.0005  9    TYR A CD1 
70  C  CD2 . TYR A 10 ? 0.0704 0.0716 0.0458 -0.0018 -0.0072 -0.0126 9    TYR A CD2 
71  C  CE1 . TYR A 10 ? 0.0816 0.0780 0.0474 0.0053  0.0104  -0.0071 9    TYR A CE1 
72  C  CE2 . TYR A 10 ? 0.0734 0.0638 0.0518 0.0036  -0.0092 0.0039  9    TYR A CE2 
73  C  CZ  . TYR A 10 ? 0.0654 0.0630 0.0534 0.0038  -0.0050 -0.0017 9    TYR A CZ  
74  O  OH  . TYR A 10 ? 0.0938 0.0844 0.0622 0.0269  -0.0018 -0.0048 9    TYR A OH  
75  N  N   . VAL A 11 ? 0.0788 0.0463 0.0392 0.0030  0.0070  -0.0105 10   VAL A N   
76  C  CA  . VAL A 11 ? 0.0712 0.0374 0.0541 -0.0060 0.0038  -0.0125 10   VAL A CA  
77  C  C   . VAL A 11 ? 0.0699 0.0487 0.0406 -0.0073 -0.0090 -0.0158 10   VAL A C   
78  O  O   . VAL A 11 ? 0.0788 0.0534 0.0533 0.0059  -0.0107 -0.0061 10   VAL A O   
79  C  CB  . VAL A 11 ? 0.0835 0.0524 0.0417 0.0007  -0.0171 -0.0110 10   VAL A CB  
80  C  CG1 . VAL A 11 ? 0.0801 0.0439 0.0677 -0.0072 -0.0267 -0.0094 10   VAL A CG1 
81  C  CG2 . VAL A 11 ? 0.0715 0.0769 0.0538 0.0048  -0.0151 0.0109  10   VAL A CG2 
82  N  N   A GLN A 12 ? 0.0841 0.0315 0.0486 0.0064  -0.0105 -0.0066 11   GLN A N   
83  N  N   B GLN A 12 ? 0.0887 0.0474 0.0356 -0.0083 -0.0229 0.0095  11   GLN A N   
84  C  CA  A GLN A 12 ? 0.0864 0.0314 0.0650 0.0086  -0.0165 -0.0144 11   GLN A CA  
85  C  CA  B GLN A 12 ? 0.0917 0.0589 0.0686 0.0080  -0.0071 0.0081  11   GLN A CA  
86  C  C   A GLN A 12 ? 0.1127 0.0426 0.0545 0.0089  -0.0136 -0.0153 11   GLN A C   
87  C  C   B GLN A 12 ? 0.1024 0.0481 0.0355 0.0010  -0.0100 0.0039  11   GLN A C   
88  O  O   A GLN A 12 ? 0.1163 0.0820 0.0438 -0.0010 -0.0146 -0.0105 11   GLN A O   
89  O  O   B GLN A 12 ? 0.0736 0.0356 0.0377 -0.0084 -0.0090 -0.0029 11   GLN A O   
90  C  CB  A GLN A 12 ? 0.0756 0.0403 0.0396 0.0144  -0.0229 -0.0131 11   GLN A CB  
91  C  CB  B GLN A 12 ? 0.1154 0.0704 0.0568 0.0092  -0.0127 0.0086  11   GLN A CB  
92  C  CG  A GLN A 12 ? 0.0682 0.0271 0.0864 -0.0088 -0.0118 0.0030  11   GLN A CG  
93  C  CG  B GLN A 12 ? 0.1173 0.0519 0.1233 -0.0096 -0.0244 0.0099  11   GLN A CG  
94  C  CD  A GLN A 12 ? 0.0946 0.0664 0.0582 -0.0079 -0.0117 0.0156  11   GLN A CD  
95  C  CD  B GLN A 12 ? 0.1714 0.1552 0.1365 -0.0086 -0.0019 0.0219  11   GLN A CD  
96  O  OE1 A GLN A 12 ? 0.1550 0.1229 0.1729 -0.0103 0.0009  0.1046  11   GLN A OE1 
97  O  OE1 B GLN A 12 ? 0.1963 0.2282 0.1578 -0.0335 -0.0290 0.0284  11   GLN A OE1 
98  N  NE2 A GLN A 12 ? 0.1386 0.1220 0.1906 0.0219  0.0267  0.1027  11   GLN A NE2 
99  N  NE2 B GLN A 12 ? 0.2349 0.2744 0.2447 -0.0126 -0.0038 0.0128  11   GLN A NE2 
100 N  N   A LYS A 13 ? 0.1106 0.0288 0.0767 0.0132  -0.0154 -0.0105 12   LYS A N   
101 N  N   B LYS A 13 ? 0.0943 0.0600 0.0412 0.0073  -0.0090 -0.0066 12   LYS A N   
102 C  CA  A LYS A 13 ? 0.1113 0.0708 0.0710 0.0277  -0.0174 -0.0263 12   LYS A CA  
103 C  CA  B LYS A 13 ? 0.0964 0.0813 0.0533 0.0003  0.0065  -0.0053 12   LYS A CA  
104 C  C   A LYS A 13 ? 0.1275 0.0658 0.0865 0.0311  -0.0236 -0.0133 12   LYS A C   
105 C  C   B LYS A 13 ? 0.0759 0.0634 0.0882 0.0203  -0.0132 -0.0031 12   LYS A C   
106 O  O   A LYS A 13 ? 0.2351 0.0709 0.1162 0.0591  -0.0103 -0.0302 12   LYS A O   
107 O  O   B LYS A 13 ? 0.1088 0.0900 0.1076 -0.0079 -0.0429 0.0342  12   LYS A O   
108 C  CB  A LYS A 13 ? 0.1433 0.0755 0.0991 0.0466  -0.0116 -0.0314 12   LYS A CB  
109 C  CB  B LYS A 13 ? 0.1112 0.1090 0.0560 -0.0150 -0.0048 -0.0488 12   LYS A CB  
110 C  CG  A LYS A 13 ? 0.1739 0.1751 0.1509 0.0127  0.0069  -0.0094 12   LYS A CG  
111 C  CG  B LYS A 13 ? 0.1842 0.1640 0.0648 -0.0263 -0.0013 -0.0359 12   LYS A CG  
112 C  CD  A LYS A 13 ? 0.1902 0.1558 0.1954 0.0139  0.0049  -0.0188 12   LYS A CD  
113 C  CD  B LYS A 13 ? 0.2088 0.2013 0.1091 -0.0166 0.0192  -0.0199 12   LYS A CD  
114 C  CE  A LYS A 13 ? 0.1684 0.1975 0.0626 0.0193  0.0535  -0.0222 12   LYS A CE  
115 C  CE  B LYS A 13 ? 0.1948 0.2342 0.1904 0.0050  0.0112  0.0012  12   LYS A CE  
116 N  NZ  A LYS A 13 ? 0.1638 0.1055 0.1079 0.0191  0.0106  -0.0056 12   LYS A NZ  
117 N  NZ  B LYS A 13 ? 0.2660 0.2445 0.2362 0.0084  0.0094  -0.0316 12   LYS A NZ  
118 N  N   A ASP A 14 ? 0.1332 0.0318 0.0968 0.0145  -0.0700 0.0004  13   ASP A N   
119 N  N   B ASP A 14 ? 0.1472 0.0878 0.1345 0.0209  -0.0414 -0.0034 13   ASP A N   
120 C  CA  A ASP A 14 ? 0.1095 0.0320 0.0905 0.0201  -0.0592 -0.0209 13   ASP A CA  
121 C  CA  B ASP A 14 ? 0.1626 0.1027 0.1513 0.0101  -0.0229 -0.0045 13   ASP A CA  
122 C  C   A ASP A 14 ? 0.0867 0.0264 0.1084 0.0064  -0.0569 -0.0092 13   ASP A C   
123 C  C   B ASP A 14 ? 0.1355 0.0895 0.1453 0.0210  -0.0325 0.0059  13   ASP A C   
124 O  O   A ASP A 14 ? 0.0973 0.0396 0.0814 0.0241  -0.0539 -0.0168 13   ASP A O   
125 O  O   B ASP A 14 ? 0.1343 0.1264 0.1234 0.0030  -0.0363 -0.0104 13   ASP A O   
126 C  CB  A ASP A 14 ? 0.1166 0.0787 0.0688 0.0215  -0.0397 0.0149  13   ASP A CB  
127 C  CB  B ASP A 14 ? 0.1734 0.1528 0.1766 0.0116  -0.0119 0.0053  13   ASP A CB  
128 C  CG  A ASP A 14 ? 0.1428 0.1283 0.0914 0.0599  -0.0257 0.0012  13   ASP A CG  
129 C  CG  B ASP A 14 ? 0.2023 0.2350 0.1452 0.0011  -0.0363 0.0202  13   ASP A CG  
130 O  OD1 A ASP A 14 ? 0.2245 0.1068 0.1561 0.0599  -0.0225 -0.0170 13   ASP A OD1 
131 O  OD1 B ASP A 14 ? 0.2340 0.2549 0.1254 0.0085  0.0054  -0.0305 13   ASP A OD1 
132 O  OD2 A ASP A 14 ? 0.1665 0.1965 0.2604 0.0897  -0.0413 0.0051  13   ASP A OD2 
133 O  OD2 B ASP A 14 ? 0.2390 0.3168 0.2582 -0.0069 -0.0206 0.0258  13   ASP A OD2 
134 N  N   A ASP A 15 ? 0.1287 0.0553 0.0960 -0.0227 -0.0411 -0.0026 14   ASP A N   
135 N  N   B ASP A 15 ? 0.1308 0.0702 0.1275 0.0085  -0.0336 0.0154  14   ASP A N   
136 C  CA  A ASP A 15 ? 0.1295 0.0869 0.1365 -0.0406 -0.0234 0.0033  14   ASP A CA  
137 C  CA  B ASP A 15 ? 0.0995 0.0519 0.1166 -0.0084 -0.0295 -0.0142 14   ASP A CA  
138 C  C   A ASP A 15 ? 0.1061 0.0412 0.1128 -0.0190 -0.0221 0.0282  14   ASP A C   
139 C  C   B ASP A 15 ? 0.1082 0.0387 0.0985 -0.0106 -0.0363 0.0078  14   ASP A C   
140 O  O   A ASP A 15 ? 0.0926 0.0773 0.1401 0.0008  -0.0128 0.0052  14   ASP A O   
141 O  O   B ASP A 15 ? 0.1245 0.0655 0.1278 -0.0305 0.0014  0.0011  14   ASP A O   
142 C  CB  A ASP A 15 ? 0.1378 0.0836 0.1423 -0.0135 -0.0215 -0.0129 14   ASP A CB  
143 C  CB  B ASP A 15 ? 0.1021 0.0645 0.1390 -0.0019 -0.0146 -0.0323 14   ASP A CB  
144 C  CG  A ASP A 15 ? 0.1237 0.0827 0.0708 -0.0058 -0.0186 0.0049  14   ASP A CG  
145 C  CG  B ASP A 15 ? 0.1249 0.0300 0.1520 -0.0050 -0.0102 -0.0090 14   ASP A CG  
146 O  OD1 A ASP A 15 ? 0.0940 0.0715 0.0869 -0.0224 -0.0043 0.0290  14   ASP A OD1 
147 O  OD1 B ASP A 15 ? 0.1515 0.0768 0.1099 0.0224  -0.0479 0.0020  14   ASP A OD1 
148 O  OD2 A ASP A 15 ? 0.1250 0.1489 0.1251 0.0161  0.0172  0.0152  14   ASP A OD2 
149 O  OD2 B ASP A 15 ? 0.1412 0.0909 0.1930 0.0009  -0.0258 0.0262  14   ASP A OD2 
150 N  N   A ASP A 16 ? 0.0965 0.0382 0.0913 -0.0003 -0.0094 0.0125  15   ASP A N   
151 N  N   B ASP A 16 ? 0.0863 0.0257 0.0684 -0.0050 -0.0364 0.0036  15   ASP A N   
152 C  CA  A ASP A 16 ? 0.0835 0.0390 0.0651 0.0002  -0.0270 0.0120  15   ASP A CA  
153 C  CA  B ASP A 16 ? 0.0799 0.0264 0.0672 0.0034  -0.0170 -0.0068 15   ASP A CA  
154 C  C   A ASP A 16 ? 0.0815 0.0276 0.0769 0.0040  -0.0207 0.0079  15   ASP A C   
155 C  C   B ASP A 16 ? 0.0636 0.0264 0.0670 0.0010  -0.0044 0.0064  15   ASP A C   
156 O  O   A ASP A 16 ? 0.0830 0.0359 0.0636 0.0083  -0.0218 0.0136  15   ASP A O   
157 O  O   B ASP A 16 ? 0.0731 0.0297 0.0791 0.0125  -0.0197 -0.0037 15   ASP A O   
158 C  CB  A ASP A 16 ? 0.1052 0.0448 0.0974 0.0315  -0.0176 0.0150  15   ASP A CB  
159 C  CB  B ASP A 16 ? 0.0606 0.0321 0.0434 0.0130  -0.0214 -0.0110 15   ASP A CB  
160 C  CG  A ASP A 16 ? 0.0780 0.0337 0.0900 0.0200  -0.0340 -0.0078 15   ASP A CG  
161 C  CG  B ASP A 16 ? 0.0872 0.0626 0.0700 0.0145  -0.0142 0.0122  15   ASP A CG  
162 O  OD1 A ASP A 16 ? 0.0912 0.0660 0.0830 0.0236  -0.0244 0.0020  15   ASP A OD1 
163 O  OD1 B ASP A 16 ? 0.0965 0.1016 0.0525 0.0234  0.0030  0.0243  15   ASP A OD1 
164 O  OD2 A ASP A 16 ? 0.0823 0.0762 0.0912 0.0141  -0.0298 0.0071  15   ASP A OD2 
165 O  OD2 B ASP A 16 ? 0.1061 0.0838 0.0932 0.0280  -0.0230 0.0136  15   ASP A OD2 
166 N  N   . GLU A 17 ? 0.0718 0.0283 0.0552 -0.0008 -0.0106 -0.0074 16   GLU A N   
167 C  CA  . GLU A 17 ? 0.0679 0.0300 0.0552 0.0030  -0.0095 0.0088  16   GLU A CA  
168 C  C   . GLU A 17 ? 0.0760 0.0426 0.0445 0.0057  -0.0077 0.0048  16   GLU A C   
169 O  O   . GLU A 17 ? 0.0771 0.0374 0.1109 -0.0002 0.0021  0.0241  16   GLU A O   
170 C  CB  . GLU A 17 ? 0.0727 0.0269 0.0544 0.0048  -0.0088 -0.0010 16   GLU A CB  
171 C  CG  . GLU A 17 ? 0.0687 0.0477 0.0527 0.0082  -0.0003 0.0013  16   GLU A CG  
172 C  CD  . GLU A 17 ? 0.0793 0.0377 0.0481 0.0100  -0.0035 -0.0001 16   GLU A CD  
173 O  OE1 . GLU A 17 ? 0.0907 0.0912 0.0570 0.0255  -0.0010 -0.0159 16   GLU A OE1 
174 O  OE2 . GLU A 17 ? 0.0897 0.0894 0.0501 0.0197  -0.0077 0.0119  16   GLU A OE2 
175 N  N   . ILE A 18 ? 0.0676 0.0358 0.0407 0.0091  -0.0039 -0.0009 17   ILE A N   
176 C  CA  . ILE A 18 ? 0.0666 0.0346 0.0407 0.0123  -0.0072 -0.0041 17   ILE A CA  
177 C  C   . ILE A 18 ? 0.0801 0.0391 0.0339 0.0082  0.0014  -0.0013 17   ILE A C   
178 O  O   . ILE A 18 ? 0.0601 0.0587 0.0547 0.0000  0.0002  0.0195  17   ILE A O   
179 C  CB  . ILE A 18 ? 0.0623 0.0541 0.0386 0.0017  -0.0007 0.0067  17   ILE A CB  
180 C  CG1 . ILE A 18 ? 0.0772 0.0540 0.0357 -0.0033 0.0004  -0.0075 17   ILE A CG1 
181 C  CG2 . ILE A 18 ? 0.0722 0.0895 0.0462 0.0054  0.0038  0.0078  17   ILE A CG2 
182 C  CD1 . ILE A 18 ? 0.0842 0.0698 0.0799 0.0046  -0.0052 -0.0253 17   ILE A CD1 
183 N  N   . THR A 19 ? 0.0586 0.0472 0.0381 0.0031  -0.0072 -0.0025 18   THR A N   
184 C  CA  . THR A 19 ? 0.0587 0.0273 0.0301 0.0010  -0.0003 -0.0030 18   THR A CA  
185 C  C   . THR A 19 ? 0.0601 0.0386 0.0315 0.0010  0.0043  0.0088  18   THR A C   
186 O  O   . THR A 19 ? 0.0771 0.0368 0.0361 0.0010  0.0047  0.0021  18   THR A O   
187 C  CB  . THR A 19 ? 0.0674 0.0386 0.0360 -0.0096 0.0010  -0.0065 18   THR A CB  
188 O  OG1 . THR A 19 ? 0.0737 0.0435 0.0494 -0.0022 -0.0021 -0.0060 18   THR A OG1 
189 C  CG2 . THR A 19 ? 0.0730 0.0543 0.0324 -0.0005 -0.0134 -0.0080 18   THR A CG2 
190 N  N   . ILE A 20 ? 0.0652 0.0416 0.0269 0.0001  0.0003  -0.0041 19   ILE A N   
191 C  CA  . ILE A 20 ? 0.0664 0.0320 0.0303 0.0000  -0.0047 -0.0054 19   ILE A CA  
192 C  C   . ILE A 20 ? 0.0622 0.0326 0.0264 -0.0012 -0.0052 0.0020  19   ILE A C   
193 O  O   . ILE A 20 ? 0.0723 0.0395 0.0351 0.0035  -0.0011 0.0072  19   ILE A O   
194 C  CB  . ILE A 20 ? 0.0711 0.0257 0.0449 -0.0033 -0.0109 0.0019  19   ILE A CB  
195 C  CG1 . ILE A 20 ? 0.0693 0.0487 0.0399 -0.0084 -0.0085 -0.0004 19   ILE A CG1 
196 C  CG2 . ILE A 20 ? 0.0665 0.0538 0.0517 -0.0003 -0.0141 0.0023  19   ILE A CG2 
197 C  CD1 . ILE A 20 ? 0.0786 0.0422 0.0662 -0.0024 -0.0046 0.0105  19   ILE A CD1 
198 N  N   . THR A 21 ? 0.0711 0.0280 0.0313 0.0041  0.0011  0.0002  20   THR A N   
199 C  CA  . THR A 21 ? 0.0670 0.0473 0.0387 -0.0058 -0.0057 0.0083  20   THR A CA  
200 C  C   . THR A 21 ? 0.0692 0.0469 0.0409 0.0106  -0.0030 0.0117  20   THR A C   
201 O  O   . THR A 21 ? 0.0765 0.0367 0.0423 0.0043  -0.0007 0.0081  20   THR A O   
202 C  CB  . THR A 21 ? 0.0759 0.0611 0.0330 -0.0050 -0.0113 0.0096  20   THR A CB  
203 O  OG1 . THR A 21 ? 0.0787 0.0594 0.0616 -0.0091 -0.0047 -0.0018 20   THR A OG1 
204 C  CG2 . THR A 21 ? 0.0860 0.0633 0.0554 -0.0092 -0.0067 0.0050  20   THR A CG2 
205 N  N   . PRO A 22 ? 0.0824 0.0374 0.0458 0.0054  -0.0003 0.0109  21   PRO A N   
206 C  CA  . PRO A 22 ? 0.0904 0.0437 0.0621 -0.0007 0.0001  0.0080  21   PRO A CA  
207 C  C   . PRO A 22 ? 0.0988 0.0388 0.0515 0.0104  -0.0041 0.0082  21   PRO A C   
208 O  O   . PRO A 22 ? 0.0902 0.0712 0.0618 0.0172  0.0036  -0.0025 21   PRO A O   
209 C  CB  . PRO A 22 ? 0.1115 0.0441 0.0751 0.0104  0.0000  0.0206  21   PRO A CB  
210 C  CG  . PRO A 22 ? 0.1088 0.0671 0.0673 -0.0094 0.0154  0.0243  21   PRO A CG  
211 C  CD  . PRO A 22 ? 0.1048 0.0512 0.0496 0.0006  0.0162  0.0073  21   PRO A CD  
212 N  N   . GLY A 23 ? 0.0976 0.0408 0.0633 -0.0046 0.0071  -0.0005 22   GLY A N   
213 C  CA  . GLY A 23 ? 0.1083 0.0521 0.0488 0.0167  0.0112  -0.0057 22   GLY A CA  
214 C  C   . GLY A 23 ? 0.1008 0.0457 0.0539 0.0113  0.0035  -0.0075 22   GLY A C   
215 O  O   . GLY A 23 ? 0.1600 0.0643 0.0777 0.0417  0.0441  0.0066  22   GLY A O   
216 N  N   . ASP A 24 ? 0.0805 0.0441 0.0445 0.0031  0.0065  0.0014  23   ASP A N   
217 C  CA  . ASP A 24 ? 0.0702 0.0448 0.0394 0.0011  0.0018  0.0016  23   ASP A CA  
218 C  C   . ASP A 24 ? 0.0662 0.0294 0.0671 -0.0003 0.0041  0.0053  23   ASP A C   
219 O  O   . ASP A 24 ? 0.0741 0.0594 0.0695 -0.0090 0.0031  0.0046  23   ASP A O   
220 C  CB  . ASP A 24 ? 0.0715 0.0389 0.0516 -0.0010 0.0032  0.0039  23   ASP A CB  
221 C  CG  . ASP A 24 ? 0.0804 0.0522 0.0466 -0.0057 -0.0022 0.0058  23   ASP A CG  
222 O  OD1 . ASP A 24 ? 0.0857 0.0411 0.0836 -0.0003 -0.0100 -0.0098 23   ASP A OD1 
223 O  OD2 . ASP A 24 ? 0.0923 0.0462 0.0527 0.0006  0.0200  -0.0054 23   ASP A OD2 
224 N  N   . LYS A 25 ? 0.0572 0.0393 0.0430 -0.0061 -0.0003 -0.0012 24   LYS A N   
225 C  CA  . LYS A 25 ? 0.0635 0.0424 0.0641 -0.0028 0.0030  -0.0100 24   LYS A CA  
226 C  C   . LYS A 25 ? 0.0600 0.0532 0.0580 -0.0143 -0.0027 -0.0010 24   LYS A C   
227 O  O   . LYS A 25 ? 0.0655 0.0494 0.1110 -0.0137 -0.0127 0.0146  24   LYS A O   
228 C  CB  . LYS A 25 ? 0.0633 0.0730 0.0525 -0.0010 0.0008  -0.0160 24   LYS A CB  
229 C  CG  . LYS A 25 ? 0.0902 0.0656 0.1135 0.0044  0.0238  -0.0136 24   LYS A CG  
230 C  CD  . LYS A 25 ? 0.1160 0.0700 0.0795 0.0093  0.0289  -0.0164 24   LYS A CD  
231 C  CE  . LYS A 25 ? 0.0940 0.0993 0.0966 0.0143  0.0048  0.0022  24   LYS A CE  
232 N  NZ  . LYS A 25 ? 0.1030 0.0654 0.1025 0.0005  0.0371  -0.0065 24   LYS A NZ  
233 N  N   . ILE A 26 ? 0.0702 0.0284 0.0765 -0.0079 -0.0002 -0.0094 25   ILE A N   
234 C  CA  . ILE A 26 ? 0.0530 0.0352 0.0665 -0.0031 -0.0031 -0.0062 25   ILE A CA  
235 C  C   . ILE A 26 ? 0.0609 0.0536 0.0657 -0.0002 0.0015  -0.0180 25   ILE A C   
236 O  O   . ILE A 26 ? 0.0764 0.0486 0.0722 0.0019  -0.0099 -0.0209 25   ILE A O   
237 C  CB  . ILE A 26 ? 0.0659 0.0545 0.0547 -0.0058 -0.0091 0.0058  25   ILE A CB  
238 C  CG1 . ILE A 26 ? 0.0720 0.0597 0.0809 -0.0169 0.0006  -0.0153 25   ILE A CG1 
239 C  CG2 . ILE A 26 ? 0.0776 0.0659 0.0520 -0.0026 0.0028  0.0039  25   ILE A CG2 
240 C  CD1 . ILE A 26 ? 0.0749 0.1032 0.0669 -0.0231 0.0081  0.0152  25   ILE A CD1 
241 N  N   . SER A 27 ? 0.0607 0.0527 0.0465 0.0022  -0.0055 -0.0092 26   SER A N   
242 C  CA  . SER A 27 ? 0.0649 0.0438 0.0701 0.0098  0.0022  -0.0219 26   SER A CA  
243 C  C   . SER A 27 ? 0.0670 0.0420 0.0454 -0.0014 0.0015  -0.0183 26   SER A C   
244 O  O   . SER A 27 ? 0.0662 0.0511 0.0617 -0.0047 0.0018  -0.0097 26   SER A O   
245 C  CB  . SER A 27 ? 0.0695 0.0860 0.0597 0.0000  0.0017  -0.0289 26   SER A CB  
246 O  OG  . SER A 27 ? 0.1030 0.0848 0.0657 0.0001  0.0157  -0.0012 26   SER A OG  
247 N  N   . LEU A 28 ? 0.0678 0.0436 0.0466 -0.0015 0.0013  -0.0118 27   LEU A N   
248 C  CA  . LEU A 28 ? 0.0591 0.0576 0.0420 0.0089  -0.0020 -0.0087 27   LEU A CA  
249 C  C   . LEU A 28 ? 0.0608 0.0571 0.0537 0.0016  0.0032  0.0064  27   LEU A C   
250 O  O   . LEU A 28 ? 0.0814 0.0734 0.0492 0.0059  0.0081  -0.0016 27   LEU A O   
251 C  CB  . LEU A 28 ? 0.0677 0.0545 0.0533 0.0071  0.0044  -0.0217 27   LEU A CB  
252 C  CG  . LEU A 28 ? 0.0650 0.0536 0.0687 0.0011  -0.0017 0.0073  27   LEU A CG  
253 C  CD1 . LEU A 28 ? 0.0783 0.0553 0.0565 0.0013  0.0015  0.0114  27   LEU A CD1 
254 C  CD2 . LEU A 28 ? 0.0676 0.0698 0.0783 -0.0019 0.0016  0.0107  27   LEU A CD2 
255 N  N   . VAL A 29 ? 0.0609 0.0552 0.0489 0.0062  0.0015  0.0036  28   VAL A N   
256 C  CA  . VAL A 29 ? 0.0794 0.0584 0.0482 0.0022  -0.0061 -0.0013 28   VAL A CA  
257 C  C   . VAL A 29 ? 0.0752 0.0452 0.0457 -0.0019 -0.0045 -0.0070 28   VAL A C   
258 O  O   . VAL A 29 ? 0.0784 0.0713 0.0581 0.0011  -0.0139 -0.0058 28   VAL A O   
259 C  CB  . VAL A 29 ? 0.0826 0.0735 0.0578 -0.0154 -0.0042 0.0086  28   VAL A CB  
260 C  CG1 . VAL A 29 ? 0.1000 0.0696 0.0742 -0.0051 -0.0122 0.0237  28   VAL A CG1 
261 C  CG2 . VAL A 29 ? 0.0923 0.0758 0.0850 -0.0230 -0.0202 0.0216  28   VAL A CG2 
262 N  N   . ALA A 30 ? 0.0599 0.0517 0.0570 0.0000  -0.0066 -0.0005 29   ALA A N   
263 C  CA  . ALA A 30 ? 0.0754 0.0548 0.0692 -0.0026 -0.0047 -0.0003 29   ALA A CA  
264 C  C   . ALA A 30 ? 0.0576 0.0420 0.0633 0.0004  -0.0136 -0.0060 29   ALA A C   
265 O  O   . ALA A 30 ? 0.0772 0.0498 0.0676 -0.0054 -0.0041 0.0034  29   ALA A O   
266 C  CB  . ALA A 30 ? 0.0869 0.0629 0.0819 0.0131  -0.0127 0.0031  29   ALA A CB  
267 N  N   A ARG A 31 ? 0.0660 0.0715 0.0654 -0.0024 -0.0081 -0.0079 30   ARG A N   
268 N  N   B ARG A 31 ? 0.0542 0.0556 0.0592 0.0074  -0.0048 -0.0124 30   ARG A N   
269 C  CA  A ARG A 31 ? 0.0705 0.0506 0.0626 -0.0018 0.0000  -0.0078 30   ARG A CA  
270 C  CA  B ARG A 31 ? 0.0647 0.0508 0.0677 -0.0084 0.0082  -0.0087 30   ARG A CA  
271 C  C   A ARG A 31 ? 0.0689 0.0650 0.0829 0.0020  -0.0030 -0.0070 30   ARG A C   
272 C  C   B ARG A 31 ? 0.0622 0.0481 0.0695 -0.0015 -0.0013 -0.0134 30   ARG A C   
273 O  O   A ARG A 31 ? 0.0973 0.0882 0.0927 0.0135  -0.0092 -0.0016 30   ARG A O   
274 O  O   B ARG A 31 ? 0.0702 0.0513 0.0602 0.0005  -0.0063 -0.0223 30   ARG A O   
275 C  CB  A ARG A 31 ? 0.0709 0.0882 0.0704 0.0041  -0.0234 -0.0120 30   ARG A CB  
276 C  CB  B ARG A 31 ? 0.0777 0.0588 0.0512 -0.0179 0.0291  -0.0074 30   ARG A CB  
277 C  CG  A ARG A 31 ? 0.0686 0.0748 0.0297 -0.0208 0.0093  0.0011  30   ARG A CG  
278 C  CG  B ARG A 31 ? 0.1441 0.0638 0.0765 -0.0278 0.0357  -0.0321 30   ARG A CG  
279 C  CD  A ARG A 31 ? 0.1032 0.0744 0.0313 -0.0164 0.0112  -0.0092 30   ARG A CD  
280 C  CD  B ARG A 31 ? 0.1607 0.1383 0.0832 0.0177  0.0028  -0.0066 30   ARG A CD  
281 N  NE  A ARG A 31 ? 0.1042 0.0614 0.0842 -0.0259 0.0218  -0.0238 30   ARG A NE  
282 N  NE  B ARG A 31 ? 0.1445 0.1553 0.1236 0.0460  0.0399  -0.0084 30   ARG A NE  
283 C  CZ  A ARG A 31 ? 0.0936 0.0805 0.0428 -0.0242 0.0221  -0.0261 30   ARG A CZ  
284 C  CZ  B ARG A 31 ? 0.1904 0.1403 0.0817 0.0029  0.0160  0.0259  30   ARG A CZ  
285 N  NH1 A ARG A 31 ? 0.1091 0.0856 0.0560 -0.0012 0.0162  -0.0410 30   ARG A NH1 
286 N  NH1 B ARG A 31 ? 0.2434 0.1957 0.1552 0.0041  0.0085  0.0028  30   ARG A NH1 
287 N  NH2 A ARG A 31 ? 0.1290 0.0727 0.0512 -0.0037 0.0360  -0.0137 30   ARG A NH2 
288 N  NH2 B ARG A 31 ? 0.1676 0.1360 0.2037 -0.0013 -0.0046 -0.0212 30   ARG A NH2 
289 N  N   . ASP A 32 ? 0.0754 0.0645 0.0624 0.0124  -0.0095 -0.0052 31   ASP A N   
290 C  CA  . ASP A 32 ? 0.0678 0.0611 0.0689 0.0022  0.0015  -0.0043 31   ASP A CA  
291 C  C   . ASP A 32 ? 0.0735 0.0444 0.0525 -0.0084 -0.0131 0.0062  31   ASP A C   
292 O  O   . ASP A 32 ? 0.0783 0.0535 0.1247 0.0041  -0.0195 -0.0049 31   ASP A O   
293 C  CB  . ASP A 32 ? 0.0805 0.0614 0.0646 0.0151  -0.0038 0.0055  31   ASP A CB  
294 C  CG  . ASP A 32 ? 0.0611 0.0437 0.0924 -0.0050 -0.0054 -0.0045 31   ASP A CG  
295 O  OD1 . ASP A 32 ? 0.0653 0.0726 0.0747 0.0063  -0.0047 0.0042  31   ASP A OD1 
296 O  OD2 . ASP A 32 ? 0.0750 0.0623 0.0719 0.0059  -0.0018 0.0078  31   ASP A OD2 
297 N  N   . THR A 33 ? 0.0605 0.0509 0.0733 -0.0010 -0.0138 -0.0004 32   THR A N   
298 C  CA  . THR A 33 ? 0.0627 0.0593 0.0801 -0.0025 -0.0149 -0.0079 32   THR A CA  
299 C  C   . THR A 33 ? 0.0673 0.0449 0.0966 -0.0100 -0.0070 0.0187  32   THR A C   
300 O  O   . THR A 33 ? 0.0729 0.1041 0.1047 0.0059  -0.0074 0.0165  32   THR A O   
301 C  CB  . THR A 33 ? 0.0759 0.0544 0.0688 0.0085  -0.0119 0.0125  32   THR A CB  
302 O  OG1 . THR A 33 ? 0.0824 0.0410 0.1033 -0.0058 0.0019  0.0077  32   THR A OG1 
303 C  CG2 . THR A 33 ? 0.0936 0.0657 0.0928 0.0005  -0.0011 0.0057  32   THR A CG2 
304 N  N   . GLY A 34 ? 0.0673 0.0724 0.0672 0.0028  0.0014  0.0149  33   GLY A N   
305 C  CA  . GLY A 34 ? 0.0742 0.0615 0.0714 0.0015  0.0040  0.0176  33   GLY A CA  
306 C  C   . GLY A 34 ? 0.0747 0.0643 0.0747 0.0160  0.0064  0.0171  33   GLY A C   
307 O  O   . GLY A 34 ? 0.0839 0.0902 0.0665 -0.0013 0.0104  0.0192  33   GLY A O   
308 N  N   . SER A 35 ? 0.0647 0.0557 0.0872 -0.0018 0.0091  0.0101  34   SER A N   
309 C  CA  . SER A 35 ? 0.0581 0.0610 0.0896 0.0034  0.0061  -0.0054 34   SER A CA  
310 C  C   . SER A 35 ? 0.0698 0.0663 0.0676 0.0060  0.0052  -0.0074 34   SER A C   
311 O  O   . SER A 35 ? 0.0864 0.0884 0.0873 0.0140  0.0052  -0.0138 34   SER A O   
312 C  CB  . SER A 35 ? 0.0685 0.0578 0.0920 0.0078  0.0012  -0.0027 34   SER A CB  
313 O  OG  . SER A 35 ? 0.0668 0.0611 0.0804 0.0020  0.0036  0.0124  34   SER A OG  
314 N  N   . GLY A 36 ? 0.0611 0.0615 0.0593 -0.0036 0.0054  0.0062  35   GLY A N   
315 C  CA  . GLY A 36 ? 0.0795 0.0723 0.0578 -0.0117 0.0100  0.0189  35   GLY A CA  
316 C  C   . GLY A 36 ? 0.0727 0.0452 0.0603 -0.0075 -0.0001 0.0080  35   GLY A C   
317 O  O   . GLY A 36 ? 0.0758 0.0515 0.0674 0.0079  -0.0029 0.0175  35   GLY A O   
318 N  N   . TRP A 37 ? 0.0663 0.0450 0.0430 0.0003  -0.0006 0.0086  36   TRP A N   
319 C  CA  . TRP A 37 ? 0.0632 0.0377 0.0586 -0.0015 0.0001  0.0065  36   TRP A CA  
320 C  C   . TRP A 37 ? 0.0622 0.0510 0.0557 0.0042  -0.0009 -0.0179 36   TRP A C   
321 O  O   . TRP A 37 ? 0.0681 0.0729 0.0683 0.0158  -0.0222 -0.0237 36   TRP A O   
322 C  CB  . TRP A 37 ? 0.0687 0.0435 0.0562 0.0042  0.0046  -0.0031 36   TRP A CB  
323 C  CG  . TRP A 37 ? 0.0740 0.0493 0.0573 -0.0054 0.0015  -0.0081 36   TRP A CG  
324 C  CD1 . TRP A 37 ? 0.0880 0.0832 0.0653 -0.0122 0.0049  -0.0084 36   TRP A CD1 
325 C  CD2 . TRP A 37 ? 0.0958 0.0673 0.0403 -0.0080 0.0058  -0.0026 36   TRP A CD2 
326 N  NE1 . TRP A 37 ? 0.0942 0.1067 0.0693 -0.0082 0.0026  -0.0310 36   TRP A NE1 
327 C  CE2 . TRP A 37 ? 0.0939 0.0785 0.0707 -0.0148 0.0022  -0.0131 36   TRP A CE2 
328 C  CE3 . TRP A 37 ? 0.0820 0.0508 0.0609 0.0029  -0.0034 0.0037  36   TRP A CE3 
329 C  CZ2 . TRP A 37 ? 0.1213 0.1291 0.0761 -0.0271 0.0094  -0.0387 36   TRP A CZ2 
330 C  CZ3 . TRP A 37 ? 0.0854 0.0897 0.0752 -0.0211 -0.0141 0.0091  36   TRP A CZ3 
331 C  CH2 . TRP A 37 ? 0.1091 0.1298 0.0687 -0.0179 -0.0186 0.0066  36   TRP A CH2 
332 N  N   . THR A 38 ? 0.0616 0.0440 0.0486 0.0045  -0.0027 0.0020  37   THR A N   
333 C  CA  . THR A 38 ? 0.0663 0.0496 0.0473 0.0075  0.0025  0.0013  37   THR A CA  
334 C  C   . THR A 38 ? 0.0618 0.0378 0.0441 0.0028  0.0007  -0.0105 37   THR A C   
335 O  O   . THR A 38 ? 0.0668 0.0473 0.0461 -0.0063 -0.0037 -0.0058 37   THR A O   
336 C  CB  . THR A 38 ? 0.0668 0.0372 0.0660 0.0021  -0.0075 0.0033  37   THR A CB  
337 O  OG1 . THR A 38 ? 0.0783 0.0381 0.0808 -0.0102 0.0075  0.0002  37   THR A OG1 
338 C  CG2 . THR A 38 ? 0.0697 0.0433 0.0675 -0.0003 -0.0046 -0.0023 37   THR A CG2 
339 N  N   A LYS A 39 ? 0.0632 0.0492 0.0374 0.0174  -0.0038 0.0024  38   LYS A N   
340 N  N   B LYS A 39 ? 0.0558 0.0518 0.0502 0.0029  0.0007  -0.0002 38   LYS A N   
341 C  CA  A LYS A 39 ? 0.0615 0.0523 0.0474 0.0120  -0.0116 0.0116  38   LYS A CA  
342 C  CA  B LYS A 39 ? 0.0530 0.0414 0.0358 -0.0022 0.0090  -0.0015 38   LYS A CA  
343 C  C   A LYS A 39 ? 0.0644 0.0480 0.0443 -0.0072 -0.0271 0.0068  38   LYS A C   
344 C  C   B LYS A 39 ? 0.0668 0.0315 0.0424 -0.0103 0.0064  -0.0093 38   LYS A C   
345 O  O   A LYS A 39 ? 0.0610 0.0568 0.0311 -0.0048 0.0023  0.0129  38   LYS A O   
346 O  O   B LYS A 39 ? 0.0544 0.0405 0.0546 -0.0090 -0.0059 -0.0169 38   LYS A O   
347 C  CB  A LYS A 39 ? 0.0681 0.0524 0.0640 0.0020  -0.0058 0.0167  38   LYS A CB  
348 C  CB  B LYS A 39 ? 0.0623 0.0327 0.0608 0.0010  -0.0063 -0.0161 38   LYS A CB  
349 C  CG  A LYS A 39 ? 0.1092 0.0570 0.0313 -0.0276 0.0054  0.0095  38   LYS A CG  
350 C  CG  B LYS A 39 ? 0.0692 0.0574 0.0403 0.0124  -0.0052 -0.0171 38   LYS A CG  
351 C  CD  A LYS A 39 ? 0.1246 0.0622 0.0977 0.0328  -0.0003 0.0309  38   LYS A CD  
352 C  CD  B LYS A 39 ? 0.0729 0.0534 0.0619 -0.0038 -0.0092 -0.0061 38   LYS A CD  
353 C  CE  A LYS A 39 ? 0.1154 0.1637 0.0669 0.0118  0.0378  0.0265  38   LYS A CE  
354 C  CE  B LYS A 39 ? 0.0910 0.0293 0.0581 0.0096  0.0070  0.0100  38   LYS A CE  
355 N  NZ  A LYS A 39 ? 0.2050 0.0941 0.1513 0.0733  0.0215  0.0084  38   LYS A NZ  
356 N  NZ  B LYS A 39 ? 0.1029 0.0728 0.0830 0.0157  0.0279  -0.0006 38   LYS A NZ  
357 N  N   . ILE A 40 ? 0.0607 0.0377 0.0459 -0.0039 -0.0043 -0.0004 39   ILE A N   
358 C  CA  . ILE A 40 ? 0.0584 0.0346 0.0378 0.0067  -0.0012 0.0043  39   ILE A CA  
359 C  C   . ILE A 40 ? 0.0572 0.0425 0.0386 0.0026  -0.0033 -0.0018 39   ILE A C   
360 O  O   . ILE A 40 ? 0.0670 0.0382 0.0693 -0.0073 0.0116  -0.0097 39   ILE A O   
361 C  CB  . ILE A 40 ? 0.0654 0.0530 0.0432 0.0008  -0.0052 0.0067  39   ILE A CB  
362 C  CG1 . ILE A 40 ? 0.0773 0.0595 0.0485 0.0017  -0.0111 0.0020  39   ILE A CG1 
363 C  CG2 . ILE A 40 ? 0.0784 0.0499 0.0511 -0.0016 -0.0075 0.0190  39   ILE A CG2 
364 C  CD1 . ILE A 40 ? 0.1011 0.0791 0.0454 0.0292  -0.0167 -0.0003 39   ILE A CD1 
365 N  N   . ASN A 41 ? 0.0594 0.0410 0.0445 -0.0121 -0.0048 -0.0014 40   ASN A N   
366 C  CA  . ASN A 41 ? 0.0680 0.0369 0.0464 -0.0092 -0.0045 -0.0020 40   ASN A CA  
367 C  C   . ASN A 41 ? 0.0622 0.0425 0.0409 -0.0111 0.0086  -0.0073 40   ASN A C   
368 O  O   . ASN A 41 ? 0.0664 0.0426 0.0605 -0.0133 -0.0145 -0.0032 40   ASN A O   
369 C  CB  . ASN A 41 ? 0.0751 0.0814 0.0394 0.0041  0.0117  -0.0025 40   ASN A CB  
370 C  CG  . ASN A 41 ? 0.0906 0.1037 0.0517 0.0072  0.0026  -0.0078 40   ASN A CG  
371 O  OD1 . ASN A 41 ? 0.1343 0.0849 0.0684 0.0038  -0.0135 0.0103  40   ASN A OD1 
372 N  ND2 . ASN A 41 ? 0.0918 0.0917 0.0680 -0.0052 0.0002  -0.0077 40   ASN A ND2 
373 N  N   . ASN A 42 ? 0.0619 0.0286 0.0460 -0.0076 0.0076  -0.0053 41   ASN A N   
374 C  CA  . ASN A 42 ? 0.0521 0.0376 0.0379 -0.0093 -0.0049 -0.0026 41   ASN A CA  
375 C  C   . ASN A 42 ? 0.0623 0.0366 0.0373 -0.0055 -0.0010 -0.0092 41   ASN A C   
376 O  O   . ASN A 42 ? 0.0652 0.0333 0.0571 -0.0109 0.0110  -0.0060 41   ASN A O   
377 C  CB  . ASN A 42 ? 0.0533 0.0429 0.0442 -0.0065 0.0078  0.0023  41   ASN A CB  
378 C  CG  . ASN A 42 ? 0.0593 0.0420 0.0407 -0.0058 -0.0002 -0.0041 41   ASN A CG  
379 O  OD1 . ASN A 42 ? 0.0625 0.0549 0.0455 0.0041  0.0033  -0.0123 41   ASN A OD1 
380 N  ND2 . ASN A 42 ? 0.0682 0.0458 0.0449 -0.0017 0.0098  0.0030  41   ASN A ND2 
381 N  N   . ASP A 43 ? 0.0559 0.0503 0.0346 -0.0105 0.0032  -0.0031 42   ASP A N   
382 C  CA  . ASP A 43 ? 0.0593 0.0456 0.0283 -0.0016 -0.0010 0.0078  42   ASP A CA  
383 C  C   . ASP A 43 ? 0.0689 0.0440 0.0268 0.0072  0.0060  -0.0006 42   ASP A C   
384 O  O   . ASP A 43 ? 0.0686 0.0694 0.0455 0.0043  0.0051  0.0107  42   ASP A O   
385 C  CB  . ASP A 43 ? 0.0652 0.0583 0.0419 0.0040  0.0022  -0.0064 42   ASP A CB  
386 C  CG  . ASP A 43 ? 0.0680 0.0624 0.0591 0.0073  -0.0026 -0.0258 42   ASP A CG  
387 O  OD1 . ASP A 43 ? 0.0840 0.0679 0.0733 0.0013  -0.0211 -0.0113 42   ASP A OD1 
388 O  OD2 . ASP A 43 ? 0.0855 0.0764 0.0710 0.0119  -0.0134 -0.0147 42   ASP A OD2 
389 N  N   . THR A 44 ? 0.0597 0.0496 0.0348 -0.0008 0.0042  -0.0044 43   THR A N   
390 C  CA  . THR A 44 ? 0.0589 0.0613 0.0325 0.0011  0.0012  -0.0089 43   THR A CA  
391 C  C   . THR A 44 ? 0.0698 0.0505 0.0404 -0.0161 -0.0018 -0.0056 43   THR A C   
392 O  O   . THR A 44 ? 0.0632 0.0664 0.0628 -0.0132 0.0038  0.0005  43   THR A O   
393 C  CB  . THR A 44 ? 0.0663 0.0597 0.0348 -0.0016 0.0056  -0.0082 43   THR A CB  
394 O  OG1 . THR A 44 ? 0.0678 0.0505 0.0472 -0.0037 0.0056  0.0054  43   THR A OG1 
395 C  CG2 . THR A 44 ? 0.0748 0.0491 0.0361 0.0043  -0.0073 0.0024  43   THR A CG2 
396 N  N   . THR A 45 ? 0.0564 0.0450 0.0540 -0.0081 0.0007  -0.0036 44   THR A N   
397 C  CA  . THR A 45 ? 0.0650 0.0641 0.0760 -0.0138 -0.0060 -0.0152 44   THR A CA  
398 C  C   . THR A 45 ? 0.0635 0.0615 0.0794 -0.0156 0.0125  -0.0212 44   THR A C   
399 O  O   . THR A 45 ? 0.1052 0.0696 0.0960 -0.0342 0.0029  -0.0156 44   THR A O   
400 C  CB  . THR A 45 ? 0.0761 0.0673 0.0571 -0.0095 -0.0075 -0.0310 44   THR A CB  
401 O  OG1 . THR A 45 ? 0.0690 0.0698 0.0622 -0.0069 0.0014  -0.0228 44   THR A OG1 
402 C  CG2 . THR A 45 ? 0.0784 0.0874 0.0548 -0.0121 -0.0141 -0.0153 44   THR A CG2 
403 N  N   A GLY A 46 ? 0.0616 0.0686 0.0829 -0.0036 0.0157  0.0025  45   GLY A N   
404 N  N   B GLY A 46 ? 0.0577 0.0469 0.0591 -0.0149 0.0105  0.0074  45   GLY A N   
405 C  CA  A GLY A 46 ? 0.0769 0.0689 0.0889 -0.0029 0.0133  0.0015  45   GLY A CA  
406 C  CA  B GLY A 46 ? 0.0652 0.0560 0.0702 -0.0096 0.0205  -0.0024 45   GLY A CA  
407 C  C   A GLY A 46 ? 0.0788 0.0410 0.0678 -0.0004 0.0103  0.0242  45   GLY A C   
408 C  C   B GLY A 46 ? 0.0672 0.0520 0.0552 -0.0207 0.0209  0.0075  45   GLY A C   
409 O  O   A GLY A 46 ? 0.0838 0.0679 0.0795 -0.0044 0.0155  0.0035  45   GLY A O   
410 O  O   B GLY A 46 ? 0.0833 0.0658 0.1246 -0.0135 0.0494  0.0144  45   GLY A O   
411 N  N   A GLU A 47 ? 0.0777 0.0354 0.0784 -0.0082 0.0088  0.0040  46   GLU A N   
412 N  N   B GLU A 47 ? 0.0683 0.0509 0.0296 -0.0012 0.0086  -0.0014 46   GLU A N   
413 C  CA  A GLU A 47 ? 0.0688 0.0402 0.0732 0.0149  0.0229  0.0129  46   GLU A CA  
414 C  CA  B GLU A 47 ? 0.0732 0.0437 0.0333 -0.0118 0.0112  -0.0119 46   GLU A CA  
415 C  C   A GLU A 47 ? 0.0760 0.0393 0.0766 -0.0071 0.0093  0.0158  46   GLU A C   
416 C  C   B GLU A 47 ? 0.0767 0.0319 0.0402 -0.0123 0.0275  -0.0075 46   GLU A C   
417 O  O   A GLU A 47 ? 0.0750 0.0641 0.0938 -0.0346 0.0123  0.0003  46   GLU A O   
418 O  O   B GLU A 47 ? 0.0756 0.0302 0.0777 0.0150  0.0141  -0.0001 46   GLU A O   
419 C  CB  A GLU A 47 ? 0.0755 0.0490 0.0961 0.0051  0.0285  0.0016  46   GLU A CB  
420 C  CB  B GLU A 47 ? 0.0532 0.0569 0.0440 -0.0075 0.0203  -0.0046 46   GLU A CB  
421 C  CG  A GLU A 47 ? 0.1020 0.0838 0.0953 0.0150  0.0181  0.0020  46   GLU A CG  
422 C  CG  B GLU A 47 ? 0.0815 0.0779 0.0441 -0.0171 -0.0083 -0.0263 46   GLU A CG  
423 C  CD  A GLU A 47 ? 0.1193 0.1136 0.1127 -0.0227 0.0211  0.0379  46   GLU A CD  
424 C  CD  B GLU A 47 ? 0.1155 0.0743 0.0944 -0.0197 -0.0129 -0.0520 46   GLU A CD  
425 O  OE1 A GLU A 47 ? 0.1278 0.0540 0.1677 -0.0353 0.0124  0.0294  46   GLU A OE1 
426 O  OE1 B GLU A 47 ? 0.1462 0.1289 0.1511 -0.0009 -0.0076 0.0013  46   GLU A OE1 
427 O  OE2 A GLU A 47 ? 0.1575 0.1744 0.1555 -0.0208 0.0315  0.0185  46   GLU A OE2 
428 O  OE2 B GLU A 47 ? 0.1105 0.0723 0.1446 -0.0433 -0.0071 -0.0322 46   GLU A OE2 
429 N  N   . THR A 48 ? 0.0682 0.0396 0.0659 -0.0074 0.0132  0.0001  47   THR A N   
430 C  CA  . THR A 48 ? 0.0706 0.0481 0.0462 -0.0147 0.0074  -0.0069 47   THR A CA  
431 C  C   . THR A 48 ? 0.0662 0.0433 0.0561 0.0010  0.0032  0.0019  47   THR A C   
432 O  O   . THR A 48 ? 0.0798 0.0377 0.0702 -0.0063 0.0082  0.0061  47   THR A O   
433 C  CB  . THR A 48 ? 0.0856 0.0886 0.0635 -0.0111 0.0015  -0.0059 47   THR A CB  
434 O  OG1 . THR A 48 ? 0.1154 0.1332 0.0743 0.0061  0.0175  -0.0090 47   THR A OG1 
435 C  CG2 . THR A 48 ? 0.0986 0.1139 0.0708 -0.0014 -0.0204 0.0003  47   THR A CG2 
436 N  N   . GLY A 49 ? 0.0712 0.0326 0.0479 0.0023  0.0052  -0.0023 48   GLY A N   
437 C  CA  . GLY A 49 ? 0.0718 0.0349 0.0526 0.0011  0.0028  -0.0037 48   GLY A CA  
438 C  C   . GLY A 49 ? 0.0604 0.0450 0.0470 0.0056  -0.0070 -0.0042 48   GLY A C   
439 O  O   . GLY A 49 ? 0.0675 0.0325 0.0531 -0.0036 0.0054  -0.0055 48   GLY A O   
440 N  N   . LEU A 50 ? 0.0648 0.0280 0.0476 0.0027  0.0015  -0.0054 49   LEU A N   
441 C  CA  . LEU A 50 ? 0.0609 0.0256 0.0433 0.0016  -0.0036 -0.0020 49   LEU A CA  
442 C  C   . LEU A 50 ? 0.0535 0.0283 0.0616 -0.0058 0.0043  -0.0090 49   LEU A C   
443 O  O   . LEU A 50 ? 0.0694 0.0397 0.0532 -0.0044 -0.0028 0.0025  49   LEU A O   
444 C  CB  . LEU A 50 ? 0.0708 0.0303 0.0440 -0.0021 0.0058  0.0014  49   LEU A CB  
445 C  CG  . LEU A 50 ? 0.0678 0.0520 0.0543 0.0126  0.0073  0.0159  49   LEU A CG  
446 C  CD1 . LEU A 50 ? 0.1139 0.0775 0.0639 0.0477  0.0135  0.0123  49   LEU A CD1 
447 C  CD2 . LEU A 50 ? 0.0808 0.0795 0.0772 0.0102  -0.0017 0.0210  49   LEU A CD2 
448 N  N   . VAL A 51 ? 0.0629 0.0391 0.0509 -0.0011 -0.0097 -0.0006 50   VAL A N   
449 C  CA  . VAL A 51 ? 0.0570 0.0338 0.0483 -0.0031 -0.0057 0.0097  50   VAL A CA  
450 C  C   . VAL A 51 ? 0.0708 0.0456 0.0462 0.0080  0.0019  0.0008  50   VAL A C   
451 O  O   . VAL A 51 ? 0.0620 0.0453 0.0451 -0.0039 -0.0079 0.0107  50   VAL A O   
452 C  CB  . VAL A 51 ? 0.0672 0.0321 0.0577 -0.0022 -0.0027 0.0091  50   VAL A CB  
453 C  CG1 . VAL A 51 ? 0.0639 0.0394 0.0624 -0.0016 -0.0016 0.0002  50   VAL A CG1 
454 C  CG2 . VAL A 51 ? 0.0691 0.0366 0.0807 -0.0012 -0.0098 0.0078  50   VAL A CG2 
455 N  N   . PRO A 52 ? 0.0690 0.0478 0.0454 -0.0056 -0.0025 0.0148  51   PRO A N   
456 C  CA  . PRO A 52 ? 0.0712 0.0510 0.0726 -0.0006 0.0092  0.0251  51   PRO A CA  
457 C  C   . PRO A 52 ? 0.0765 0.0382 0.0579 -0.0113 -0.0044 0.0193  51   PRO A C   
458 O  O   . PRO A 52 ? 0.0653 0.0495 0.0772 -0.0067 0.0000  0.0222  51   PRO A O   
459 C  CB  . PRO A 52 ? 0.0907 0.0782 0.0487 -0.0095 -0.0044 0.0107  51   PRO A CB  
460 C  CG  . PRO A 52 ? 0.1080 0.0784 0.0410 -0.0208 -0.0133 0.0150  51   PRO A CG  
461 C  CD  . PRO A 52 ? 0.0787 0.0636 0.0562 -0.0234 -0.0204 0.0230  51   PRO A CD  
462 N  N   . THR A 53 ? 0.0656 0.0430 0.0709 -0.0060 -0.0131 0.0164  52   THR A N   
463 C  CA  . THR A 53 ? 0.0676 0.0491 0.0698 -0.0089 -0.0020 0.0272  52   THR A CA  
464 C  C   . THR A 53 ? 0.0620 0.0412 0.0686 -0.0057 0.0038  0.0103  52   THR A C   
465 O  O   . THR A 53 ? 0.0863 0.0455 0.0683 0.0011  0.0102  0.0115  52   THR A O   
466 C  CB  . THR A 53 ? 0.0781 0.0566 0.0614 -0.0033 -0.0220 0.0177  52   THR A CB  
467 O  OG1 . THR A 53 ? 0.0725 0.0562 0.0656 -0.0064 -0.0122 0.0117  52   THR A OG1 
468 C  CG2 . THR A 53 ? 0.0967 0.0604 0.0965 -0.0160 -0.0327 0.0351  52   THR A CG2 
469 N  N   . THR A 54 ? 0.0662 0.0390 0.0638 0.0118  0.0153  0.0180  53   THR A N   
470 C  CA  . THR A 54 ? 0.0811 0.0510 0.0720 0.0062  0.0109  0.0293  53   THR A CA  
471 C  C   . THR A 54 ? 0.0760 0.0649 0.0688 0.0204  0.0054  0.0289  53   THR A C   
472 O  O   . THR A 54 ? 0.0831 0.0581 0.1149 0.0113  0.0175  0.0474  53   THR A O   
473 C  CB  . THR A 54 ? 0.0888 0.0899 0.0964 0.0187  0.0292  0.0485  53   THR A CB  
474 O  OG1 . THR A 54 ? 0.1208 0.1470 0.0809 0.0273  0.0263  0.0172  53   THR A OG1 
475 C  CG2 . THR A 54 ? 0.0817 0.1163 0.1183 0.0049  0.0294  0.0416  53   THR A CG2 
476 N  N   . TYR A 55 ? 0.0552 0.0549 0.0596 0.0045  0.0050  0.0178  54   TYR A N   
477 C  CA  . TYR A 55 ? 0.0761 0.0494 0.0440 0.0103  -0.0033 0.0124  54   TYR A CA  
478 C  C   . TYR A 55 ? 0.0790 0.0536 0.0572 0.0014  0.0100  0.0260  54   TYR A C   
479 O  O   . TYR A 55 ? 0.0737 0.0912 0.0559 0.0227  -0.0024 0.0063  54   TYR A O   
480 C  CB  . TYR A 55 ? 0.0705 0.0839 0.0328 0.0057  0.0044  0.0176  54   TYR A CB  
481 C  CG  . TYR A 55 ? 0.0834 0.0528 0.0472 0.0170  0.0022  0.0031  54   TYR A CG  
482 C  CD1 . TYR A 55 ? 0.1051 0.1891 0.0449 0.0072  0.0188  0.0042  54   TYR A CD1 
483 C  CD2 . TYR A 55 ? 0.1172 0.0503 0.0710 -0.0039 0.0242  0.0111  54   TYR A CD2 
484 C  CE1 . TYR A 55 ? 0.1180 0.1738 0.0753 0.0230  0.0024  -0.0258 54   TYR A CE1 
485 C  CE2 . TYR A 55 ? 0.1527 0.0770 0.0920 -0.0105 0.0023  -0.0316 54   TYR A CE2 
486 C  CZ  . TYR A 55 ? 0.1609 0.0955 0.0613 0.0186  0.0308  -0.0071 54   TYR A CZ  
487 O  OH  . TYR A 55 ? 0.2016 0.1735 0.1036 0.0110  0.0238  -0.0631 54   TYR A OH  
488 N  N   . ILE A 56 ? 0.0649 0.0497 0.0478 -0.0007 0.0045  0.0119  55   ILE A N   
489 C  CA  . ILE A 56 ? 0.0634 0.0355 0.0574 0.0002  0.0066  0.0066  55   ILE A CA  
490 C  C   . ILE A 56 ? 0.0727 0.0582 0.0724 -0.0046 -0.0018 0.0205  55   ILE A C   
491 O  O   . ILE A 56 ? 0.0781 0.0503 0.0895 -0.0078 0.0066  0.0001  55   ILE A O   
492 C  CB  . ILE A 56 ? 0.0736 0.0383 0.0524 -0.0045 0.0033  0.0076  55   ILE A CB  
493 C  CG1 . ILE A 56 ? 0.0749 0.0590 0.0663 -0.0012 -0.0086 0.0117  55   ILE A CG1 
494 C  CG2 . ILE A 56 ? 0.0787 0.0484 0.0566 -0.0045 0.0118  0.0031  55   ILE A CG2 
495 C  CD1 . ILE A 56 ? 0.1056 0.0517 0.0515 -0.0133 -0.0076 0.0088  55   ILE A CD1 
496 N  N   A ARG A 57 ? 0.0793 0.0569 0.0783 -0.0042 0.0040  -0.0001 56   ARG A N   
497 N  N   B ARG A 57 ? 0.0774 0.0577 0.0789 -0.0031 0.0043  0.0005  56   ARG A N   
498 C  CA  A ARG A 57 ? 0.1004 0.0790 0.0660 -0.0225 -0.0259 -0.0064 56   ARG A CA  
499 C  CA  B ARG A 57 ? 0.1036 0.0700 0.0678 -0.0210 -0.0257 -0.0047 56   ARG A CA  
500 C  C   A ARG A 57 ? 0.1097 0.0629 0.0618 -0.0053 -0.0109 -0.0038 56   ARG A C   
501 C  C   B ARG A 57 ? 0.1146 0.0596 0.0724 -0.0107 -0.0075 -0.0014 56   ARG A C   
502 O  O   A ARG A 57 ? 0.1227 0.1268 0.0754 -0.0112 -0.0055 0.0018  56   ARG A O   
503 O  O   B ARG A 57 ? 0.1266 0.0934 0.0858 -0.0181 -0.0083 0.0080  56   ARG A O   
504 C  CB  A ARG A 57 ? 0.1202 0.0657 0.0605 -0.0135 -0.0356 -0.0179 56   ARG A CB  
505 C  CB  B ARG A 57 ? 0.1242 0.0504 0.0791 -0.0125 -0.0143 -0.0043 56   ARG A CB  
506 C  CG  A ARG A 57 ? 0.1244 0.0834 0.0661 -0.0045 -0.0061 -0.0220 56   ARG A CG  
507 C  CG  B ARG A 57 ? 0.1193 0.0971 0.1087 -0.0135 -0.0041 0.0039  56   ARG A CG  
508 C  CD  A ARG A 57 ? 0.1529 0.1113 0.0797 -0.0175 0.0038  0.0175  56   ARG A CD  
509 C  CD  B ARG A 57 ? 0.1198 0.0904 0.0864 -0.0425 0.0004  0.0006  56   ARG A CD  
510 N  NE  A ARG A 57 ? 0.1396 0.0721 0.1201 -0.0106 0.0063  0.0116  56   ARG A NE  
511 N  NE  B ARG A 57 ? 0.1136 0.0536 0.1239 -0.0061 0.0181  0.0061  56   ARG A NE  
512 C  CZ  A ARG A 57 ? 0.0814 0.0922 0.1291 -0.0009 0.0021  0.0024  56   ARG A CZ  
513 C  CZ  B ARG A 57 ? 0.1486 0.0489 0.1368 -0.0103 0.0314  -0.0029 56   ARG A CZ  
514 N  NH1 A ARG A 57 ? 0.1744 0.1225 0.1082 -0.0033 0.0030  -0.0129 56   ARG A NH1 
515 N  NH1 B ARG A 57 ? 0.0739 0.0447 0.0833 -0.0020 0.0032  0.0320  56   ARG A NH1 
516 N  NH2 A ARG A 57 ? 0.1333 0.0500 0.0421 0.0143  0.0192  0.0189  56   ARG A NH2 
517 N  NH2 B ARG A 57 ? 0.1241 0.0365 0.0863 0.0018  0.0449  0.0221  56   ARG A NH2 
518 N  N   A ILE A 58 ? 0.0994 0.0805 0.0509 -0.0180 -0.0120 0.0023  57   ILE A N   
519 N  N   B ILE A 58 ? 0.1436 0.0916 0.0852 -0.0180 -0.0189 0.0052  57   ILE A N   
520 C  CA  A ILE A 58 ? 0.1152 0.0692 0.0445 -0.0330 -0.0074 -0.0004 57   ILE A CA  
521 C  CA  B ILE A 58 ? 0.1431 0.1000 0.1032 -0.0231 -0.0008 0.0071  57   ILE A CA  
522 C  C   A ILE A 58 ? 0.1135 0.0970 0.0614 -0.0434 -0.0237 0.0067  57   ILE A C   
523 C  C   B ILE A 58 ? 0.1462 0.1025 0.0855 -0.0119 0.0241  0.0090  57   ILE A C   
524 O  O   A ILE A 58 ? 0.1388 0.1398 0.1147 -0.0735 -0.0392 0.0214  57   ILE A O   
525 O  O   B ILE A 58 ? 0.1422 0.1757 0.1245 -0.0367 0.0068  0.0108  57   ILE A O   
526 C  CB  A ILE A 58 ? 0.1236 0.0794 0.0997 -0.0200 -0.0169 0.0071  57   ILE A CB  
527 C  CB  B ILE A 58 ? 0.1426 0.1063 0.1139 -0.0080 -0.0045 -0.0153 57   ILE A CB  
528 C  CG1 A ILE A 58 ? 0.1441 0.0573 0.0799 -0.0031 -0.0340 -0.0030 57   ILE A CG1 
529 C  CG1 B ILE A 58 ? 0.1427 0.0996 0.0942 -0.0171 0.0078  0.0069  57   ILE A CG1 
530 C  CG2 A ILE A 58 ? 0.1141 0.0783 0.0808 -0.0235 -0.0252 0.0019  57   ILE A CG2 
531 C  CG2 B ILE A 58 ? 0.1446 0.1641 0.1555 -0.0058 0.0009  0.0038  57   ILE A CG2 
532 C  CD1 A ILE A 58 ? 0.1247 0.1309 0.1471 -0.0066 0.0166  0.0067  57   ILE A CD1 
533 C  CD1 B ILE A 58 ? 0.1215 0.1365 0.1235 -0.0303 0.0011  0.0262  57   ILE A CD1 
534 O  OXT A ILE A 58 ? 0.1358 0.1410 0.0629 -0.0484 -0.0305 0.0206  57   ILE A OXT 
535 O  OXT B ILE A 58 ? 0.1460 0.1412 0.0919 -0.0262 -0.0042 -0.0151 57   ILE A OXT 
536 MG MG  . MG  B .  ? 0.1103 0.0714 0.0938 -0.0024 -0.0066 -0.0088 1031 MG  A MG  
537 X  UNK . UNX C .  ? 0.1372 0.1915 0.0985 -0.0183 -0.0102 -0.0055 1001 UNX A UNK 
538 O  O   . HOH D .  ? 0.0937 0.0648 0.1179 0.0037  -0.0111 -0.0090 1032 HOH A O   
539 O  O   . HOH D .  ? 0.0850 0.0449 0.1046 -0.0115 0.0060  0.0166  1033 HOH A O   
540 O  O   . HOH D .  ? 0.0838 0.0640 0.0948 -0.0001 0.0161  -0.0048 1034 HOH A O   
541 O  O   . HOH D .  ? 0.0819 0.0479 0.0823 -0.0098 0.0050  -0.0052 1035 HOH A O   
542 O  O   . HOH D .  ? 0.0795 0.1449 0.0541 -0.0441 -0.0048 0.0162  1036 HOH A O   
543 O  O   . HOH D .  ? 0.0984 0.0860 0.0610 -0.0191 -0.0021 -0.0029 1037 HOH A O   
544 O  O   . HOH D .  ? 0.1119 0.0524 0.0742 0.0007  0.0405  0.0053  1038 HOH A O   
545 O  O   . HOH D .  ? 0.1032 0.1152 0.0706 0.0014  0.0144  0.0379  1039 HOH A O   
546 O  O   . HOH D .  ? 0.1283 0.1086 0.1123 0.0021  -0.0424 0.0089  1040 HOH A O   
547 O  O   . HOH D .  ? 0.1521 0.1214 0.1427 -0.0054 -0.0310 -0.0041 1041 HOH A O   
548 O  O   . HOH D .  ? 0.0613 0.0833 0.1253 0.0006  -0.0424 -0.0038 1042 HOH A O   
549 O  O   . HOH D .  ? 0.1385 0.2010 0.0541 -0.0530 -0.0079 0.0067  1043 HOH A O   
550 O  O   A HOH D .  ? 0.1514 0.0473 0.0844 -0.0250 0.0439  0.0025  1044 HOH A O   
551 O  O   B HOH D .  ? 0.0787 0.1311 0.0932 0.0084  -0.0238 -0.0604 1044 HOH A O   
552 O  O   . HOH D .  ? 0.1271 0.0761 0.0973 -0.0110 0.0009  0.0056  1045 HOH A O   
553 O  O   . HOH D .  ? 0.1146 0.0664 0.2191 -0.0124 0.0055  -0.0060 1046 HOH A O   
554 O  O   . HOH D .  ? 0.1845 0.2388 0.0901 0.0206  0.0355  -0.0455 1047 HOH A O   
555 O  O   A HOH D .  ? 0.0959 0.0467 0.0644 0.0192  -0.0006 0.0039  1048 HOH A O   
556 O  O   B HOH D .  ? 0.1143 0.1465 0.1053 0.0095  0.0119  0.0297  1048 HOH A O   
557 O  O   . HOH D .  ? 0.1936 0.1081 0.1571 0.0235  0.0710  0.0450  1049 HOH A O   
558 O  O   . HOH D .  ? 0.2309 0.2804 0.1445 -0.0884 0.0159  -0.0518 1050 HOH A O   
559 O  O   . HOH D .  ? 0.1488 0.1718 0.1129 -0.0094 -0.0158 0.0433  1051 HOH A O   
560 O  O   A HOH D .  ? 0.1060 0.0770 0.1045 -0.0332 0.0208  -0.0320 1052 HOH A O   
561 O  O   B HOH D .  ? 0.1349 0.1063 0.1618 -0.0353 -0.0605 0.0209  1052 HOH A O   
562 O  O   . HOH D .  ? 0.1435 0.0929 0.2398 -0.0025 0.0439  -0.0158 1053 HOH A O   
563 O  O   . HOH D .  ? 0.1640 0.1770 0.1487 0.0252  0.0195  -0.0230 1054 HOH A O   
564 O  O   . HOH D .  ? 0.2507 0.1083 0.1014 0.0471  -0.0398 -0.0009 1055 HOH A O   
565 O  O   . HOH D .  ? 0.2904 0.1723 0.0924 0.1491  -0.0434 0.0010  1056 HOH A O   
566 O  O   . HOH D .  ? 0.1276 0.1048 0.1454 0.0230  0.0033  0.0116  1057 HOH A O   
567 O  O   . HOH D .  ? 0.2327 0.1523 0.1285 -0.0592 -0.0846 0.0523  1058 HOH A O   
568 O  O   . HOH D .  ? 0.2381 0.1970 0.2803 -0.0240 0.0784  -0.0252 1059 HOH A O   
569 O  O   . HOH D .  ? 0.2132 0.2059 0.4733 -0.0087 0.0056  0.0048  1060 HOH A O   
570 O  O   . HOH D .  ? 0.1643 0.1305 0.1601 -0.0372 0.0015  -0.0162 1061 HOH A O   
571 O  O   A HOH D .  ? 0.1291 0.1312 0.0710 0.0302  -0.0187 -0.0403 1062 HOH A O   
572 O  O   B HOH D .  ? 0.1351 0.1639 0.1260 0.0290  0.0040  0.0294  1062 HOH A O   
573 O  O   . HOH D .  ? 0.1642 0.1627 0.3623 -0.0569 0.0341  -0.0852 1063 HOH A O   
574 O  O   A HOH D .  ? 0.1082 0.1210 0.0756 -0.0063 0.0069  -0.0370 1064 HOH A O   
575 O  O   B HOH D .  ? 0.1138 0.1746 0.0957 -0.0215 0.0106  -0.0099 1064 HOH A O   
576 O  O   . HOH D .  ? 0.0948 0.0919 0.0754 -0.0245 -0.0026 -0.0097 1065 HOH A O   
577 O  O   . HOH D .  ? 0.1134 0.1053 0.1031 0.0140  -0.0226 -0.0093 1066 HOH A O   
578 O  O   . HOH D .  ? 0.1247 0.0789 0.1936 -0.0014 -0.0255 0.0237  1067 HOH A O   
579 O  O   . HOH D .  ? 0.1454 0.1451 0.1266 0.0383  -0.0316 -0.0326 1068 HOH A O   
580 O  O   . HOH D .  ? 0.2637 0.1287 0.2936 0.0458  0.0076  -0.0610 1069 HOH A O   
581 O  O   . HOH D .  ? 0.2834 0.1532 0.2470 -0.0201 -0.0904 -0.0058 1070 HOH A O   
582 O  O   . HOH D .  ? 0.1590 0.0797 0.1324 0.0015  -0.0206 0.0143  1071 HOH A O   
583 O  O   . HOH D .  ? 0.2692 0.2011 0.0854 -0.0964 0.0252  -0.0092 1072 HOH A O   
584 O  O   . HOH D .  ? 0.1425 0.1430 0.1286 -0.0160 -0.0901 0.0242  1073 HOH A O   
585 O  O   . HOH D .  ? 0.2635 0.1056 0.2076 0.0266  -0.0694 -0.0283 1074 HOH A O   
586 O  O   . HOH D .  ? 0.2433 0.1941 0.2354 -0.1066 -0.0175 0.0283  1075 HOH A O   
587 O  O   . HOH D .  ? 0.2621 0.2367 0.1321 0.0404  0.0035  0.0073  1076 HOH A O   
588 O  O   . HOH D .  ? 0.2201 0.1724 0.2602 0.0108  0.0349  -0.0109 1077 HOH A O   
589 O  O   . HOH D .  ? 0.1778 0.3055 0.1902 -0.1073 0.0089  0.0917  1078 HOH A O   
590 O  O   . HOH D .  ? 0.4395 0.2065 0.1084 -0.0753 0.0661  0.0666  1079 HOH A O   
591 O  O   . HOH D .  ? 0.1996 0.4719 0.2773 0.0258  -0.0268 0.0559  1080 HOH A O   
592 O  O   A HOH D .  ? 0.1620 0.1114 0.0846 0.0004  0.0062  0.0156  1081 HOH A O   
593 O  O   B HOH D .  ? 0.2315 0.1180 0.2136 -0.0184 0.0153  0.0222  1081 HOH A O   
594 O  O   A HOH D .  ? 0.2212 0.1185 0.1743 0.0007  0.0571  0.0000  1082 HOH A O   
595 O  O   B HOH D .  ? 0.2498 0.2924 0.2680 -0.0355 0.0043  0.0243  1082 HOH A O   
596 O  O   . HOH D .  ? 0.3578 0.2392 0.1717 -0.0614 -0.0397 0.0131  1083 HOH A O   
597 O  O   A HOH D .  ? 0.1225 0.1129 0.1226 -0.0054 0.0493  0.0039  1084 HOH A O   
598 O  O   B HOH D .  ? 0.2028 0.1270 0.2228 -0.0146 -0.0133 0.0351  1084 HOH A O   
599 O  O   . HOH D .  ? 0.3094 0.1883 0.1840 0.0306  -0.0039 -0.0023 1085 HOH A O   
600 O  O   . HOH D .  ? 0.2542 0.2634 0.2208 -0.0163 -0.0315 0.0332  1086 HOH A O   
601 O  O   . HOH D .  ? 0.1979 0.1708 0.3829 -0.0202 -0.0496 0.0118  1087 HOH A O   
602 O  O   A HOH D .  ? 0.2054 0.1194 0.0889 0.0212  -0.0084 -0.0162 1088 HOH A O   
603 O  O   B HOH D .  ? 0.1889 0.1422 0.2595 0.0456  -0.0066 0.0218  1088 HOH A O   
604 O  O   . HOH D .  ? 0.4123 0.3158 0.2467 -0.0009 -0.0799 0.0043  1089 HOH A O   
605 O  O   . HOH D .  ? 0.2307 0.3125 0.2281 0.0119  -0.0343 0.0226  1090 HOH A O   
606 O  O   . HOH D .  ? 0.2458 0.3678 0.1402 0.0478  0.0216  -0.0315 1091 HOH A O   
607 O  O   . HOH D .  ? 0.4064 0.1962 0.2818 0.0786  0.0994  0.0377  1092 HOH A O   
608 O  O   . HOH D .  ? 0.1838 0.1857 0.2007 -0.0248 -0.0394 -0.0323 1093 HOH A O   
609 O  O   . HOH D .  ? 0.3611 0.3440 0.3516 -0.0121 -0.0685 -0.0542 1094 HOH A O   
610 O  O   . HOH D .  ? 0.4392 0.4357 0.2761 0.0424  -0.0129 0.0481  1095 HOH A O   
611 O  O   . HOH D .  ? 0.2578 0.1728 0.2445 -0.0631 -0.0489 0.0889  1096 HOH A O   
612 O  O   . HOH D .  ? 0.1566 0.0996 0.1062 -0.0112 -0.0178 0.0080  1097 HOH A O   
613 O  O   . HOH D .  ? 0.1506 0.2483 0.1540 -0.0605 0.0014  0.0595  1098 HOH A O   
614 O  O   . HOH D .  ? 0.2135 0.3155 0.1741 0.0429  0.0421  -0.1032 1099 HOH A O   
615 O  O   . HOH D .  ? 0.2908 0.2746 0.3834 0.0407  -0.0115 0.0382  1100 HOH A O   
616 O  O   . HOH D .  ? 0.2986 0.4215 0.3940 0.0528  0.0467  0.0445  1101 HOH A O   
617 O  O   . HOH D .  ? 0.3383 0.2586 0.3125 0.0197  0.0229  0.1440  1102 HOH A O   
618 O  O   . HOH D .  ? 0.2771 0.4431 0.2369 -0.0199 0.0128  0.0402  1103 HOH A O   
619 O  O   . HOH D .  ? 0.1578 0.1956 0.1183 -0.0540 -0.0617 0.0382  1104 HOH A O   
620 O  O   . HOH D .  ? 0.3440 0.2715 0.2692 -0.0197 0.0381  -0.0022 1105 HOH A O   
621 O  O   . HOH D .  ? 0.3044 0.3130 0.3309 0.0333  -0.0408 -0.1692 1106 HOH A O   
622 O  O   . HOH D .  ? 0.5289 0.4991 0.4978 0.0028  -0.0063 0.0095  1107 HOH A O   
623 O  O   . HOH D .  ? 0.3442 0.2754 0.4050 -0.0948 0.0709  0.0338  1108 HOH A O   
624 O  O   . HOH D .  ? 0.3452 0.2778 0.2936 0.0379  -0.0037 -0.1009 1109 HOH A O   
625 O  O   . HOH D .  ? 0.4437 0.2369 0.1588 0.0413  -0.0503 0.0690  1110 HOH A O   
626 O  O   A HOH D .  ? 0.1475 0.1726 0.2598 0.0180  0.0497  -0.0006 1111 HOH A O   
627 O  O   B HOH D .  ? 0.1873 0.1932 0.1715 -0.0148 0.0263  -0.0167 1111 HOH A O   
628 O  O   . HOH D .  ? 0.3901 0.4192 0.2543 0.0153  0.0383  0.1134  1112 HOH A O   
629 O  O   . HOH D .  ? 0.2290 0.3514 0.3363 -0.0322 -0.0108 -0.0735 1113 HOH A O   
630 O  O   . HOH D .  ? 0.2670 0.1653 0.3828 0.0660  -0.0543 -0.0571 1114 HOH A O   
631 O  O   . HOH D .  ? 0.4937 0.4129 0.4578 -0.0038 0.0123  -0.0013 1115 HOH A O   
632 O  O   . HOH D .  ? 0.3129 0.3635 0.2995 0.0187  0.0785  -0.0442 1116 HOH A O   
633 O  O   . HOH D .  ? 0.3724 0.3475 0.3384 0.0141  -0.0038 -0.0137 1117 HOH A O   
634 O  O   A HOH D .  ? 0.1812 0.2253 0.1122 -0.0188 0.0079  0.0453  1118 HOH A O   
635 O  O   B HOH D .  ? 0.2516 0.1705 0.0832 -0.0403 0.0223  0.0318  1118 HOH A O   
636 O  O   . HOH D .  ? 0.0967 0.0892 0.1050 -0.0002 -0.0194 -0.0109 1119 HOH A O   
637 O  O   . HOH D .  ? 0.3393 0.2795 0.1433 0.0643  0.0207  0.0143  1120 HOH A O   
638 O  O   . HOH D .  ? 0.4752 0.2251 0.2732 0.1050  0.0065  0.0683  1121 HOH A O   
639 O  O   . HOH D .  ? 0.5905 0.6031 0.5785 0.0176  0.0139  0.0182  1122 HOH A O   
640 O  O   . HOH D .  ? 0.4058 0.3913 0.4576 -0.0235 -0.0178 -0.0031 1123 HOH A O   
641 O  O   . HOH D .  ? 0.4888 0.3971 0.4799 -0.0111 -0.0048 -0.0255 1124 HOH A O   
642 O  O   . HOH D .  ? 0.4044 0.4886 0.4934 0.0332  -0.0063 -0.0157 1125 HOH A O   
643 O  O   . HOH D .  ? 0.4303 0.2209 0.1877 -0.0235 -0.0662 -0.0593 1126 HOH A O   
644 O  O   . HOH D .  ? 0.1255 0.1617 0.1261 -0.0295 0.0110  -0.0086 1127 HOH A O   
645 O  O   . HOH D .  ? 0.1027 0.0864 0.1194 0.0123  0.0026  0.0347  1128 HOH A O   
646 O  O   . HOH D .  ? 0.3803 0.2618 0.3101 0.0478  0.0040  -0.0217 1129 HOH A O   
647 O  O   . HOH D .  ? 0.3507 0.3166 0.3008 -0.0159 0.0065  0.0294  1130 HOH A O   
648 O  O   . HOH D .  ? 0.4076 0.4119 0.3515 0.0520  0.0584  0.0202  1131 HOH A O   
649 O  O   . HOH D .  ? 0.4363 0.4573 0.4297 -0.0245 -0.0002 0.0265  1132 HOH A O   
650 O  O   . HOH D .  ? 0.4140 0.2981 0.2367 -0.0098 0.0301  0.0299  1133 HOH A O   
651 O  O   . HOH D .  ? 0.4861 0.4156 0.4206 -0.0038 -0.0104 0.0052  1134 HOH A O   
652 O  O   . HOH D .  ? 0.2043 0.2330 0.1787 0.0035  -0.0072 -0.0616 1135 HOH A O   
653 O  O   . HOH D .  ? 0.3967 0.4495 0.4863 -0.0343 -0.0078 0.0027  1136 HOH A O   
654 O  O   . HOH D .  ? 0.3898 0.4687 0.4821 -0.0450 -0.0175 -0.0352 1137 HOH A O   
655 O  O   . HOH D .  ? 0.4317 0.4683 0.3963 -0.0095 0.0505  0.0215  1138 HOH A O   
656 O  O   . HOH D .  ? 0.3351 0.4448 0.2797 0.0067  0.0833  0.0359  1139 HOH A O   
657 O  O   . HOH D .  ? 0.4706 0.4531 0.4854 -0.0065 -0.0050 0.0145  1140 HOH A O   
658 O  O   . HOH D .  ? 0.2882 0.4835 0.4378 0.0564  0.0316  -0.0545 1141 HOH A O   
659 O  O   . HOH D .  ? 0.2989 0.3616 0.4076 -0.0460 -0.0037 0.0535  1142 HOH A O   
660 O  O   . HOH D .  ? 0.4644 0.4820 0.4452 -0.0118 0.0055  -0.0001 1143 HOH A O   
661 O  O   . HOH D .  ? 0.4577 0.4144 0.3756 0.0236  -0.0081 0.0610  1144 HOH A O   
662 O  O   . HOH D .  ? 0.4958 0.4918 0.4792 0.0012  0.0288  0.0169  1145 HOH A O   
663 O  O   . HOH D .  ? 0.3860 0.3583 0.3897 0.0159  -0.0604 -0.0514 1146 HOH A O   
664 O  O   . HOH D .  ? 0.4820 0.4253 0.4977 -0.0400 -0.0143 0.0004  1147 HOH A O   
665 O  O   . HOH D .  ? 0.5013 0.4921 0.5083 -0.0073 -0.0167 0.0268  1148 HOH A O   
666 O  O   . HOH D .  ? 0.5064 0.5126 0.5505 -0.0086 -0.0105 -0.0469 1149 HOH A O   
667 O  O   . HOH D .  ? 0.3634 0.4924 0.3820 0.0104  -0.0064 0.0165  1150 HOH A O   
668 O  O   . HOH D .  ? 0.4195 0.4016 0.5127 0.0304  0.0147  -0.0178 1151 HOH A O   
669 O  O   . HOH D .  ? 0.3875 0.4025 0.3623 0.0485  -0.0132 0.0315  1152 HOH A O   
670 O  O   . HOH D .  ? 0.3352 0.2074 0.2851 -0.0121 0.1021  0.0491  1153 HOH A O   
671 O  O   . HOH D .  ? 0.3787 0.4157 0.3712 -0.0318 0.0398  0.0685  1154 HOH A O   
672 O  O   . HOH D .  ? 0.4117 0.4908 0.4416 0.0258  0.0234  -0.0364 1155 HOH A O   
673 O  O   . HOH D .  ? 0.4215 0.4442 0.5192 0.0041  -0.0379 -0.0226 1156 HOH A O   
674 O  O   . HOH D .  ? 0.3694 0.4206 0.3351 0.0364  0.0032  0.0702  1157 HOH A O   
675 O  O   . HOH D .  ? 0.1712 0.1430 0.1242 0.0175  0.0440  -0.0220 1158 HOH A O   
676 O  O   . HOH D .  ? 0.5197 0.3148 0.4747 -0.0090 -0.0327 -0.0049 1159 HOH A O   
677 O  O   . HOH D .  ? 0.4404 0.2638 0.4272 0.0631  -0.0122 0.0473  1160 HOH A O   
678 O  O   . HOH D .  ? 0.5097 0.4616 0.3758 -0.0054 -0.0119 0.0053  1161 HOH A O   
679 O  O   . HOH D .  ? 0.4825 0.4185 0.4650 -0.0146 -0.0255 -0.0170 1162 HOH A O   
680 O  O   . HOH D .  ? 0.4757 0.4204 0.4719 -0.0394 0.0233  0.0163  1163 HOH A O   
681 O  O   . HOH D .  ? 0.5051 0.5267 0.5087 0.0063  -0.0043 -0.0311 1164 HOH A O   
# 
loop_
_pdbx_poly_seq_scheme.asym_id 
_pdbx_poly_seq_scheme.entity_id 
_pdbx_poly_seq_scheme.seq_id 
_pdbx_poly_seq_scheme.mon_id 
_pdbx_poly_seq_scheme.ndb_seq_num 
_pdbx_poly_seq_scheme.pdb_seq_num 
_pdbx_poly_seq_scheme.auth_seq_num 
_pdbx_poly_seq_scheme.pdb_mon_id 
_pdbx_poly_seq_scheme.auth_mon_id 
_pdbx_poly_seq_scheme.pdb_strand_id 
_pdbx_poly_seq_scheme.pdb_ins_code 
_pdbx_poly_seq_scheme.hetero 
A 1 1  GLY 1  0  ?  ?   ?   A . n 
A 1 2  MET 2  1  ?  ?   ?   A . n 
A 1 3  GLU 3  2  2  GLU GLU A . n 
A 1 4  ASN 4  3  3  ASN ASN A . n 
A 1 5  LYS 5  4  4  LYS LYS A . n 
A 1 6  VAL 6  5  5  VAL VAL A . n 
A 1 7  LEU 7  6  6  LEU LEU A . n 
A 1 8  TYR 8  7  7  TYR TYR A . n 
A 1 9  ALA 9  8  8  ALA ALA A . n 
A 1 10 TYR 10 9  9  TYR TYR A . n 
A 1 11 VAL 11 10 10 VAL VAL A . n 
A 1 12 GLN 12 11 11 GLN GLN A . n 
A 1 13 LYS 13 12 12 LYS LYS A . n 
A 1 14 ASP 14 13 13 ASP ASP A . n 
A 1 15 ASP 15 14 14 ASP ASP A . n 
A 1 16 ASP 16 15 15 ASP ASP A . n 
A 1 17 GLU 17 16 16 GLU GLU A . n 
A 1 18 ILE 18 17 17 ILE ILE A . n 
A 1 19 THR 19 18 18 THR THR A . n 
A 1 20 ILE 20 19 19 ILE ILE A . n 
A 1 21 THR 21 20 20 THR THR A . n 
A 1 22 PRO 22 21 21 PRO PRO A . n 
A 1 23 GLY 23 22 22 GLY GLY A . n 
A 1 24 ASP 24 23 23 ASP ASP A . n 
A 1 25 LYS 25 24 24 LYS LYS A . n 
A 1 26 ILE 26 25 25 ILE ILE A . n 
A 1 27 SER 27 26 26 SER SER A . n 
A 1 28 LEU 28 27 27 LEU LEU A . n 
A 1 29 VAL 29 28 28 VAL VAL A . n 
A 1 30 ALA 30 29 29 ALA ALA A . n 
A 1 31 ARG 31 30 30 ARG ARG A . n 
A 1 32 ASP 32 31 31 ASP ASP A . n 
A 1 33 THR 33 32 32 THR THR A . n 
A 1 34 GLY 34 33 33 GLY GLY A . n 
A 1 35 SER 35 34 34 SER SER A . n 
A 1 36 GLY 36 35 35 GLY GLY A . n 
A 1 37 TRP 37 36 36 TRP TRP A . n 
A 1 38 THR 38 37 37 THR THR A . n 
A 1 39 LYS 39 38 38 LYS LYS A . n 
A 1 40 ILE 40 39 39 ILE ILE A . n 
A 1 41 ASN 41 40 40 ASN ASN A . n 
A 1 42 ASN 42 41 41 ASN ASN A . n 
A 1 43 ASP 43 42 42 ASP ASP A . n 
A 1 44 THR 44 43 43 THR THR A . n 
A 1 45 THR 45 44 44 THR THR A . n 
A 1 46 GLY 46 45 45 GLY GLY A . n 
A 1 47 GLU 47 46 46 GLU GLU A . n 
A 1 48 THR 48 47 47 THR THR A . n 
A 1 49 GLY 49 48 48 GLY GLY A . n 
A 1 50 LEU 50 49 49 LEU LEU A . n 
A 1 51 VAL 51 50 50 VAL VAL A . n 
A 1 52 PRO 52 51 51 PRO PRO A . n 
A 1 53 THR 53 52 52 THR THR A . n 
A 1 54 THR 54 53 53 THR THR A . n 
A 1 55 TYR 55 54 54 TYR TYR A . n 
A 1 56 ILE 56 55 55 ILE ILE A . n 
A 1 57 ARG 57 56 56 ARG ARG A . n 
A 1 58 ILE 58 57 57 ILE ILE A . n 
# 
loop_
_pdbx_nonpoly_scheme.asym_id 
_pdbx_nonpoly_scheme.entity_id 
_pdbx_nonpoly_scheme.mon_id 
_pdbx_nonpoly_scheme.ndb_seq_num 
_pdbx_nonpoly_scheme.pdb_seq_num 
_pdbx_nonpoly_scheme.auth_seq_num 
_pdbx_nonpoly_scheme.pdb_mon_id 
_pdbx_nonpoly_scheme.auth_mon_id 
_pdbx_nonpoly_scheme.pdb_strand_id 
_pdbx_nonpoly_scheme.pdb_ins_code 
B 2 MG  1   1031 31  MG  MG  A . 
C 3 UNX 1   1001 1   UNX DUM A . 
D 4 HOH 1   1032 1   HOH HOH A . 
D 4 HOH 2   1033 2   HOH HOH A . 
D 4 HOH 3   1034 3   HOH HOH A . 
D 4 HOH 4   1035 4   HOH HOH A . 
D 4 HOH 5   1036 5   HOH HOH A . 
D 4 HOH 6   1037 6   HOH HOH A . 
D 4 HOH 7   1038 7   HOH HOH A . 
D 4 HOH 8   1039 8   HOH HOH A . 
D 4 HOH 9   1040 9   HOH HOH A . 
D 4 HOH 10  1041 10  HOH HOH A . 
D 4 HOH 11  1042 11  HOH HOH A . 
D 4 HOH 12  1043 12  HOH HOH A . 
D 4 HOH 13  1044 13  HOH HOH A . 
D 4 HOH 14  1045 14  HOH HOH A . 
D 4 HOH 15  1046 15  HOH HOH A . 
D 4 HOH 16  1047 16  HOH HOH A . 
D 4 HOH 17  1048 17  HOH HOH A . 
D 4 HOH 18  1049 18  HOH HOH A . 
D 4 HOH 19  1050 19  HOH HOH A . 
D 4 HOH 20  1051 20  HOH HOH A . 
D 4 HOH 21  1052 21  HOH HOH A . 
D 4 HOH 22  1053 22  HOH HOH A . 
D 4 HOH 23  1054 23  HOH HOH A . 
D 4 HOH 24  1055 24  HOH HOH A . 
D 4 HOH 25  1056 25  HOH HOH A . 
D 4 HOH 26  1057 26  HOH HOH A . 
D 4 HOH 27  1058 27  HOH HOH A . 
D 4 HOH 28  1059 28  HOH HOH A . 
D 4 HOH 29  1060 29  HOH HOH A . 
D 4 HOH 30  1061 30  HOH HOH A . 
D 4 HOH 31  1062 31  HOH HOH A . 
D 4 HOH 32  1063 32  HOH HOH A . 
D 4 HOH 33  1064 33  HOH HOH A . 
D 4 HOH 34  1065 34  HOH HOH A . 
D 4 HOH 35  1066 35  HOH HOH A . 
D 4 HOH 36  1067 36  HOH HOH A . 
D 4 HOH 37  1068 37  HOH HOH A . 
D 4 HOH 38  1069 38  HOH HOH A . 
D 4 HOH 39  1070 39  HOH HOH A . 
D 4 HOH 40  1071 40  HOH HOH A . 
D 4 HOH 41  1072 41  HOH HOH A . 
D 4 HOH 42  1073 42  HOH HOH A . 
D 4 HOH 43  1074 43  HOH HOH A . 
D 4 HOH 44  1075 44  HOH HOH A . 
D 4 HOH 45  1076 45  HOH HOH A . 
D 4 HOH 46  1077 46  HOH HOH A . 
D 4 HOH 47  1078 47  HOH HOH A . 
D 4 HOH 48  1079 48  HOH HOH A . 
D 4 HOH 49  1080 49  HOH HOH A . 
D 4 HOH 50  1081 50  HOH HOH A . 
D 4 HOH 51  1082 51  HOH HOH A . 
D 4 HOH 52  1083 52  HOH HOH A . 
D 4 HOH 53  1084 53  HOH HOH A . 
D 4 HOH 54  1085 54  HOH HOH A . 
D 4 HOH 55  1086 55  HOH HOH A . 
D 4 HOH 56  1087 56  HOH HOH A . 
D 4 HOH 57  1088 57  HOH HOH A . 
D 4 HOH 58  1089 58  HOH HOH A . 
D 4 HOH 59  1090 59  HOH HOH A . 
D 4 HOH 60  1091 61  HOH HOH A . 
D 4 HOH 61  1092 62  HOH HOH A . 
D 4 HOH 62  1093 63  HOH HOH A . 
D 4 HOH 63  1094 64  HOH HOH A . 
D 4 HOH 64  1095 66  HOH HOH A . 
D 4 HOH 65  1096 67  HOH HOH A . 
D 4 HOH 66  1097 68  HOH HOH A . 
D 4 HOH 67  1098 69  HOH HOH A . 
D 4 HOH 68  1099 71  HOH HOH A . 
D 4 HOH 69  1100 72  HOH HOH A . 
D 4 HOH 70  1101 73  HOH HOH A . 
D 4 HOH 71  1102 74  HOH HOH A . 
D 4 HOH 72  1103 75  HOH HOH A . 
D 4 HOH 73  1104 77  HOH HOH A . 
D 4 HOH 74  1105 78  HOH HOH A . 
D 4 HOH 75  1106 79  HOH HOH A . 
D 4 HOH 76  1107 80  HOH HOH A . 
D 4 HOH 77  1108 81  HOH HOH A . 
D 4 HOH 78  1109 82  HOH HOH A . 
D 4 HOH 79  1110 83  HOH HOH A . 
D 4 HOH 80  1111 84  HOH HOH A . 
D 4 HOH 81  1112 85  HOH HOH A . 
D 4 HOH 82  1113 86  HOH HOH A . 
D 4 HOH 83  1114 88  HOH HOH A . 
D 4 HOH 84  1115 89  HOH HOH A . 
D 4 HOH 85  1116 90  HOH HOH A . 
D 4 HOH 86  1117 91  HOH HOH A . 
D 4 HOH 87  1118 92  HOH HOH A . 
D 4 HOH 88  1119 93  HOH HOH A . 
D 4 HOH 89  1120 94  HOH HOH A . 
D 4 HOH 90  1121 95  HOH HOH A . 
D 4 HOH 91  1122 96  HOH HOH A . 
D 4 HOH 92  1123 97  HOH HOH A . 
D 4 HOH 93  1124 98  HOH HOH A . 
D 4 HOH 94  1125 99  HOH HOH A . 
D 4 HOH 95  1126 100 HOH HOH A . 
D 4 HOH 96  1127 101 HOH HOH A . 
D 4 HOH 97  1128 102 HOH HOH A . 
D 4 HOH 98  1129 103 HOH HOH A . 
D 4 HOH 99  1130 104 HOH HOH A . 
D 4 HOH 100 1131 106 HOH HOH A . 
D 4 HOH 101 1132 107 HOH HOH A . 
D 4 HOH 102 1133 108 HOH HOH A . 
D 4 HOH 103 1134 109 HOH HOH A . 
D 4 HOH 104 1135 110 HOH HOH A . 
D 4 HOH 105 1136 111 HOH HOH A . 
D 4 HOH 106 1137 112 HOH HOH A . 
D 4 HOH 107 1138 113 HOH HOH A . 
D 4 HOH 108 1139 114 HOH HOH A . 
D 4 HOH 109 1140 115 HOH HOH A . 
D 4 HOH 110 1141 116 HOH HOH A . 
D 4 HOH 111 1142 117 HOH HOH A . 
D 4 HOH 112 1143 118 HOH HOH A . 
D 4 HOH 113 1144 120 HOH HOH A . 
D 4 HOH 114 1145 121 HOH HOH A . 
D 4 HOH 115 1146 122 HOH HOH A . 
D 4 HOH 116 1147 123 HOH HOH A . 
D 4 HOH 117 1148 124 HOH HOH A . 
D 4 HOH 118 1149 125 HOH HOH A . 
D 4 HOH 119 1150 126 HOH HOH A . 
D 4 HOH 120 1151 127 HOH HOH A . 
D 4 HOH 121 1152 128 HOH HOH A . 
D 4 HOH 122 1153 130 HOH HOH A . 
D 4 HOH 123 1154 131 HOH HOH A . 
D 4 HOH 124 1155 133 HOH HOH A . 
D 4 HOH 125 1156 135 HOH HOH A . 
D 4 HOH 126 1157 136 HOH HOH A . 
D 4 HOH 127 1158 137 HOH HOH A . 
D 4 HOH 128 1159 139 HOH HOH A . 
D 4 HOH 129 1160 140 HOH HOH A . 
D 4 HOH 130 1161 142 HOH HOH A . 
D 4 HOH 131 1162 143 HOH HOH A . 
D 4 HOH 132 1163 144 HOH HOH A . 
D 4 HOH 133 1164 146 HOH HOH A . 
# 
_pdbx_struct_assembly.id                   1 
_pdbx_struct_assembly.details              author_defined_assembly 
_pdbx_struct_assembly.method_details       ? 
_pdbx_struct_assembly.oligomeric_details   monomeric 
_pdbx_struct_assembly.oligomeric_count     1 
# 
_pdbx_struct_assembly_gen.assembly_id       1 
_pdbx_struct_assembly_gen.oper_expression   1 
_pdbx_struct_assembly_gen.asym_id_list      A,B,C,D 
# 
_pdbx_struct_oper_list.id                   1 
_pdbx_struct_oper_list.type                 'identity operation' 
_pdbx_struct_oper_list.name                 1_555 
_pdbx_struct_oper_list.symmetry_operation   x,y,z 
_pdbx_struct_oper_list.matrix[1][1]         1.0000000000 
_pdbx_struct_oper_list.matrix[1][2]         0.0000000000 
_pdbx_struct_oper_list.matrix[1][3]         0.0000000000 
_pdbx_struct_oper_list.vector[1]            0.0000000000 
_pdbx_struct_oper_list.matrix[2][1]         0.0000000000 
_pdbx_struct_oper_list.matrix[2][2]         1.0000000000 
_pdbx_struct_oper_list.matrix[2][3]         0.0000000000 
_pdbx_struct_oper_list.vector[2]            0.0000000000 
_pdbx_struct_oper_list.matrix[3][1]         0.0000000000 
_pdbx_struct_oper_list.matrix[3][2]         0.0000000000 
_pdbx_struct_oper_list.matrix[3][3]         1.0000000000 
_pdbx_struct_oper_list.vector[3]            0.0000000000 
# 
_pdbx_struct_special_symmetry.id              1 
_pdbx_struct_special_symmetry.PDB_model_num   1 
_pdbx_struct_special_symmetry.auth_asym_id    A 
_pdbx_struct_special_symmetry.auth_comp_id    HOH 
_pdbx_struct_special_symmetry.auth_seq_id     1042 
_pdbx_struct_special_symmetry.PDB_ins_code    ? 
_pdbx_struct_special_symmetry.label_asym_id   D 
_pdbx_struct_special_symmetry.label_comp_id   HOH 
_pdbx_struct_special_symmetry.label_seq_id    . 
# 
loop_
_pdbx_struct_conn_angle.id 
_pdbx_struct_conn_angle.ptnr1_label_atom_id 
_pdbx_struct_conn_angle.ptnr1_label_alt_id 
_pdbx_struct_conn_angle.ptnr1_label_asym_id 
_pdbx_struct_conn_angle.ptnr1_label_comp_id 
_pdbx_struct_conn_angle.ptnr1_label_seq_id 
_pdbx_struct_conn_angle.ptnr1_auth_atom_id 
_pdbx_struct_conn_angle.ptnr1_auth_asym_id 
_pdbx_struct_conn_angle.ptnr1_auth_comp_id 
_pdbx_struct_conn_angle.ptnr1_auth_seq_id 
_pdbx_struct_conn_angle.ptnr1_PDB_ins_code 
_pdbx_struct_conn_angle.ptnr1_symmetry 
_pdbx_struct_conn_angle.ptnr2_label_atom_id 
_pdbx_struct_conn_angle.ptnr2_label_alt_id 
_pdbx_struct_conn_angle.ptnr2_label_asym_id 
_pdbx_struct_conn_angle.ptnr2_label_comp_id 
_pdbx_struct_conn_angle.ptnr2_label_seq_id 
_pdbx_struct_conn_angle.ptnr2_auth_atom_id 
_pdbx_struct_conn_angle.ptnr2_auth_asym_id 
_pdbx_struct_conn_angle.ptnr2_auth_comp_id 
_pdbx_struct_conn_angle.ptnr2_auth_seq_id 
_pdbx_struct_conn_angle.ptnr2_PDB_ins_code 
_pdbx_struct_conn_angle.ptnr2_symmetry 
_pdbx_struct_conn_angle.ptnr3_label_atom_id 
_pdbx_struct_conn_angle.ptnr3_label_alt_id 
_pdbx_struct_conn_angle.ptnr3_label_asym_id 
_pdbx_struct_conn_angle.ptnr3_label_comp_id 
_pdbx_struct_conn_angle.ptnr3_label_seq_id 
_pdbx_struct_conn_angle.ptnr3_auth_atom_id 
_pdbx_struct_conn_angle.ptnr3_auth_asym_id 
_pdbx_struct_conn_angle.ptnr3_auth_comp_id 
_pdbx_struct_conn_angle.ptnr3_auth_seq_id 
_pdbx_struct_conn_angle.ptnr3_PDB_ins_code 
_pdbx_struct_conn_angle.ptnr3_symmetry 
_pdbx_struct_conn_angle.value 
_pdbx_struct_conn_angle.value_esd 
1  OD1 A A ASP 15 ? A ASP 14   ? 1_555 MG ? B MG . ? A MG 1031 ? 1_555 OD1 B A ASP 15 ? A ASP 14   ? 1_555 7.0   ? 
2  OD1 A A ASP 15 ? A ASP 14   ? 1_555 MG ? B MG . ? A MG 1031 ? 1_555 O   ? D HOH .  ? A HOH 1057 ? 1_555 93.5  ? 
3  OD1 B A ASP 15 ? A ASP 14   ? 1_555 MG ? B MG . ? A MG 1031 ? 1_555 O   ? D HOH .  ? A HOH 1057 ? 1_555 87.1  ? 
4  OD1 A A ASP 15 ? A ASP 14   ? 1_555 MG ? B MG . ? A MG 1031 ? 1_555 O   ? D HOH .  ? A HOH 1066 ? 1_555 84.5  ? 
5  OD1 B A ASP 15 ? A ASP 14   ? 1_555 MG ? B MG . ? A MG 1031 ? 1_555 O   ? D HOH .  ? A HOH 1066 ? 1_555 88.0  ? 
6  O   ? D HOH .  ? A HOH 1057 ? 1_555 MG ? B MG . ? A MG 1031 ? 1_555 O   ? D HOH .  ? A HOH 1066 ? 1_555 94.4  ? 
7  OD1 A A ASP 15 ? A ASP 14   ? 1_555 MG ? B MG . ? A MG 1031 ? 1_555 O   ? D HOH .  ? A HOH 1067 ? 1_555 86.9  ? 
8  OD1 B A ASP 15 ? A ASP 14   ? 1_555 MG ? B MG . ? A MG 1031 ? 1_555 O   ? D HOH .  ? A HOH 1067 ? 1_555 92.8  ? 
9  O   ? D HOH .  ? A HOH 1057 ? 1_555 MG ? B MG . ? A MG 1031 ? 1_555 O   ? D HOH .  ? A HOH 1067 ? 1_555 171.6 ? 
10 O   ? D HOH .  ? A HOH 1066 ? 1_555 MG ? B MG . ? A MG 1031 ? 1_555 O   ? D HOH .  ? A HOH 1067 ? 1_555 94.0  ? 
11 OD1 A A ASP 15 ? A ASP 14   ? 1_555 MG ? B MG . ? A MG 1031 ? 1_555 O   ? D HOH .  ? A HOH 1068 ? 1_555 93.5  ? 
12 OD1 B A ASP 15 ? A ASP 14   ? 1_555 MG ? B MG . ? A MG 1031 ? 1_555 O   ? D HOH .  ? A HOH 1068 ? 1_555 89.7  ? 
13 O   ? D HOH .  ? A HOH 1057 ? 1_555 MG ? B MG . ? A MG 1031 ? 1_555 O   ? D HOH .  ? A HOH 1068 ? 1_555 83.1  ? 
14 O   ? D HOH .  ? A HOH 1066 ? 1_555 MG ? B MG . ? A MG 1031 ? 1_555 O   ? D HOH .  ? A HOH 1068 ? 1_555 176.7 ? 
15 O   ? D HOH .  ? A HOH 1067 ? 1_555 MG ? B MG . ? A MG 1031 ? 1_555 O   ? D HOH .  ? A HOH 1068 ? 1_555 88.5  ? 
16 OD1 A A ASP 15 ? A ASP 14   ? 1_555 MG ? B MG . ? A MG 1031 ? 1_555 O   ? D HOH .  ? A HOH 1119 ? 1_555 174.0 ? 
17 OD1 B A ASP 15 ? A ASP 14   ? 1_555 MG ? B MG . ? A MG 1031 ? 1_555 O   ? D HOH .  ? A HOH 1119 ? 1_555 176.8 ? 
18 O   ? D HOH .  ? A HOH 1057 ? 1_555 MG ? B MG . ? A MG 1031 ? 1_555 O   ? D HOH .  ? A HOH 1119 ? 1_555 90.2  ? 
19 O   ? D HOH .  ? A HOH 1066 ? 1_555 MG ? B MG . ? A MG 1031 ? 1_555 O   ? D HOH .  ? A HOH 1119 ? 1_555 90.5  ? 
20 O   ? D HOH .  ? A HOH 1067 ? 1_555 MG ? B MG . ? A MG 1031 ? 1_555 O   ? D HOH .  ? A HOH 1119 ? 1_555 90.1  ? 
21 O   ? D HOH .  ? A HOH 1068 ? 1_555 MG ? B MG . ? A MG 1031 ? 1_555 O   ? D HOH .  ? A HOH 1119 ? 1_555 91.6  ? 
# 
loop_
_pdbx_audit_revision_history.ordinal 
_pdbx_audit_revision_history.data_content_type 
_pdbx_audit_revision_history.major_revision 
_pdbx_audit_revision_history.minor_revision 
_pdbx_audit_revision_history.revision_date 
1 'Structure model' 1 0 2006-09-12 
2 'Structure model' 1 1 2008-04-30 
3 'Structure model' 1 2 2011-07-13 
4 'Structure model' 1 3 2017-10-11 
5 'Structure model' 1 4 2023-10-25 
# 
_pdbx_audit_revision_details.ordinal             1 
_pdbx_audit_revision_details.revision_ordinal    1 
_pdbx_audit_revision_details.data_content_type   'Structure model' 
_pdbx_audit_revision_details.provider            repository 
_pdbx_audit_revision_details.type                'Initial release' 
_pdbx_audit_revision_details.description         ? 
_pdbx_audit_revision_details.details             ? 
# 
loop_
_pdbx_audit_revision_group.ordinal 
_pdbx_audit_revision_group.revision_ordinal 
_pdbx_audit_revision_group.data_content_type 
_pdbx_audit_revision_group.group 
1 2 'Structure model' 'Version format compliance' 
2 3 'Structure model' 'Version format compliance' 
3 4 'Structure model' 'Refinement description'    
4 5 'Structure model' 'Data collection'           
5 5 'Structure model' 'Database references'       
6 5 'Structure model' 'Derived calculations'      
7 5 'Structure model' 'Refinement description'    
# 
loop_
_pdbx_audit_revision_category.ordinal 
_pdbx_audit_revision_category.revision_ordinal 
_pdbx_audit_revision_category.data_content_type 
_pdbx_audit_revision_category.category 
1  4 'Structure model' software                      
2  5 'Structure model' chem_comp_atom                
3  5 'Structure model' chem_comp_bond                
4  5 'Structure model' database_2                    
5  5 'Structure model' diffrn_source                 
6  5 'Structure model' pdbx_initial_refinement_model 
7  5 'Structure model' pdbx_struct_conn_angle        
8  5 'Structure model' struct_conn                   
9  5 'Structure model' struct_ref_seq_dif            
10 5 'Structure model' struct_site                   
# 
loop_
_pdbx_audit_revision_item.ordinal 
_pdbx_audit_revision_item.revision_ordinal 
_pdbx_audit_revision_item.data_content_type 
_pdbx_audit_revision_item.item 
1  4 'Structure model' '_software.classification'                    
2  4 'Structure model' '_software.name'                              
3  5 'Structure model' '_database_2.pdbx_DOI'                        
4  5 'Structure model' '_database_2.pdbx_database_accession'         
5  5 'Structure model' '_diffrn_source.pdbx_synchrotron_site'        
6  5 'Structure model' '_pdbx_struct_conn_angle.ptnr1_auth_comp_id'  
7  5 'Structure model' '_pdbx_struct_conn_angle.ptnr1_auth_seq_id'   
8  5 'Structure model' '_pdbx_struct_conn_angle.ptnr1_label_alt_id'  
9  5 'Structure model' '_pdbx_struct_conn_angle.ptnr1_label_asym_id' 
10 5 'Structure model' '_pdbx_struct_conn_angle.ptnr1_label_atom_id' 
11 5 'Structure model' '_pdbx_struct_conn_angle.ptnr1_label_comp_id' 
12 5 'Structure model' '_pdbx_struct_conn_angle.ptnr1_label_seq_id'  
13 5 'Structure model' '_pdbx_struct_conn_angle.ptnr3_auth_comp_id'  
14 5 'Structure model' '_pdbx_struct_conn_angle.ptnr3_auth_seq_id'   
15 5 'Structure model' '_pdbx_struct_conn_angle.ptnr3_label_alt_id'  
16 5 'Structure model' '_pdbx_struct_conn_angle.ptnr3_label_asym_id' 
17 5 'Structure model' '_pdbx_struct_conn_angle.ptnr3_label_atom_id' 
18 5 'Structure model' '_pdbx_struct_conn_angle.ptnr3_label_comp_id' 
19 5 'Structure model' '_pdbx_struct_conn_angle.ptnr3_label_seq_id'  
20 5 'Structure model' '_pdbx_struct_conn_angle.value'               
21 5 'Structure model' '_struct_conn.pdbx_dist_value'                
22 5 'Structure model' '_struct_conn.pdbx_ptnr1_label_alt_id'        
23 5 'Structure model' '_struct_conn.pdbx_ptnr2_label_alt_id'        
24 5 'Structure model' '_struct_conn.ptnr1_auth_comp_id'             
25 5 'Structure model' '_struct_conn.ptnr1_auth_seq_id'              
26 5 'Structure model' '_struct_conn.ptnr1_label_asym_id'            
27 5 'Structure model' '_struct_conn.ptnr1_label_atom_id'            
28 5 'Structure model' '_struct_conn.ptnr1_label_comp_id'            
29 5 'Structure model' '_struct_conn.ptnr1_label_seq_id'             
30 5 'Structure model' '_struct_conn.ptnr2_auth_comp_id'             
31 5 'Structure model' '_struct_conn.ptnr2_auth_seq_id'              
32 5 'Structure model' '_struct_conn.ptnr2_label_asym_id'            
33 5 'Structure model' '_struct_conn.ptnr2_label_atom_id'            
34 5 'Structure model' '_struct_conn.ptnr2_label_comp_id'            
35 5 'Structure model' '_struct_conn.ptnr2_label_seq_id'             
36 5 'Structure model' '_struct_ref_seq_dif.details'                 
37 5 'Structure model' '_struct_site.pdbx_auth_asym_id'              
38 5 'Structure model' '_struct_site.pdbx_auth_comp_id'              
39 5 'Structure model' '_struct_site.pdbx_auth_seq_id'               
# 
loop_
_software.name 
_software.classification 
_software.version 
_software.citation_id 
_software.pdbx_ordinal 
REFMAC refinement        5.2.0005 ? 1 
MAR345 'data collection' .        ? 2 
XDS    'data scaling'    .        ? 3 
MOLREP phasing           .        ? 4 
# 
loop_
_pdbx_validate_close_contact.id 
_pdbx_validate_close_contact.PDB_model_num 
_pdbx_validate_close_contact.auth_atom_id_1 
_pdbx_validate_close_contact.auth_asym_id_1 
_pdbx_validate_close_contact.auth_comp_id_1 
_pdbx_validate_close_contact.auth_seq_id_1 
_pdbx_validate_close_contact.PDB_ins_code_1 
_pdbx_validate_close_contact.label_alt_id_1 
_pdbx_validate_close_contact.auth_atom_id_2 
_pdbx_validate_close_contact.auth_asym_id_2 
_pdbx_validate_close_contact.auth_comp_id_2 
_pdbx_validate_close_contact.auth_seq_id_2 
_pdbx_validate_close_contact.PDB_ins_code_2 
_pdbx_validate_close_contact.label_alt_id_2 
_pdbx_validate_close_contact.dist 
1 1 O   A GLU 2    ? ? O A HOH 1124 ? ? 1.91 
2 1 OD2 A ASP 14   ? B O A HOH 1142 ? ? 1.98 
3 1 O   A HOH 1087 ? ? O A HOH 1106 ? ? 2.00 
4 1 OD2 A ASP 13   ? B O A HOH 1056 ? ? 2.11 
5 1 NZ  A LYS 38   ? A O A HOH 1150 ? ? 2.14 
6 1 O   A HOH 1092 ? ? O A HOH 1139 ? ? 2.19 
# 
loop_
_pdbx_validate_symm_contact.id 
_pdbx_validate_symm_contact.PDB_model_num 
_pdbx_validate_symm_contact.auth_atom_id_1 
_pdbx_validate_symm_contact.auth_asym_id_1 
_pdbx_validate_symm_contact.auth_comp_id_1 
_pdbx_validate_symm_contact.auth_seq_id_1 
_pdbx_validate_symm_contact.PDB_ins_code_1 
_pdbx_validate_symm_contact.label_alt_id_1 
_pdbx_validate_symm_contact.site_symmetry_1 
_pdbx_validate_symm_contact.auth_atom_id_2 
_pdbx_validate_symm_contact.auth_asym_id_2 
_pdbx_validate_symm_contact.auth_comp_id_2 
_pdbx_validate_symm_contact.auth_seq_id_2 
_pdbx_validate_symm_contact.PDB_ins_code_2 
_pdbx_validate_symm_contact.label_alt_id_2 
_pdbx_validate_symm_contact.site_symmetry_2 
_pdbx_validate_symm_contact.dist 
1 1 O A HOH 1071 ? ? 1_555 O A HOH 1155 ? ? 6_555 1.75 
2 1 O A HOH 1103 ? ? 1_555 O A HOH 1133 ? ? 6_455 2.04 
# 
_pdbx_validate_rmsd_angle.id                         1 
_pdbx_validate_rmsd_angle.PDB_model_num              1 
_pdbx_validate_rmsd_angle.auth_atom_id_1             NE 
_pdbx_validate_rmsd_angle.auth_asym_id_1             A 
_pdbx_validate_rmsd_angle.auth_comp_id_1             ARG 
_pdbx_validate_rmsd_angle.auth_seq_id_1              30 
_pdbx_validate_rmsd_angle.PDB_ins_code_1             ? 
_pdbx_validate_rmsd_angle.label_alt_id_1             B 
_pdbx_validate_rmsd_angle.auth_atom_id_2             CZ 
_pdbx_validate_rmsd_angle.auth_asym_id_2             A 
_pdbx_validate_rmsd_angle.auth_comp_id_2             ARG 
_pdbx_validate_rmsd_angle.auth_seq_id_2              30 
_pdbx_validate_rmsd_angle.PDB_ins_code_2             ? 
_pdbx_validate_rmsd_angle.label_alt_id_2             B 
_pdbx_validate_rmsd_angle.auth_atom_id_3             NH1 
_pdbx_validate_rmsd_angle.auth_asym_id_3             A 
_pdbx_validate_rmsd_angle.auth_comp_id_3             ARG 
_pdbx_validate_rmsd_angle.auth_seq_id_3              30 
_pdbx_validate_rmsd_angle.PDB_ins_code_3             ? 
_pdbx_validate_rmsd_angle.label_alt_id_3             B 
_pdbx_validate_rmsd_angle.angle_value                123.96 
_pdbx_validate_rmsd_angle.angle_target_value         120.30 
_pdbx_validate_rmsd_angle.angle_deviation            3.66 
_pdbx_validate_rmsd_angle.angle_standard_deviation   0.50 
_pdbx_validate_rmsd_angle.linker_flag                N 
# 
loop_
_pdbx_validate_torsion.id 
_pdbx_validate_torsion.PDB_model_num 
_pdbx_validate_torsion.auth_comp_id 
_pdbx_validate_torsion.auth_asym_id 
_pdbx_validate_torsion.auth_seq_id 
_pdbx_validate_torsion.PDB_ins_code 
_pdbx_validate_torsion.label_alt_id 
_pdbx_validate_torsion.phi 
_pdbx_validate_torsion.psi 
1 1 GLN A 11 ? A -38.65  133.89 
2 1 LYS A 12 ? B -105.55 -69.07 
# 
loop_
_pdbx_unobs_or_zero_occ_atoms.id 
_pdbx_unobs_or_zero_occ_atoms.PDB_model_num 
_pdbx_unobs_or_zero_occ_atoms.polymer_flag 
_pdbx_unobs_or_zero_occ_atoms.occupancy_flag 
_pdbx_unobs_or_zero_occ_atoms.auth_asym_id 
_pdbx_unobs_or_zero_occ_atoms.auth_comp_id 
_pdbx_unobs_or_zero_occ_atoms.auth_seq_id 
_pdbx_unobs_or_zero_occ_atoms.PDB_ins_code 
_pdbx_unobs_or_zero_occ_atoms.auth_atom_id 
_pdbx_unobs_or_zero_occ_atoms.label_alt_id 
_pdbx_unobs_or_zero_occ_atoms.label_asym_id 
_pdbx_unobs_or_zero_occ_atoms.label_comp_id 
_pdbx_unobs_or_zero_occ_atoms.label_seq_id 
_pdbx_unobs_or_zero_occ_atoms.label_atom_id 
1 1 Y 1 A GLU 2 ? CG  ? A GLU 3 CG  
2 1 Y 1 A GLU 2 ? CD  ? A GLU 3 CD  
3 1 Y 1 A GLU 2 ? OE1 ? A GLU 3 OE1 
4 1 Y 1 A GLU 2 ? OE2 ? A GLU 3 OE2 
# 
loop_
_pdbx_unobs_or_zero_occ_residues.id 
_pdbx_unobs_or_zero_occ_residues.PDB_model_num 
_pdbx_unobs_or_zero_occ_residues.polymer_flag 
_pdbx_unobs_or_zero_occ_residues.occupancy_flag 
_pdbx_unobs_or_zero_occ_residues.auth_asym_id 
_pdbx_unobs_or_zero_occ_residues.auth_comp_id 
_pdbx_unobs_or_zero_occ_residues.auth_seq_id 
_pdbx_unobs_or_zero_occ_residues.PDB_ins_code 
_pdbx_unobs_or_zero_occ_residues.label_asym_id 
_pdbx_unobs_or_zero_occ_residues.label_comp_id 
_pdbx_unobs_or_zero_occ_residues.label_seq_id 
1 1 Y 1 A GLY 0 ? A GLY 1 
2 1 Y 1 A MET 1 ? A MET 2 
# 
loop_
_chem_comp_atom.comp_id 
_chem_comp_atom.atom_id 
_chem_comp_atom.type_symbol 
_chem_comp_atom.pdbx_aromatic_flag 
_chem_comp_atom.pdbx_stereo_config 
_chem_comp_atom.pdbx_ordinal 
ALA N    N  N N 1   
ALA CA   C  N S 2   
ALA C    C  N N 3   
ALA O    O  N N 4   
ALA CB   C  N N 5   
ALA OXT  O  N N 6   
ALA H    H  N N 7   
ALA H2   H  N N 8   
ALA HA   H  N N 9   
ALA HB1  H  N N 10  
ALA HB2  H  N N 11  
ALA HB3  H  N N 12  
ALA HXT  H  N N 13  
ARG N    N  N N 14  
ARG CA   C  N S 15  
ARG C    C  N N 16  
ARG O    O  N N 17  
ARG CB   C  N N 18  
ARG CG   C  N N 19  
ARG CD   C  N N 20  
ARG NE   N  N N 21  
ARG CZ   C  N N 22  
ARG NH1  N  N N 23  
ARG NH2  N  N N 24  
ARG OXT  O  N N 25  
ARG H    H  N N 26  
ARG H2   H  N N 27  
ARG HA   H  N N 28  
ARG HB2  H  N N 29  
ARG HB3  H  N N 30  
ARG HG2  H  N N 31  
ARG HG3  H  N N 32  
ARG HD2  H  N N 33  
ARG HD3  H  N N 34  
ARG HE   H  N N 35  
ARG HH11 H  N N 36  
ARG HH12 H  N N 37  
ARG HH21 H  N N 38  
ARG HH22 H  N N 39  
ARG HXT  H  N N 40  
ASN N    N  N N 41  
ASN CA   C  N S 42  
ASN C    C  N N 43  
ASN O    O  N N 44  
ASN CB   C  N N 45  
ASN CG   C  N N 46  
ASN OD1  O  N N 47  
ASN ND2  N  N N 48  
ASN OXT  O  N N 49  
ASN H    H  N N 50  
ASN H2   H  N N 51  
ASN HA   H  N N 52  
ASN HB2  H  N N 53  
ASN HB3  H  N N 54  
ASN HD21 H  N N 55  
ASN HD22 H  N N 56  
ASN HXT  H  N N 57  
ASP N    N  N N 58  
ASP CA   C  N S 59  
ASP C    C  N N 60  
ASP O    O  N N 61  
ASP CB   C  N N 62  
ASP CG   C  N N 63  
ASP OD1  O  N N 64  
ASP OD2  O  N N 65  
ASP OXT  O  N N 66  
ASP H    H  N N 67  
ASP H2   H  N N 68  
ASP HA   H  N N 69  
ASP HB2  H  N N 70  
ASP HB3  H  N N 71  
ASP HD2  H  N N 72  
ASP HXT  H  N N 73  
GLN N    N  N N 74  
GLN CA   C  N S 75  
GLN C    C  N N 76  
GLN O    O  N N 77  
GLN CB   C  N N 78  
GLN CG   C  N N 79  
GLN CD   C  N N 80  
GLN OE1  O  N N 81  
GLN NE2  N  N N 82  
GLN OXT  O  N N 83  
GLN H    H  N N 84  
GLN H2   H  N N 85  
GLN HA   H  N N 86  
GLN HB2  H  N N 87  
GLN HB3  H  N N 88  
GLN HG2  H  N N 89  
GLN HG3  H  N N 90  
GLN HE21 H  N N 91  
GLN HE22 H  N N 92  
GLN HXT  H  N N 93  
GLU N    N  N N 94  
GLU CA   C  N S 95  
GLU C    C  N N 96  
GLU O    O  N N 97  
GLU CB   C  N N 98  
GLU CG   C  N N 99  
GLU CD   C  N N 100 
GLU OE1  O  N N 101 
GLU OE2  O  N N 102 
GLU OXT  O  N N 103 
GLU H    H  N N 104 
GLU H2   H  N N 105 
GLU HA   H  N N 106 
GLU HB2  H  N N 107 
GLU HB3  H  N N 108 
GLU HG2  H  N N 109 
GLU HG3  H  N N 110 
GLU HE2  H  N N 111 
GLU HXT  H  N N 112 
GLY N    N  N N 113 
GLY CA   C  N N 114 
GLY C    C  N N 115 
GLY O    O  N N 116 
GLY OXT  O  N N 117 
GLY H    H  N N 118 
GLY H2   H  N N 119 
GLY HA2  H  N N 120 
GLY HA3  H  N N 121 
GLY HXT  H  N N 122 
HOH O    O  N N 123 
HOH H1   H  N N 124 
HOH H2   H  N N 125 
ILE N    N  N N 126 
ILE CA   C  N S 127 
ILE C    C  N N 128 
ILE O    O  N N 129 
ILE CB   C  N S 130 
ILE CG1  C  N N 131 
ILE CG2  C  N N 132 
ILE CD1  C  N N 133 
ILE OXT  O  N N 134 
ILE H    H  N N 135 
ILE H2   H  N N 136 
ILE HA   H  N N 137 
ILE HB   H  N N 138 
ILE HG12 H  N N 139 
ILE HG13 H  N N 140 
ILE HG21 H  N N 141 
ILE HG22 H  N N 142 
ILE HG23 H  N N 143 
ILE HD11 H  N N 144 
ILE HD12 H  N N 145 
ILE HD13 H  N N 146 
ILE HXT  H  N N 147 
LEU N    N  N N 148 
LEU CA   C  N S 149 
LEU C    C  N N 150 
LEU O    O  N N 151 
LEU CB   C  N N 152 
LEU CG   C  N N 153 
LEU CD1  C  N N 154 
LEU CD2  C  N N 155 
LEU OXT  O  N N 156 
LEU H    H  N N 157 
LEU H2   H  N N 158 
LEU HA   H  N N 159 
LEU HB2  H  N N 160 
LEU HB3  H  N N 161 
LEU HG   H  N N 162 
LEU HD11 H  N N 163 
LEU HD12 H  N N 164 
LEU HD13 H  N N 165 
LEU HD21 H  N N 166 
LEU HD22 H  N N 167 
LEU HD23 H  N N 168 
LEU HXT  H  N N 169 
LYS N    N  N N 170 
LYS CA   C  N S 171 
LYS C    C  N N 172 
LYS O    O  N N 173 
LYS CB   C  N N 174 
LYS CG   C  N N 175 
LYS CD   C  N N 176 
LYS CE   C  N N 177 
LYS NZ   N  N N 178 
LYS OXT  O  N N 179 
LYS H    H  N N 180 
LYS H2   H  N N 181 
LYS HA   H  N N 182 
LYS HB2  H  N N 183 
LYS HB3  H  N N 184 
LYS HG2  H  N N 185 
LYS HG3  H  N N 186 
LYS HD2  H  N N 187 
LYS HD3  H  N N 188 
LYS HE2  H  N N 189 
LYS HE3  H  N N 190 
LYS HZ1  H  N N 191 
LYS HZ2  H  N N 192 
LYS HZ3  H  N N 193 
LYS HXT  H  N N 194 
MET N    N  N N 195 
MET CA   C  N S 196 
MET C    C  N N 197 
MET O    O  N N 198 
MET CB   C  N N 199 
MET CG   C  N N 200 
MET SD   S  N N 201 
MET CE   C  N N 202 
MET OXT  O  N N 203 
MET H    H  N N 204 
MET H2   H  N N 205 
MET HA   H  N N 206 
MET HB2  H  N N 207 
MET HB3  H  N N 208 
MET HG2  H  N N 209 
MET HG3  H  N N 210 
MET HE1  H  N N 211 
MET HE2  H  N N 212 
MET HE3  H  N N 213 
MET HXT  H  N N 214 
MG  MG   MG N N 215 
PRO N    N  N N 216 
PRO CA   C  N S 217 
PRO C    C  N N 218 
PRO O    O  N N 219 
PRO CB   C  N N 220 
PRO CG   C  N N 221 
PRO CD   C  N N 222 
PRO OXT  O  N N 223 
PRO H    H  N N 224 
PRO HA   H  N N 225 
PRO HB2  H  N N 226 
PRO HB3  H  N N 227 
PRO HG2  H  N N 228 
PRO HG3  H  N N 229 
PRO HD2  H  N N 230 
PRO HD3  H  N N 231 
PRO HXT  H  N N 232 
SER N    N  N N 233 
SER CA   C  N S 234 
SER C    C  N N 235 
SER O    O  N N 236 
SER CB   C  N N 237 
SER OG   O  N N 238 
SER OXT  O  N N 239 
SER H    H  N N 240 
SER H2   H  N N 241 
SER HA   H  N N 242 
SER HB2  H  N N 243 
SER HB3  H  N N 244 
SER HG   H  N N 245 
SER HXT  H  N N 246 
THR N    N  N N 247 
THR CA   C  N S 248 
THR C    C  N N 249 
THR O    O  N N 250 
THR CB   C  N R 251 
THR OG1  O  N N 252 
THR CG2  C  N N 253 
THR OXT  O  N N 254 
THR H    H  N N 255 
THR H2   H  N N 256 
THR HA   H  N N 257 
THR HB   H  N N 258 
THR HG1  H  N N 259 
THR HG21 H  N N 260 
THR HG22 H  N N 261 
THR HG23 H  N N 262 
THR HXT  H  N N 263 
TRP N    N  N N 264 
TRP CA   C  N S 265 
TRP C    C  N N 266 
TRP O    O  N N 267 
TRP CB   C  N N 268 
TRP CG   C  Y N 269 
TRP CD1  C  Y N 270 
TRP CD2  C  Y N 271 
TRP NE1  N  Y N 272 
TRP CE2  C  Y N 273 
TRP CE3  C  Y N 274 
TRP CZ2  C  Y N 275 
TRP CZ3  C  Y N 276 
TRP CH2  C  Y N 277 
TRP OXT  O  N N 278 
TRP H    H  N N 279 
TRP H2   H  N N 280 
TRP HA   H  N N 281 
TRP HB2  H  N N 282 
TRP HB3  H  N N 283 
TRP HD1  H  N N 284 
TRP HE1  H  N N 285 
TRP HE3  H  N N 286 
TRP HZ2  H  N N 287 
TRP HZ3  H  N N 288 
TRP HH2  H  N N 289 
TRP HXT  H  N N 290 
TYR N    N  N N 291 
TYR CA   C  N S 292 
TYR C    C  N N 293 
TYR O    O  N N 294 
TYR CB   C  N N 295 
TYR CG   C  Y N 296 
TYR CD1  C  Y N 297 
TYR CD2  C  Y N 298 
TYR CE1  C  Y N 299 
TYR CE2  C  Y N 300 
TYR CZ   C  Y N 301 
TYR OH   O  N N 302 
TYR OXT  O  N N 303 
TYR H    H  N N 304 
TYR H2   H  N N 305 
TYR HA   H  N N 306 
TYR HB2  H  N N 307 
TYR HB3  H  N N 308 
TYR HD1  H  N N 309 
TYR HD2  H  N N 310 
TYR HE1  H  N N 311 
TYR HE2  H  N N 312 
TYR HH   H  N N 313 
TYR HXT  H  N N 314 
VAL N    N  N N 315 
VAL CA   C  N S 316 
VAL C    C  N N 317 
VAL O    O  N N 318 
VAL CB   C  N N 319 
VAL CG1  C  N N 320 
VAL CG2  C  N N 321 
VAL OXT  O  N N 322 
VAL H    H  N N 323 
VAL H2   H  N N 324 
VAL HA   H  N N 325 
VAL HB   H  N N 326 
VAL HG11 H  N N 327 
VAL HG12 H  N N 328 
VAL HG13 H  N N 329 
VAL HG21 H  N N 330 
VAL HG22 H  N N 331 
VAL HG23 H  N N 332 
VAL HXT  H  N N 333 
# 
loop_
_chem_comp_bond.comp_id 
_chem_comp_bond.atom_id_1 
_chem_comp_bond.atom_id_2 
_chem_comp_bond.value_order 
_chem_comp_bond.pdbx_aromatic_flag 
_chem_comp_bond.pdbx_stereo_config 
_chem_comp_bond.pdbx_ordinal 
ALA N   CA   sing N N 1   
ALA N   H    sing N N 2   
ALA N   H2   sing N N 3   
ALA CA  C    sing N N 4   
ALA CA  CB   sing N N 5   
ALA CA  HA   sing N N 6   
ALA C   O    doub N N 7   
ALA C   OXT  sing N N 8   
ALA CB  HB1  sing N N 9   
ALA CB  HB2  sing N N 10  
ALA CB  HB3  sing N N 11  
ALA OXT HXT  sing N N 12  
ARG N   CA   sing N N 13  
ARG N   H    sing N N 14  
ARG N   H2   sing N N 15  
ARG CA  C    sing N N 16  
ARG CA  CB   sing N N 17  
ARG CA  HA   sing N N 18  
ARG C   O    doub N N 19  
ARG C   OXT  sing N N 20  
ARG CB  CG   sing N N 21  
ARG CB  HB2  sing N N 22  
ARG CB  HB3  sing N N 23  
ARG CG  CD   sing N N 24  
ARG CG  HG2  sing N N 25  
ARG CG  HG3  sing N N 26  
ARG CD  NE   sing N N 27  
ARG CD  HD2  sing N N 28  
ARG CD  HD3  sing N N 29  
ARG NE  CZ   sing N N 30  
ARG NE  HE   sing N N 31  
ARG CZ  NH1  sing N N 32  
ARG CZ  NH2  doub N N 33  
ARG NH1 HH11 sing N N 34  
ARG NH1 HH12 sing N N 35  
ARG NH2 HH21 sing N N 36  
ARG NH2 HH22 sing N N 37  
ARG OXT HXT  sing N N 38  
ASN N   CA   sing N N 39  
ASN N   H    sing N N 40  
ASN N   H2   sing N N 41  
ASN CA  C    sing N N 42  
ASN CA  CB   sing N N 43  
ASN CA  HA   sing N N 44  
ASN C   O    doub N N 45  
ASN C   OXT  sing N N 46  
ASN CB  CG   sing N N 47  
ASN CB  HB2  sing N N 48  
ASN CB  HB3  sing N N 49  
ASN CG  OD1  doub N N 50  
ASN CG  ND2  sing N N 51  
ASN ND2 HD21 sing N N 52  
ASN ND2 HD22 sing N N 53  
ASN OXT HXT  sing N N 54  
ASP N   CA   sing N N 55  
ASP N   H    sing N N 56  
ASP N   H2   sing N N 57  
ASP CA  C    sing N N 58  
ASP CA  CB   sing N N 59  
ASP CA  HA   sing N N 60  
ASP C   O    doub N N 61  
ASP C   OXT  sing N N 62  
ASP CB  CG   sing N N 63  
ASP CB  HB2  sing N N 64  
ASP CB  HB3  sing N N 65  
ASP CG  OD1  doub N N 66  
ASP CG  OD2  sing N N 67  
ASP OD2 HD2  sing N N 68  
ASP OXT HXT  sing N N 69  
GLN N   CA   sing N N 70  
GLN N   H    sing N N 71  
GLN N   H2   sing N N 72  
GLN CA  C    sing N N 73  
GLN CA  CB   sing N N 74  
GLN CA  HA   sing N N 75  
GLN C   O    doub N N 76  
GLN C   OXT  sing N N 77  
GLN CB  CG   sing N N 78  
GLN CB  HB2  sing N N 79  
GLN CB  HB3  sing N N 80  
GLN CG  CD   sing N N 81  
GLN CG  HG2  sing N N 82  
GLN CG  HG3  sing N N 83  
GLN CD  OE1  doub N N 84  
GLN CD  NE2  sing N N 85  
GLN NE2 HE21 sing N N 86  
GLN NE2 HE22 sing N N 87  
GLN OXT HXT  sing N N 88  
GLU N   CA   sing N N 89  
GLU N   H    sing N N 90  
GLU N   H2   sing N N 91  
GLU CA  C    sing N N 92  
GLU CA  CB   sing N N 93  
GLU CA  HA   sing N N 94  
GLU C   O    doub N N 95  
GLU C   OXT  sing N N 96  
GLU CB  CG   sing N N 97  
GLU CB  HB2  sing N N 98  
GLU CB  HB3  sing N N 99  
GLU CG  CD   sing N N 100 
GLU CG  HG2  sing N N 101 
GLU CG  HG3  sing N N 102 
GLU CD  OE1  doub N N 103 
GLU CD  OE2  sing N N 104 
GLU OE2 HE2  sing N N 105 
GLU OXT HXT  sing N N 106 
GLY N   CA   sing N N 107 
GLY N   H    sing N N 108 
GLY N   H2   sing N N 109 
GLY CA  C    sing N N 110 
GLY CA  HA2  sing N N 111 
GLY CA  HA3  sing N N 112 
GLY C   O    doub N N 113 
GLY C   OXT  sing N N 114 
GLY OXT HXT  sing N N 115 
HOH O   H1   sing N N 116 
HOH O   H2   sing N N 117 
ILE N   CA   sing N N 118 
ILE N   H    sing N N 119 
ILE N   H2   sing N N 120 
ILE CA  C    sing N N 121 
ILE CA  CB   sing N N 122 
ILE CA  HA   sing N N 123 
ILE C   O    doub N N 124 
ILE C   OXT  sing N N 125 
ILE CB  CG1  sing N N 126 
ILE CB  CG2  sing N N 127 
ILE CB  HB   sing N N 128 
ILE CG1 CD1  sing N N 129 
ILE CG1 HG12 sing N N 130 
ILE CG1 HG13 sing N N 131 
ILE CG2 HG21 sing N N 132 
ILE CG2 HG22 sing N N 133 
ILE CG2 HG23 sing N N 134 
ILE CD1 HD11 sing N N 135 
ILE CD1 HD12 sing N N 136 
ILE CD1 HD13 sing N N 137 
ILE OXT HXT  sing N N 138 
LEU N   CA   sing N N 139 
LEU N   H    sing N N 140 
LEU N   H2   sing N N 141 
LEU CA  C    sing N N 142 
LEU CA  CB   sing N N 143 
LEU CA  HA   sing N N 144 
LEU C   O    doub N N 145 
LEU C   OXT  sing N N 146 
LEU CB  CG   sing N N 147 
LEU CB  HB2  sing N N 148 
LEU CB  HB3  sing N N 149 
LEU CG  CD1  sing N N 150 
LEU CG  CD2  sing N N 151 
LEU CG  HG   sing N N 152 
LEU CD1 HD11 sing N N 153 
LEU CD1 HD12 sing N N 154 
LEU CD1 HD13 sing N N 155 
LEU CD2 HD21 sing N N 156 
LEU CD2 HD22 sing N N 157 
LEU CD2 HD23 sing N N 158 
LEU OXT HXT  sing N N 159 
LYS N   CA   sing N N 160 
LYS N   H    sing N N 161 
LYS N   H2   sing N N 162 
LYS CA  C    sing N N 163 
LYS CA  CB   sing N N 164 
LYS CA  HA   sing N N 165 
LYS C   O    doub N N 166 
LYS C   OXT  sing N N 167 
LYS CB  CG   sing N N 168 
LYS CB  HB2  sing N N 169 
LYS CB  HB3  sing N N 170 
LYS CG  CD   sing N N 171 
LYS CG  HG2  sing N N 172 
LYS CG  HG3  sing N N 173 
LYS CD  CE   sing N N 174 
LYS CD  HD2  sing N N 175 
LYS CD  HD3  sing N N 176 
LYS CE  NZ   sing N N 177 
LYS CE  HE2  sing N N 178 
LYS CE  HE3  sing N N 179 
LYS NZ  HZ1  sing N N 180 
LYS NZ  HZ2  sing N N 181 
LYS NZ  HZ3  sing N N 182 
LYS OXT HXT  sing N N 183 
MET N   CA   sing N N 184 
MET N   H    sing N N 185 
MET N   H2   sing N N 186 
MET CA  C    sing N N 187 
MET CA  CB   sing N N 188 
MET CA  HA   sing N N 189 
MET C   O    doub N N 190 
MET C   OXT  sing N N 191 
MET CB  CG   sing N N 192 
MET CB  HB2  sing N N 193 
MET CB  HB3  sing N N 194 
MET CG  SD   sing N N 195 
MET CG  HG2  sing N N 196 
MET CG  HG3  sing N N 197 
MET SD  CE   sing N N 198 
MET CE  HE1  sing N N 199 
MET CE  HE2  sing N N 200 
MET CE  HE3  sing N N 201 
MET OXT HXT  sing N N 202 
PRO N   CA   sing N N 203 
PRO N   CD   sing N N 204 
PRO N   H    sing N N 205 
PRO CA  C    sing N N 206 
PRO CA  CB   sing N N 207 
PRO CA  HA   sing N N 208 
PRO C   O    doub N N 209 
PRO C   OXT  sing N N 210 
PRO CB  CG   sing N N 211 
PRO CB  HB2  sing N N 212 
PRO CB  HB3  sing N N 213 
PRO CG  CD   sing N N 214 
PRO CG  HG2  sing N N 215 
PRO CG  HG3  sing N N 216 
PRO CD  HD2  sing N N 217 
PRO CD  HD3  sing N N 218 
PRO OXT HXT  sing N N 219 
SER N   CA   sing N N 220 
SER N   H    sing N N 221 
SER N   H2   sing N N 222 
SER CA  C    sing N N 223 
SER CA  CB   sing N N 224 
SER CA  HA   sing N N 225 
SER C   O    doub N N 226 
SER C   OXT  sing N N 227 
SER CB  OG   sing N N 228 
SER CB  HB2  sing N N 229 
SER CB  HB3  sing N N 230 
SER OG  HG   sing N N 231 
SER OXT HXT  sing N N 232 
THR N   CA   sing N N 233 
THR N   H    sing N N 234 
THR N   H2   sing N N 235 
THR CA  C    sing N N 236 
THR CA  CB   sing N N 237 
THR CA  HA   sing N N 238 
THR C   O    doub N N 239 
THR C   OXT  sing N N 240 
THR CB  OG1  sing N N 241 
THR CB  CG2  sing N N 242 
THR CB  HB   sing N N 243 
THR OG1 HG1  sing N N 244 
THR CG2 HG21 sing N N 245 
THR CG2 HG22 sing N N 246 
THR CG2 HG23 sing N N 247 
THR OXT HXT  sing N N 248 
TRP N   CA   sing N N 249 
TRP N   H    sing N N 250 
TRP N   H2   sing N N 251 
TRP CA  C    sing N N 252 
TRP CA  CB   sing N N 253 
TRP CA  HA   sing N N 254 
TRP C   O    doub N N 255 
TRP C   OXT  sing N N 256 
TRP CB  CG   sing N N 257 
TRP CB  HB2  sing N N 258 
TRP CB  HB3  sing N N 259 
TRP CG  CD1  doub Y N 260 
TRP CG  CD2  sing Y N 261 
TRP CD1 NE1  sing Y N 262 
TRP CD1 HD1  sing N N 263 
TRP CD2 CE2  doub Y N 264 
TRP CD2 CE3  sing Y N 265 
TRP NE1 CE2  sing Y N 266 
TRP NE1 HE1  sing N N 267 
TRP CE2 CZ2  sing Y N 268 
TRP CE3 CZ3  doub Y N 269 
TRP CE3 HE3  sing N N 270 
TRP CZ2 CH2  doub Y N 271 
TRP CZ2 HZ2  sing N N 272 
TRP CZ3 CH2  sing Y N 273 
TRP CZ3 HZ3  sing N N 274 
TRP CH2 HH2  sing N N 275 
TRP OXT HXT  sing N N 276 
TYR N   CA   sing N N 277 
TYR N   H    sing N N 278 
TYR N   H2   sing N N 279 
TYR CA  C    sing N N 280 
TYR CA  CB   sing N N 281 
TYR CA  HA   sing N N 282 
TYR C   O    doub N N 283 
TYR C   OXT  sing N N 284 
TYR CB  CG   sing N N 285 
TYR CB  HB2  sing N N 286 
TYR CB  HB3  sing N N 287 
TYR CG  CD1  doub Y N 288 
TYR CG  CD2  sing Y N 289 
TYR CD1 CE1  sing Y N 290 
TYR CD1 HD1  sing N N 291 
TYR CD2 CE2  doub Y N 292 
TYR CD2 HD2  sing N N 293 
TYR CE1 CZ   doub Y N 294 
TYR CE1 HE1  sing N N 295 
TYR CE2 CZ   sing Y N 296 
TYR CE2 HE2  sing N N 297 
TYR CZ  OH   sing N N 298 
TYR OH  HH   sing N N 299 
TYR OXT HXT  sing N N 300 
VAL N   CA   sing N N 301 
VAL N   H    sing N N 302 
VAL N   H2   sing N N 303 
VAL CA  C    sing N N 304 
VAL CA  CB   sing N N 305 
VAL CA  HA   sing N N 306 
VAL C   O    doub N N 307 
VAL C   OXT  sing N N 308 
VAL CB  CG1  sing N N 309 
VAL CB  CG2  sing N N 310 
VAL CB  HB   sing N N 311 
VAL CG1 HG11 sing N N 312 
VAL CG1 HG12 sing N N 313 
VAL CG1 HG13 sing N N 314 
VAL CG2 HG21 sing N N 315 
VAL CG2 HG22 sing N N 316 
VAL CG2 HG23 sing N N 317 
VAL OXT HXT  sing N N 318 
# 
loop_
_pdbx_entity_nonpoly.entity_id 
_pdbx_entity_nonpoly.name 
_pdbx_entity_nonpoly.comp_id 
2 'MAGNESIUM ION'       MG  
3 'UNKNOWN ATOM OR ION' UNX 
4 water                 HOH 
# 
_pdbx_initial_refinement_model.id               1 
_pdbx_initial_refinement_model.entity_id_list   ? 
_pdbx_initial_refinement_model.type             'experimental model' 
_pdbx_initial_refinement_model.source_name      PDB 
_pdbx_initial_refinement_model.accession_code   1E6H 
_pdbx_initial_refinement_model.details          ? 
# 
